data_2O7N
# 
_entry.id   2O7N 
# 
_audit_conform.dict_name       mmcif_pdbx.dic 
_audit_conform.dict_version    5.377 
_audit_conform.dict_location   http://mmcif.pdb.org/dictionaries/ascii/mmcif_pdbx.dic 
# 
loop_
_database_2.database_id 
_database_2.database_code 
_database_2.pdbx_database_accession 
_database_2.pdbx_DOI 
PDB   2O7N         pdb_00002o7n 10.2210/pdb2o7n/pdb 
RCSB  RCSB040789   ?            ?                   
WWPDB D_1000040789 ?            ?                   
# 
_pdbx_database_related.db_name        PDB 
_pdbx_database_related.db_id          2ICA 
_pdbx_database_related.details        . 
_pdbx_database_related.content_type   unspecified 
# 
_pdbx_database_status.entry_id                        2O7N 
_pdbx_database_status.deposit_site                    RCSB 
_pdbx_database_status.process_site                    RCSB 
_pdbx_database_status.recvd_initial_deposition_date   2006-12-11 
_pdbx_database_status.status_code                     REL 
_pdbx_database_status.status_code_sf                  REL 
_pdbx_database_status.status_code_mr                  ? 
_pdbx_database_status.SG_entry                        ? 
_pdbx_database_status.pdb_format_compatible           Y 
_pdbx_database_status.status_code_cs                  ? 
_pdbx_database_status.methods_development_category    ? 
_pdbx_database_status.status_code_nmr_data            ? 
# 
_audit_author.name           'Sheriff, S.' 
_audit_author.pdbx_ordinal   1 
# 
loop_
_citation.id 
_citation.title 
_citation.journal_abbrev 
_citation.journal_volume 
_citation.page_first 
_citation.page_last 
_citation.year 
_citation.journal_id_ASTM 
_citation.country 
_citation.journal_id_ISSN 
_citation.journal_id_CSD 
_citation.book_publisher 
_citation.pdbx_database_id_PubMed 
_citation.pdbx_database_id_DOI 
primary 'Design of LFA-1 antagonists based on a 2,3-dihydro-1H-pyrrolizin-5(7aH)-one scaffold.' Bioorg.Med.Chem.Lett. 17 1908 1911 
2007 BMCLE8 UK 0960-894X 1127 ? 17291752 10.1016/j.bmcl.2007.01.036 
1       
;Discovery and development of 5-[(5S,9R)-9- (4-cyanophenyl)-3-(3,5-dichlorophenyl)-1- methyl-2,4-dioxo-1,3,7-triazaspiro[4.4]non- 7-yl-methyl]-3-thiophenecarboxylic acid (BMS-587101)--a small molecule antagonist leukocyte function associated antigen-1.
;
J.Med.Chem.           49 6946 6949 2006 JMCMAR US 0022-2623 0151 ? 17125246 10.1021/jm0610806          
# 
loop_
_citation_author.citation_id 
_citation_author.name 
_citation_author.ordinal 
_citation_author.identifier_ORCID 
primary 'Dodd, D.S.'        1  ? 
primary 'Sheriff, S.'       2  ? 
primary 'Chang, C.J.'       3  ? 
primary 'Stetsko, D.K.'     4  ? 
primary 'Phillips, L.M.'    5  ? 
primary 'Zhang, Y.'         6  ? 
primary 'Launay, M.'        7  ? 
primary 'Potin, D.'         8  ? 
primary 'Vaccaro, W.'       9  ? 
primary 'Poss, M.A.'        10 ? 
primary 'McKinnon, M.'      11 ? 
primary 'Barrish, J.C.'     12 ? 
primary 'Suchard, S.J.'     13 ? 
primary 'Murali Dhar, T.G.' 14 ? 
1       'Potin, D.'         15 ? 
1       'Launay, M.'        16 ? 
1       'Monatlik, F.'      17 ? 
1       'Malabre, P.'       18 ? 
1       'Fabreguettes, M.'  19 ? 
1       'Fouquet, A.'       20 ? 
1       'Maillet, M.'       21 ? 
1       'Nicolai, E.'       22 ? 
1       'Dorgeret, L.'      23 ? 
1       'Chevallier, F.'    24 ? 
1       'Besse, D.'         25 ? 
1       'Dufort, M.'        26 ? 
1       'Caussade, F.'      27 ? 
1       'Ahmad, S.Z.'       28 ? 
1       'Stetsko, D.K.'     29 ? 
1       'Skala, S.'         30 ? 
1       'Davis, P.M.'       31 ? 
1       'Balimane, P.'      32 ? 
1       'Patel, K.'         33 ? 
1       'Yang, Z.'          34 ? 
1       'Marathe, P.'       35 ? 
1       'Postelneck, J.'    36 ? 
1       'Townsend, R.M.'    37 ? 
1       'Goldfarb, V.'      38 ? 
1       'Sheriff, S.'       39 ? 
1       'Einspahr, H.'      40 ? 
1       'Kish, K.'          41 ? 
1       'Malley, M.F.'      42 ? 
1       'DiMarco, J.D.'     43 ? 
1       'Gougoutas, J.Z.'   44 ? 
1       'Kadiyala, P.'      45 ? 
1       'Cheney, D.L.'      46 ? 
1       'Tejwani, R.W.'     47 ? 
1       'Murphy, D.K.'      48 ? 
1       'Mcintyre, K.W.'    49 ? 
1       'Yang, X.'          50 ? 
1       'Chao, S.'          51 ? 
1       'Leith, L.'         52 ? 
1       'Xiao, Z.'          53 ? 
1       'Mathur, A.'        54 ? 
1       'Chen, B.C.'        55 ? 
1       'Wu, D.R.'          56 ? 
1       'Traeger, S.C.'     57 ? 
1       'McKinnon, M.'      58 ? 
1       'Barrish, J.C.'     59 ? 
1       'Robl, J.A.'        60 ? 
1       'Iwanowicz, E.J.'   61 ? 
1       'Suchard, S.J.'     62 ? 
1       'Dhar, T.G.'        63 ? 
# 
_cell.entry_id           2O7N 
_cell.length_a           67.600 
_cell.length_b           88.400 
_cell.length_c           71.100 
_cell.angle_alpha        90.00 
_cell.angle_beta         90.00 
_cell.angle_gamma        90.00 
_cell.Z_PDB              8 
_cell.pdbx_unique_axis   ? 
_cell.length_a_esd       ? 
_cell.length_b_esd       ? 
_cell.length_c_esd       ? 
_cell.angle_alpha_esd    ? 
_cell.angle_beta_esd     ? 
_cell.angle_gamma_esd    ? 
# 
_symmetry.entry_id                         2O7N 
_symmetry.space_group_name_H-M             'C 2 2 21' 
_symmetry.pdbx_full_space_group_name_H-M   ? 
_symmetry.cell_setting                     ? 
_symmetry.Int_Tables_number                20 
_symmetry.space_group_name_Hall            ? 
# 
loop_
_entity.id 
_entity.type 
_entity.src_method 
_entity.pdbx_description 
_entity.formula_weight 
_entity.pdbx_number_of_molecules 
_entity.pdbx_ec 
_entity.pdbx_mutation 
_entity.pdbx_fragment 
_entity.details 
1 polymer     man 'Integrin alpha-L' 20935.980 1   ? ? 'VWFA DOMAIN, RESIDUES 154-332' ? 
2 non-polymer syn 
'7A-[(4-cyanophenyl)methyl]-6-(3,5-dichlorophenyl)-5-oxo-2,3,5,7A-tetrahydro-1H-pyrrolo[1,2-A]pyrrole-7-carbonitrile' 408.280   1 
? ? ?                               ? 
3 water       nat water 18.015    122 ? ? ?                               ? 
# 
_entity_name_com.entity_id   1 
_entity_name_com.name        
'Leukocyte adhesion glycoprotein LFA-1 alpha chain, LFA-1A, Leukocyte function-associated molecule 1 alpha chain, CD11a antigen' 
# 
_entity_poly.entity_id                      1 
_entity_poly.type                           'polypeptide(L)' 
_entity_poly.nstd_linkage                   no 
_entity_poly.nstd_monomer                   no 
_entity_poly.pdbx_seq_one_letter_code       
;GSHMNVDLVFLFDGSMSLQPDEFQKILDFMKDVMKKLSNTSYQFAAVQFSTSYKTEFDFSDYVKRKDPDALLKHVKHMLL
LTNTFGAINYVATEVFREELGARPDATKVLIIITDGEATDSGNIDAAKDIIRYIIGIGKHFQTKESQETLHKFASKPASE
FVKILDTFEKLKDLFTELQKKIY
;
_entity_poly.pdbx_seq_one_letter_code_can   
;GSHMNVDLVFLFDGSMSLQPDEFQKILDFMKDVMKKLSNTSYQFAAVQFSTSYKTEFDFSDYVKRKDPDALLKHVKHMLL
LTNTFGAINYVATEVFREELGARPDATKVLIIITDGEATDSGNIDAAKDIIRYIIGIGKHFQTKESQETLHKFASKPASE
FVKILDTFEKLKDLFTELQKKIY
;
_entity_poly.pdbx_strand_id                 A 
_entity_poly.pdbx_target_identifier         ? 
# 
loop_
_entity_poly_seq.entity_id 
_entity_poly_seq.num 
_entity_poly_seq.mon_id 
_entity_poly_seq.hetero 
1 1   GLY n 
1 2   SER n 
1 3   HIS n 
1 4   MET n 
1 5   ASN n 
1 6   VAL n 
1 7   ASP n 
1 8   LEU n 
1 9   VAL n 
1 10  PHE n 
1 11  LEU n 
1 12  PHE n 
1 13  ASP n 
1 14  GLY n 
1 15  SER n 
1 16  MET n 
1 17  SER n 
1 18  LEU n 
1 19  GLN n 
1 20  PRO n 
1 21  ASP n 
1 22  GLU n 
1 23  PHE n 
1 24  GLN n 
1 25  LYS n 
1 26  ILE n 
1 27  LEU n 
1 28  ASP n 
1 29  PHE n 
1 30  MET n 
1 31  LYS n 
1 32  ASP n 
1 33  VAL n 
1 34  MET n 
1 35  LYS n 
1 36  LYS n 
1 37  LEU n 
1 38  SER n 
1 39  ASN n 
1 40  THR n 
1 41  SER n 
1 42  TYR n 
1 43  GLN n 
1 44  PHE n 
1 45  ALA n 
1 46  ALA n 
1 47  VAL n 
1 48  GLN n 
1 49  PHE n 
1 50  SER n 
1 51  THR n 
1 52  SER n 
1 53  TYR n 
1 54  LYS n 
1 55  THR n 
1 56  GLU n 
1 57  PHE n 
1 58  ASP n 
1 59  PHE n 
1 60  SER n 
1 61  ASP n 
1 62  TYR n 
1 63  VAL n 
1 64  LYS n 
1 65  ARG n 
1 66  LYS n 
1 67  ASP n 
1 68  PRO n 
1 69  ASP n 
1 70  ALA n 
1 71  LEU n 
1 72  LEU n 
1 73  LYS n 
1 74  HIS n 
1 75  VAL n 
1 76  LYS n 
1 77  HIS n 
1 78  MET n 
1 79  LEU n 
1 80  LEU n 
1 81  LEU n 
1 82  THR n 
1 83  ASN n 
1 84  THR n 
1 85  PHE n 
1 86  GLY n 
1 87  ALA n 
1 88  ILE n 
1 89  ASN n 
1 90  TYR n 
1 91  VAL n 
1 92  ALA n 
1 93  THR n 
1 94  GLU n 
1 95  VAL n 
1 96  PHE n 
1 97  ARG n 
1 98  GLU n 
1 99  GLU n 
1 100 LEU n 
1 101 GLY n 
1 102 ALA n 
1 103 ARG n 
1 104 PRO n 
1 105 ASP n 
1 106 ALA n 
1 107 THR n 
1 108 LYS n 
1 109 VAL n 
1 110 LEU n 
1 111 ILE n 
1 112 ILE n 
1 113 ILE n 
1 114 THR n 
1 115 ASP n 
1 116 GLY n 
1 117 GLU n 
1 118 ALA n 
1 119 THR n 
1 120 ASP n 
1 121 SER n 
1 122 GLY n 
1 123 ASN n 
1 124 ILE n 
1 125 ASP n 
1 126 ALA n 
1 127 ALA n 
1 128 LYS n 
1 129 ASP n 
1 130 ILE n 
1 131 ILE n 
1 132 ARG n 
1 133 TYR n 
1 134 ILE n 
1 135 ILE n 
1 136 GLY n 
1 137 ILE n 
1 138 GLY n 
1 139 LYS n 
1 140 HIS n 
1 141 PHE n 
1 142 GLN n 
1 143 THR n 
1 144 LYS n 
1 145 GLU n 
1 146 SER n 
1 147 GLN n 
1 148 GLU n 
1 149 THR n 
1 150 LEU n 
1 151 HIS n 
1 152 LYS n 
1 153 PHE n 
1 154 ALA n 
1 155 SER n 
1 156 LYS n 
1 157 PRO n 
1 158 ALA n 
1 159 SER n 
1 160 GLU n 
1 161 PHE n 
1 162 VAL n 
1 163 LYS n 
1 164 ILE n 
1 165 LEU n 
1 166 ASP n 
1 167 THR n 
1 168 PHE n 
1 169 GLU n 
1 170 LYS n 
1 171 LEU n 
1 172 LYS n 
1 173 ASP n 
1 174 LEU n 
1 175 PHE n 
1 176 THR n 
1 177 GLU n 
1 178 LEU n 
1 179 GLN n 
1 180 LYS n 
1 181 LYS n 
1 182 ILE n 
1 183 TYR n 
# 
_entity_src_gen.entity_id                          1 
_entity_src_gen.pdbx_src_id                        1 
_entity_src_gen.pdbx_alt_source_flag               sample 
_entity_src_gen.pdbx_seq_type                      ? 
_entity_src_gen.pdbx_beg_seq_num                   ? 
_entity_src_gen.pdbx_end_seq_num                   ? 
_entity_src_gen.gene_src_common_name               human 
_entity_src_gen.gene_src_genus                     Homo 
_entity_src_gen.pdbx_gene_src_gene                 'ITGAL, CD11A' 
_entity_src_gen.gene_src_species                   ? 
_entity_src_gen.gene_src_strain                    ? 
_entity_src_gen.gene_src_tissue                    ? 
_entity_src_gen.gene_src_tissue_fraction           ? 
_entity_src_gen.gene_src_details                   ? 
_entity_src_gen.pdbx_gene_src_fragment             ? 
_entity_src_gen.pdbx_gene_src_scientific_name      'Homo sapiens' 
_entity_src_gen.pdbx_gene_src_ncbi_taxonomy_id     9606 
_entity_src_gen.pdbx_gene_src_variant              ? 
_entity_src_gen.pdbx_gene_src_cell_line            ? 
_entity_src_gen.pdbx_gene_src_atcc                 ? 
_entity_src_gen.pdbx_gene_src_organ                ? 
_entity_src_gen.pdbx_gene_src_organelle            ? 
_entity_src_gen.pdbx_gene_src_cell                 ? 
_entity_src_gen.pdbx_gene_src_cellular_location    ? 
_entity_src_gen.host_org_common_name               ? 
_entity_src_gen.pdbx_host_org_scientific_name      'Escherichia coli BL21(DE3)' 
_entity_src_gen.pdbx_host_org_ncbi_taxonomy_id     469008 
_entity_src_gen.host_org_genus                     Escherichia 
_entity_src_gen.pdbx_host_org_gene                 ? 
_entity_src_gen.pdbx_host_org_organ                ? 
_entity_src_gen.host_org_species                   'Escherichia coli' 
_entity_src_gen.pdbx_host_org_tissue               ? 
_entity_src_gen.pdbx_host_org_tissue_fraction      ? 
_entity_src_gen.pdbx_host_org_strain               'BL21(DE3)' 
_entity_src_gen.pdbx_host_org_variant              ? 
_entity_src_gen.pdbx_host_org_cell_line            ? 
_entity_src_gen.pdbx_host_org_atcc                 ? 
_entity_src_gen.pdbx_host_org_culture_collection   ? 
_entity_src_gen.pdbx_host_org_cell                 ? 
_entity_src_gen.pdbx_host_org_organelle            ? 
_entity_src_gen.pdbx_host_org_cellular_location    ? 
_entity_src_gen.pdbx_host_org_vector_type          plasmid 
_entity_src_gen.pdbx_host_org_vector               ? 
_entity_src_gen.host_org_details                   ? 
_entity_src_gen.expression_system_id               ? 
_entity_src_gen.plasmid_name                       PET28A 
_entity_src_gen.plasmid_details                    ? 
_entity_src_gen.pdbx_description                   'MINIMAL MEDIA' 
# 
_struct_ref.id                         1 
_struct_ref.db_name                    UNP 
_struct_ref.db_code                    ITAL_HUMAN 
_struct_ref.pdbx_db_accession          P20701 
_struct_ref.entity_id                  1 
_struct_ref.pdbx_seq_one_letter_code   
;NVDLVFLFDGSMSLQPDEFQKILDFMKDVMKKLSNTSYQFAAVQFSTSYKTEFDFSDYVKRKDPDALLKHVKHMLLLTNT
FGAINYVATEVFREELGARPDATKVLIIITDGEATDSGNIDAAKDIIRYIIGIGKHFQTKESQETLHKFASKPASEFVKI
LDTFEKLKDLFTELQKKIY
;
_struct_ref.pdbx_align_begin           154 
_struct_ref.pdbx_db_isoform            ? 
# 
_struct_ref_seq.align_id                      1 
_struct_ref_seq.ref_id                        1 
_struct_ref_seq.pdbx_PDB_id_code              2O7N 
_struct_ref_seq.pdbx_strand_id                A 
_struct_ref_seq.seq_align_beg                 5 
_struct_ref_seq.pdbx_seq_align_beg_ins_code   ? 
_struct_ref_seq.seq_align_end                 183 
_struct_ref_seq.pdbx_seq_align_end_ins_code   ? 
_struct_ref_seq.pdbx_db_accession             P20701 
_struct_ref_seq.db_align_beg                  154 
_struct_ref_seq.pdbx_db_align_beg_ins_code    ? 
_struct_ref_seq.db_align_end                  332 
_struct_ref_seq.pdbx_db_align_end_ins_code    ? 
_struct_ref_seq.pdbx_auth_seq_align_beg       129 
_struct_ref_seq.pdbx_auth_seq_align_end       307 
# 
loop_
_struct_ref_seq_dif.align_id 
_struct_ref_seq_dif.pdbx_pdb_id_code 
_struct_ref_seq_dif.mon_id 
_struct_ref_seq_dif.pdbx_pdb_strand_id 
_struct_ref_seq_dif.seq_num 
_struct_ref_seq_dif.pdbx_pdb_ins_code 
_struct_ref_seq_dif.pdbx_seq_db_name 
_struct_ref_seq_dif.pdbx_seq_db_accession_code 
_struct_ref_seq_dif.db_mon_id 
_struct_ref_seq_dif.pdbx_seq_db_seq_num 
_struct_ref_seq_dif.details 
_struct_ref_seq_dif.pdbx_auth_seq_num 
_struct_ref_seq_dif.pdbx_ordinal 
1 2O7N GLY A 1 ? UNP P20701 ? ? 'cloning artifact' 125 1 
1 2O7N SER A 2 ? UNP P20701 ? ? 'cloning artifact' 126 2 
1 2O7N HIS A 3 ? UNP P20701 ? ? 'cloning artifact' 127 3 
1 2O7N MET A 4 ? UNP P20701 ? ? 'cloning artifact' 128 4 
# 
loop_
_chem_comp.id 
_chem_comp.type 
_chem_comp.mon_nstd_flag 
_chem_comp.name 
_chem_comp.pdbx_synonyms 
_chem_comp.formula 
_chem_comp.formula_weight 
2O7 non-polymer         . 
'7A-[(4-cyanophenyl)methyl]-6-(3,5-dichlorophenyl)-5-oxo-2,3,5,7A-tetrahydro-1H-pyrrolo[1,2-A]pyrrole-7-carbonitrile' 
'(7aS)-7a-(4-cyanobenzyl)-6-(3,5-dichlorophenyl)-5-oxo-2,3,5,7a-tetrahydro-1H-pyrrolizine-7-carbonitrile' 'C22 H15 Cl2 N3 O' 
408.280 
ALA 'L-peptide linking' y ALANINE ? 'C3 H7 N O2'       89.093  
ARG 'L-peptide linking' y ARGININE ? 'C6 H15 N4 O2 1'   175.209 
ASN 'L-peptide linking' y ASPARAGINE ? 'C4 H8 N2 O3'      132.118 
ASP 'L-peptide linking' y 'ASPARTIC ACID' ? 'C4 H7 N O4'       133.103 
GLN 'L-peptide linking' y GLUTAMINE ? 'C5 H10 N2 O3'     146.144 
GLU 'L-peptide linking' y 'GLUTAMIC ACID' ? 'C5 H9 N O4'       147.129 
GLY 'peptide linking'   y GLYCINE ? 'C2 H5 N O2'       75.067  
HIS 'L-peptide linking' y HISTIDINE ? 'C6 H10 N3 O2 1'   156.162 
HOH non-polymer         . WATER ? 'H2 O'             18.015  
ILE 'L-peptide linking' y ISOLEUCINE ? 'C6 H13 N O2'      131.173 
LEU 'L-peptide linking' y LEUCINE ? 'C6 H13 N O2'      131.173 
LYS 'L-peptide linking' y LYSINE ? 'C6 H15 N2 O2 1'   147.195 
MET 'L-peptide linking' y METHIONINE ? 'C5 H11 N O2 S'    149.211 
PHE 'L-peptide linking' y PHENYLALANINE ? 'C9 H11 N O2'      165.189 
PRO 'L-peptide linking' y PROLINE ? 'C5 H9 N O2'       115.130 
SER 'L-peptide linking' y SERINE ? 'C3 H7 N O3'       105.093 
THR 'L-peptide linking' y THREONINE ? 'C4 H9 N O3'       119.119 
TYR 'L-peptide linking' y TYROSINE ? 'C9 H11 N O3'      181.189 
VAL 'L-peptide linking' y VALINE ? 'C5 H11 N O2'      117.146 
# 
_exptl.entry_id          2O7N 
_exptl.method            'X-RAY DIFFRACTION' 
_exptl.crystals_number   1 
# 
_exptl_crystal.id                    1 
_exptl_crystal.density_meas          ? 
_exptl_crystal.density_Matthews      2.54 
_exptl_crystal.density_percent_sol   51.50 
_exptl_crystal.description           ? 
_exptl_crystal.F_000                 ? 
_exptl_crystal.preparation           ? 
# 
_exptl_crystal_grow.crystal_id      1 
_exptl_crystal_grow.method          ? 
_exptl_crystal_grow.temp            293 
_exptl_crystal_grow.temp_details    ? 
_exptl_crystal_grow.pH              8.90 
_exptl_crystal_grow.pdbx_details    
;78% (W/V) SODIUM CITRATE, 3% (V/V) ETHYLENE GLYCOL, 0.1 M SODIUM CITRATE, PH 5.6 (FINAL PH 8.9), VAPOR DIFFUSION, HANGING DROP, temperature 293K, pH 8.90
;
_exptl_crystal_grow.pdbx_pH_range   . 
# 
_diffrn.id                     1 
_diffrn.ambient_temp           100.0 
_diffrn.ambient_temp_details   ? 
_diffrn.crystal_id             1 
# 
_diffrn_detector.diffrn_id              1 
_diffrn_detector.detector               CCD 
_diffrn_detector.type                   'MAR CCD 165 mm' 
_diffrn_detector.pdbx_collection_date   2003-11-07 
_diffrn_detector.details                ? 
# 
_diffrn_radiation.diffrn_id                        1 
_diffrn_radiation.wavelength_id                    1 
_diffrn_radiation.pdbx_monochromatic_or_laue_m_l   M 
_diffrn_radiation.monochromator                    ? 
_diffrn_radiation.pdbx_diffrn_protocol             'SINGLE WAVELENGTH' 
_diffrn_radiation.pdbx_scattering_type             x-ray 
# 
_diffrn_radiation_wavelength.id           1 
_diffrn_radiation_wavelength.wavelength   1.0 
_diffrn_radiation_wavelength.wt           1.0 
# 
_diffrn_source.diffrn_id                   1 
_diffrn_source.source                      SYNCHROTRON 
_diffrn_source.type                        'APS BEAMLINE 32-ID' 
_diffrn_source.pdbx_synchrotron_site       APS 
_diffrn_source.pdbx_synchrotron_beamline   32-ID 
_diffrn_source.pdbx_wavelength             1.0 
_diffrn_source.pdbx_wavelength_list        ? 
# 
_reflns.entry_id                     2O7N 
_reflns.observed_criterion_sigma_I   0.000 
_reflns.observed_criterion_sigma_F   ? 
_reflns.d_resolution_low             50.000 
_reflns.d_resolution_high            1.750 
_reflns.number_obs                   21828 
_reflns.number_all                   ? 
_reflns.percent_possible_obs         99.4 
_reflns.pdbx_Rmerge_I_obs            0.092 
_reflns.pdbx_Rsym_value              ? 
_reflns.pdbx_netI_over_sigmaI        13.0000 
_reflns.B_iso_Wilson_estimate        15.80 
_reflns.pdbx_redundancy              7.100 
_reflns.R_free_details               ? 
_reflns.limit_h_max                  ? 
_reflns.limit_h_min                  ? 
_reflns.limit_k_max                  ? 
_reflns.limit_k_min                  ? 
_reflns.limit_l_max                  ? 
_reflns.limit_l_min                  ? 
_reflns.observed_criterion_F_max     ? 
_reflns.observed_criterion_F_min     ? 
_reflns.pdbx_chi_squared             ? 
_reflns.pdbx_scaling_rejects         ? 
_reflns.pdbx_diffrn_id               1 
_reflns.pdbx_ordinal                 1 
# 
_reflns_shell.d_res_high             1.75 
_reflns_shell.d_res_low              1.81 
_reflns_shell.percent_possible_all   96.1 
_reflns_shell.Rmerge_I_obs           0.306 
_reflns_shell.pdbx_Rsym_value        ? 
_reflns_shell.meanI_over_sigI_obs    4.900 
_reflns_shell.pdbx_redundancy        7.00 
_reflns_shell.percent_possible_obs   ? 
_reflns_shell.number_unique_all      ? 
_reflns_shell.number_measured_all    ? 
_reflns_shell.number_measured_obs    ? 
_reflns_shell.number_unique_obs      ? 
_reflns_shell.pdbx_chi_squared       ? 
_reflns_shell.pdbx_diffrn_id         ? 
_reflns_shell.pdbx_ordinal           1 
# 
_refine.entry_id                                 2O7N 
_refine.ls_number_reflns_obs                     21758 
_refine.ls_number_reflns_all                     21758 
_refine.pdbx_ls_sigma_I                          ? 
_refine.pdbx_ls_sigma_F                          0.000 
_refine.pdbx_data_cutoff_high_absF               1680683.350 
_refine.pdbx_data_cutoff_low_absF                0.0000 
_refine.pdbx_data_cutoff_high_rms_absF           ? 
_refine.ls_d_res_low                             35.55 
_refine.ls_d_res_high                            1.75 
_refine.ls_percent_reflns_obs                    99.4 
_refine.ls_R_factor_obs                          0.215 
_refine.ls_R_factor_all                          ? 
_refine.ls_R_factor_R_work                       0.215 
_refine.ls_R_factor_R_free                       0.234 
_refine.ls_R_factor_R_free_error                 0.010 
_refine.ls_R_factor_R_free_error_details         ? 
_refine.ls_percent_reflns_R_free                 3.000 
_refine.ls_number_reflns_R_free                  643 
_refine.ls_number_parameters                     ? 
_refine.ls_number_restraints                     ? 
_refine.occupancy_min                            ? 
_refine.occupancy_max                            ? 
_refine.correlation_coeff_Fo_to_Fc               ? 
_refine.correlation_coeff_Fo_to_Fc_free          ? 
_refine.B_iso_mean                               19.00 
_refine.aniso_B[1][1]                            -1.41000 
_refine.aniso_B[2][2]                            -3.05000 
_refine.aniso_B[3][3]                            4.46000 
_refine.aniso_B[1][2]                            0.00000 
_refine.aniso_B[1][3]                            0.00000 
_refine.aniso_B[2][3]                            0.00000 
_refine.solvent_model_details                    BABINET 
_refine.solvent_model_param_ksol                 1.0 
_refine.solvent_model_param_bsol                 280.0 
_refine.pdbx_solvent_vdw_probe_radii             ? 
_refine.pdbx_solvent_ion_probe_radii             ? 
_refine.pdbx_solvent_shrinkage_radii             ? 
_refine.pdbx_ls_cross_valid_method               THROUGHOUT 
_refine.details                                  ? 
_refine.pdbx_starting_model                      'PDB ENTRY 1LFA' 
_refine.pdbx_method_to_determine_struct          'MOLECULAR REPLACEMENT' 
_refine.pdbx_isotropic_thermal_model             RESTRAINED 
_refine.pdbx_stereochemistry_target_values       ? 
_refine.pdbx_stereochem_target_val_spec_case     ? 
_refine.pdbx_R_Free_selection_details            RANDOM 
_refine.pdbx_overall_ESU_R                       ? 
_refine.pdbx_overall_ESU_R_Free                  ? 
_refine.overall_SU_ML                            ? 
_refine.overall_SU_B                             ? 
_refine.ls_redundancy_reflns_obs                 ? 
_refine.B_iso_min                                ? 
_refine.B_iso_max                                ? 
_refine.overall_SU_R_Cruickshank_DPI             ? 
_refine.overall_SU_R_free                        ? 
_refine.ls_wR_factor_R_free                      ? 
_refine.ls_wR_factor_R_work                      ? 
_refine.overall_FOM_free_R_set                   ? 
_refine.overall_FOM_work_R_set                   ? 
_refine.pdbx_refine_id                           'X-RAY DIFFRACTION' 
_refine.pdbx_diffrn_id                           1 
_refine.pdbx_TLS_residual_ADP_flag               ? 
_refine.pdbx_overall_phase_error                 ? 
_refine.pdbx_overall_SU_R_free_Cruickshank_DPI   ? 
_refine.pdbx_overall_SU_R_Blow_DPI               ? 
_refine.pdbx_overall_SU_R_free_Blow_DPI          ? 
# 
_refine_analyze.entry_id                        2O7N 
_refine_analyze.Luzzati_coordinate_error_obs    0.20 
_refine_analyze.Luzzati_sigma_a_obs             0.12 
_refine_analyze.Luzzati_d_res_low_obs           5.00 
_refine_analyze.Luzzati_coordinate_error_free   0.23 
_refine_analyze.Luzzati_sigma_a_free            0.16 
_refine_analyze.Luzzati_d_res_low_free          ? 
_refine_analyze.number_disordered_residues      ? 
_refine_analyze.occupancy_sum_hydrogen          ? 
_refine_analyze.occupancy_sum_non_hydrogen      ? 
_refine_analyze.pdbx_Luzzati_d_res_high_obs     ? 
_refine_analyze.pdbx_refine_id                  'X-RAY DIFFRACTION' 
# 
_refine_hist.pdbx_refine_id                   'X-RAY DIFFRACTION' 
_refine_hist.cycle_id                         LAST 
_refine_hist.pdbx_number_atoms_protein        1459 
_refine_hist.pdbx_number_atoms_nucleic_acid   0 
_refine_hist.pdbx_number_atoms_ligand         28 
_refine_hist.number_atoms_solvent             122 
_refine_hist.number_atoms_total               1609 
_refine_hist.d_res_high                       1.75 
_refine_hist.d_res_low                        35.55 
# 
loop_
_refine_ls_restr.type 
_refine_ls_restr.dev_ideal 
_refine_ls_restr.dev_ideal_target 
_refine_ls_restr.weight 
_refine_ls_restr.number 
_refine_ls_restr.pdbx_refine_id 
_refine_ls_restr.pdbx_restraint_function 
c_bond_d                0.006 ?     ? ? 'X-RAY DIFFRACTION' ? 
c_bond_d_na             ?     ?     ? ? 'X-RAY DIFFRACTION' ? 
c_bond_d_prot           ?     ?     ? ? 'X-RAY DIFFRACTION' ? 
c_angle_d               ?     ?     ? ? 'X-RAY DIFFRACTION' ? 
c_angle_d_na            ?     ?     ? ? 'X-RAY DIFFRACTION' ? 
c_angle_d_prot          ?     ?     ? ? 'X-RAY DIFFRACTION' ? 
c_angle_deg             1.50  ?     ? ? 'X-RAY DIFFRACTION' ? 
c_angle_deg_na          ?     ?     ? ? 'X-RAY DIFFRACTION' ? 
c_angle_deg_prot        ?     ?     ? ? 'X-RAY DIFFRACTION' ? 
c_dihedral_angle_d      22.40 ?     ? ? 'X-RAY DIFFRACTION' ? 
c_dihedral_angle_d_na   ?     ?     ? ? 'X-RAY DIFFRACTION' ? 
c_dihedral_angle_d_prot ?     ?     ? ? 'X-RAY DIFFRACTION' ? 
c_improper_angle_d      0.81  ?     ? ? 'X-RAY DIFFRACTION' ? 
c_improper_angle_d_na   ?     ?     ? ? 'X-RAY DIFFRACTION' ? 
c_improper_angle_d_prot ?     ?     ? ? 'X-RAY DIFFRACTION' ? 
c_mcbond_it             1.160 1.500 ? ? 'X-RAY DIFFRACTION' ? 
c_mcangle_it            1.730 2.000 ? ? 'X-RAY DIFFRACTION' ? 
c_scbond_it             2.140 2.000 ? ? 'X-RAY DIFFRACTION' ? 
c_scangle_it            3.200 2.500 ? ? 'X-RAY DIFFRACTION' ? 
# 
_refine_ls_shell.pdbx_total_number_of_bins_used   8 
_refine_ls_shell.d_res_high                       1.75 
_refine_ls_shell.d_res_low                        1.83 
_refine_ls_shell.number_reflns_R_work             2542 
_refine_ls_shell.R_factor_R_work                  0.261 
_refine_ls_shell.percent_reflns_obs               97.90 
_refine_ls_shell.R_factor_R_free                  0.279 
_refine_ls_shell.R_factor_R_free_error            0.032 
_refine_ls_shell.percent_reflns_R_free            2.80 
_refine_ls_shell.number_reflns_R_free             74 
_refine_ls_shell.number_reflns_all                ? 
_refine_ls_shell.R_factor_all                     ? 
_refine_ls_shell.redundancy_reflns_obs            ? 
_refine_ls_shell.number_reflns_obs                ? 
_refine_ls_shell.pdbx_refine_id                   'X-RAY DIFFRACTION' 
# 
_pdbx_refine.entry_id                                    2O7N 
_pdbx_refine.R_factor_all_no_cutoff                      0.215 
_pdbx_refine.R_factor_obs_no_cutoff                      0.215 
_pdbx_refine.free_R_factor_no_cutoff                     0.234 
_pdbx_refine.free_R_error_no_cutoff                      0.009 
_pdbx_refine.free_R_val_test_set_size_perc_no_cutoff     3.0 
_pdbx_refine.free_R_val_test_set_ct_no_cutoff            643 
_pdbx_refine.R_factor_all_4sig_cutoff                    ? 
_pdbx_refine.R_factor_obs_4sig_cutoff                    ? 
_pdbx_refine.free_R_factor_4sig_cutoff                   ? 
_pdbx_refine.free_R_val_test_set_size_perc_4sig_cutoff   ? 
_pdbx_refine.free_R_val_test_set_ct_4sig_cutoff          ? 
_pdbx_refine.number_reflns_obs_4sig_cutoff               ? 
_pdbx_refine.pdbx_refine_id                              'X-RAY DIFFRACTION' 
# 
loop_
_pdbx_xplor_file.serial_no 
_pdbx_xplor_file.param_file 
_pdbx_xplor_file.topol_file 
_pdbx_xplor_file.pdbx_refine_id 
1 PROTEIN_REP.PARAM PROTEIN.TOP 'X-RAY DIFFRACTION' 
2 WATER_REP.PARAM   WATER.TOP   'X-RAY DIFFRACTION' 
3 ION.PARAM         ION.TOP     'X-RAY DIFFRACTION' 
4 2O7.PAR           2O7.TOP     'X-RAY DIFFRACTION' 
# 
_struct.entry_id                  2O7N 
_struct.title                     
;CD11A (LFA1) I-domain complexed with 7A-[(4-cyanophenyl)methyl]-6-(3,5-dichlorophenyl)-5-oxo-2,3,5,7A-tetrahydro-1H-pyrrolo[1,2-A]pyrrole-7-carbonitrile
;
_struct.pdbx_model_details        ? 
_struct.pdbx_CASP_flag            ? 
_struct.pdbx_model_type_details   ? 
# 
_struct_keywords.entry_id        2O7N 
_struct_keywords.text            'INHIBITOR, PROTEIN-LIGAND COMPLEX, CELL ADHESION' 
_struct_keywords.pdbx_keywords   'CELL ADHESION' 
# 
loop_
_struct_asym.id 
_struct_asym.pdbx_blank_PDB_chainid_flag 
_struct_asym.pdbx_modified 
_struct_asym.entity_id 
_struct_asym.details 
A N N 1 ? 
B N N 2 ? 
C N N 3 ? 
# 
_struct_biol.id                    1 
_struct_biol.details               ? 
_struct_biol.pdbx_parent_biol_id   ? 
# 
loop_
_struct_conf.conf_type_id 
_struct_conf.id 
_struct_conf.pdbx_PDB_helix_id 
_struct_conf.beg_label_comp_id 
_struct_conf.beg_label_asym_id 
_struct_conf.beg_label_seq_id 
_struct_conf.pdbx_beg_PDB_ins_code 
_struct_conf.end_label_comp_id 
_struct_conf.end_label_asym_id 
_struct_conf.end_label_seq_id 
_struct_conf.pdbx_end_PDB_ins_code 
_struct_conf.beg_auth_comp_id 
_struct_conf.beg_auth_asym_id 
_struct_conf.beg_auth_seq_id 
_struct_conf.end_auth_comp_id 
_struct_conf.end_auth_asym_id 
_struct_conf.end_auth_seq_id 
_struct_conf.pdbx_PDB_helix_class 
_struct_conf.details 
_struct_conf.pdbx_PDB_helix_length 
HELX_P HELX_P1  1  GLN A 19  ? LEU A 37  ? GLN A 143 LEU A 161 1 ? 19 
HELX_P HELX_P2  2  ASP A 58  ? LYS A 66  ? ASP A 182 LYS A 190 1 ? 9  
HELX_P HELX_P3  3  ASP A 67  ? LEU A 72  ? ASP A 191 LEU A 196 1 ? 6  
HELX_P HELX_P4  4  ASN A 83  ? VAL A 95  ? ASN A 207 VAL A 219 1 ? 13 
HELX_P HELX_P5  5  ARG A 97  ? GLY A 101 ? ARG A 221 GLY A 225 5 ? 5  
HELX_P HELX_P6  6  ILE A 124 ? LYS A 128 ? ILE A 248 LYS A 252 5 ? 5  
HELX_P HELX_P7  7  LYS A 139 ? GLN A 142 ? LYS A 263 GLN A 266 5 ? 4  
HELX_P HELX_P8  8  THR A 143 ? THR A 149 ? THR A 267 THR A 273 1 ? 7  
HELX_P HELX_P9  9  LEU A 150 ? ALA A 154 ? LEU A 274 ALA A 278 5 ? 5  
HELX_P HELX_P10 10 PRO A 157 ? PHE A 161 ? PRO A 281 PHE A 285 1 ? 5  
HELX_P HELX_P11 11 GLU A 169 ? LYS A 180 ? GLU A 293 LYS A 304 1 ? 12 
# 
_struct_conf_type.id          HELX_P 
_struct_conf_type.criteria    ? 
_struct_conf_type.reference   ? 
# 
_struct_mon_prot_cis.pdbx_id                1 
_struct_mon_prot_cis.label_comp_id          LYS 
_struct_mon_prot_cis.label_seq_id           156 
_struct_mon_prot_cis.label_asym_id          A 
_struct_mon_prot_cis.label_alt_id           . 
_struct_mon_prot_cis.pdbx_PDB_ins_code      ? 
_struct_mon_prot_cis.auth_comp_id           LYS 
_struct_mon_prot_cis.auth_seq_id            280 
_struct_mon_prot_cis.auth_asym_id           A 
_struct_mon_prot_cis.pdbx_label_comp_id_2   PRO 
_struct_mon_prot_cis.pdbx_label_seq_id_2    157 
_struct_mon_prot_cis.pdbx_label_asym_id_2   A 
_struct_mon_prot_cis.pdbx_PDB_ins_code_2    ? 
_struct_mon_prot_cis.pdbx_auth_comp_id_2    PRO 
_struct_mon_prot_cis.pdbx_auth_seq_id_2     281 
_struct_mon_prot_cis.pdbx_auth_asym_id_2    A 
_struct_mon_prot_cis.pdbx_PDB_model_num     1 
_struct_mon_prot_cis.pdbx_omega_angle       0.17 
# 
_struct_sheet.id               A 
_struct_sheet.type             ? 
_struct_sheet.number_strands   6 
_struct_sheet.details          ? 
# 
loop_
_struct_sheet_order.sheet_id 
_struct_sheet_order.range_id_1 
_struct_sheet_order.range_id_2 
_struct_sheet_order.offset 
_struct_sheet_order.sense 
A 1 2 ? anti-parallel 
A 2 3 ? parallel      
A 3 4 ? parallel      
A 4 5 ? parallel      
A 5 6 ? parallel      
# 
loop_
_struct_sheet_range.sheet_id 
_struct_sheet_range.id 
_struct_sheet_range.beg_label_comp_id 
_struct_sheet_range.beg_label_asym_id 
_struct_sheet_range.beg_label_seq_id 
_struct_sheet_range.pdbx_beg_PDB_ins_code 
_struct_sheet_range.end_label_comp_id 
_struct_sheet_range.end_label_asym_id 
_struct_sheet_range.end_label_seq_id 
_struct_sheet_range.pdbx_end_PDB_ins_code 
_struct_sheet_range.beg_auth_comp_id 
_struct_sheet_range.beg_auth_asym_id 
_struct_sheet_range.beg_auth_seq_id 
_struct_sheet_range.end_auth_comp_id 
_struct_sheet_range.end_auth_asym_id 
_struct_sheet_range.end_auth_seq_id 
A 1 TYR A 53  ? PHE A 57  ? TYR A 177 PHE A 181 
A 2 GLN A 43  ? PHE A 49  ? GLN A 167 PHE A 173 
A 3 VAL A 6   ? ASP A 13  ? VAL A 130 ASP A 137 
A 4 THR A 107 ? THR A 114 ? THR A 231 THR A 238 
A 5 ILE A 131 ? ILE A 137 ? ILE A 255 ILE A 261 
A 6 VAL A 162 ? LEU A 165 ? VAL A 286 LEU A 289 
# 
loop_
_pdbx_struct_sheet_hbond.sheet_id 
_pdbx_struct_sheet_hbond.range_id_1 
_pdbx_struct_sheet_hbond.range_id_2 
_pdbx_struct_sheet_hbond.range_1_label_atom_id 
_pdbx_struct_sheet_hbond.range_1_label_comp_id 
_pdbx_struct_sheet_hbond.range_1_label_asym_id 
_pdbx_struct_sheet_hbond.range_1_label_seq_id 
_pdbx_struct_sheet_hbond.range_1_PDB_ins_code 
_pdbx_struct_sheet_hbond.range_1_auth_atom_id 
_pdbx_struct_sheet_hbond.range_1_auth_comp_id 
_pdbx_struct_sheet_hbond.range_1_auth_asym_id 
_pdbx_struct_sheet_hbond.range_1_auth_seq_id 
_pdbx_struct_sheet_hbond.range_2_label_atom_id 
_pdbx_struct_sheet_hbond.range_2_label_comp_id 
_pdbx_struct_sheet_hbond.range_2_label_asym_id 
_pdbx_struct_sheet_hbond.range_2_label_seq_id 
_pdbx_struct_sheet_hbond.range_2_PDB_ins_code 
_pdbx_struct_sheet_hbond.range_2_auth_atom_id 
_pdbx_struct_sheet_hbond.range_2_auth_comp_id 
_pdbx_struct_sheet_hbond.range_2_auth_asym_id 
_pdbx_struct_sheet_hbond.range_2_auth_seq_id 
A 1 2 O LYS A 54  ? O LYS A 178 N GLN A 48  ? N GLN A 172 
A 2 3 O VAL A 47  ? O VAL A 171 N PHE A 10  ? N PHE A 134 
A 3 4 N LEU A 11  ? N LEU A 135 O ILE A 111 ? O ILE A 235 
A 4 5 N ILE A 112 ? N ILE A 236 O ILE A 135 ? O ILE A 259 
A 5 6 N ILE A 134 ? N ILE A 258 O LYS A 163 ? O LYS A 287 
# 
_struct_site.id                   AC1 
_struct_site.pdbx_evidence_code   Software 
_struct_site.pdbx_auth_asym_id    A 
_struct_site.pdbx_auth_comp_id    2O7 
_struct_site.pdbx_auth_seq_id     1 
_struct_site.pdbx_auth_ins_code   ? 
_struct_site.pdbx_num_residues    9 
_struct_site.details              'BINDING SITE FOR RESIDUE 2O7 A 1' 
# 
loop_
_struct_site_gen.id 
_struct_site_gen.site_id 
_struct_site_gen.pdbx_num_res 
_struct_site_gen.label_comp_id 
_struct_site_gen.label_asym_id 
_struct_site_gen.label_seq_id 
_struct_site_gen.pdbx_auth_ins_code 
_struct_site_gen.auth_comp_id 
_struct_site_gen.auth_asym_id 
_struct_site_gen.auth_seq_id 
_struct_site_gen.label_atom_id 
_struct_site_gen.label_alt_id 
_struct_site_gen.symmetry 
_struct_site_gen.details 
1 AC1 9 LEU A 8   ? LEU A 132 . ? 1_555 ? 
2 AC1 9 TYR A 42  ? TYR A 166 . ? 1_555 ? 
3 AC1 9 LEU A 79  ? LEU A 203 . ? 8_455 ? 
4 AC1 9 ILE A 111 ? ILE A 235 . ? 1_555 ? 
5 AC1 9 TYR A 133 ? TYR A 257 . ? 1_555 ? 
6 AC1 9 LEU A 178 ? LEU A 302 . ? 1_555 ? 
7 AC1 9 LYS A 181 ? LYS A 305 . ? 1_555 ? 
8 AC1 9 ILE A 182 ? ILE A 306 . ? 1_555 ? 
9 AC1 9 HOH C .   ? HOH A 313 . ? 1_555 ? 
# 
_atom_sites.entry_id                    2O7N 
_atom_sites.fract_transf_matrix[1][1]   -0.00568408 
_atom_sites.fract_transf_matrix[1][2]   0.01241112 
_atom_sites.fract_transf_matrix[1][3]   0.00569983 
_atom_sites.fract_transf_matrix[2][1]   0.00744032 
_atom_sites.fract_transf_matrix[2][2]   0.00612696 
_atom_sites.fract_transf_matrix[2][3]   -0.00592142 
_atom_sites.fract_transf_matrix[3][1]   -0.00911235 
_atom_sites.fract_transf_matrix[3][2]   0.00073551 
_atom_sites.fract_transf_matrix[3][3]   -0.01068870 
_atom_sites.fract_transf_vector[1]      0.212100 
_atom_sites.fract_transf_vector[2]      0.268345 
_atom_sites.fract_transf_vector[3]      -0.002803 
# 
loop_
_atom_type.symbol 
C  
CL 
N  
O  
S  
# 
loop_
_atom_site.group_PDB 
_atom_site.id 
_atom_site.type_symbol 
_atom_site.label_atom_id 
_atom_site.label_alt_id 
_atom_site.label_comp_id 
_atom_site.label_asym_id 
_atom_site.label_entity_id 
_atom_site.label_seq_id 
_atom_site.pdbx_PDB_ins_code 
_atom_site.Cartn_x 
_atom_site.Cartn_y 
_atom_site.Cartn_z 
_atom_site.occupancy 
_atom_site.B_iso_or_equiv 
_atom_site.pdbx_formal_charge 
_atom_site.auth_seq_id 
_atom_site.auth_comp_id 
_atom_site.auth_asym_id 
_atom_site.auth_atom_id 
_atom_site.pdbx_PDB_model_num 
ATOM   1    N  N    . MET A 1 4   ? 16.525  -9.761  -4.277  1.00 25.71 ? 128 MET A N    1 
ATOM   2    C  CA   . MET A 1 4   ? 15.084  -9.392  -4.191  1.00 24.15 ? 128 MET A CA   1 
ATOM   3    C  C    . MET A 1 4   ? 14.786  -8.186  -5.077  1.00 23.21 ? 128 MET A C    1 
ATOM   4    O  O    . MET A 1 4   ? 14.606  -7.068  -4.589  1.00 22.51 ? 128 MET A O    1 
ATOM   5    C  CB   . MET A 1 4   ? 14.703  -9.078  -2.739  1.00 24.96 ? 128 MET A CB   1 
ATOM   6    C  CG   . MET A 1 4   ? 15.018  -10.204 -1.760  1.00 25.30 ? 128 MET A CG   1 
ATOM   7    S  SD   . MET A 1 4   ? 14.169  -10.032 -0.173  1.00 26.70 ? 128 MET A SD   1 
ATOM   8    C  CE   . MET A 1 4   ? 15.057  -8.648  0.556   1.00 26.54 ? 128 MET A CE   1 
ATOM   9    N  N    . ASN A 1 5   ? 14.732  -8.425  -6.384  1.00 21.31 ? 129 ASN A N    1 
ATOM   10   C  CA   . ASN A 1 5   ? 14.461  -7.371  -7.354  1.00 21.46 ? 129 ASN A CA   1 
ATOM   11   C  C    . ASN A 1 5   ? 12.960  -7.139  -7.419  1.00 18.58 ? 129 ASN A C    1 
ATOM   12   O  O    . ASN A 1 5   ? 12.266  -7.672  -8.290  1.00 15.99 ? 129 ASN A O    1 
ATOM   13   C  CB   . ASN A 1 5   ? 14.984  -7.773  -8.730  1.00 24.80 ? 129 ASN A CB   1 
ATOM   14   C  CG   . ASN A 1 5   ? 15.716  -6.645  -9.422  1.00 29.45 ? 129 ASN A CG   1 
ATOM   15   O  OD1  . ASN A 1 5   ? 16.751  -6.175  -8.944  1.00 30.81 ? 129 ASN A OD1  1 
ATOM   16   N  ND2  . ASN A 1 5   ? 15.182  -6.199  -10.554 1.00 33.48 ? 129 ASN A ND2  1 
ATOM   17   N  N    . VAL A 1 6   ? 12.472  -6.331  -6.489  1.00 15.42 ? 130 VAL A N    1 
ATOM   18   C  CA   . VAL A 1 6   ? 11.055  -6.041  -6.391  1.00 13.88 ? 130 VAL A CA   1 
ATOM   19   C  C    . VAL A 1 6   ? 10.744  -4.552  -6.486  1.00 12.72 ? 130 VAL A C    1 
ATOM   20   O  O    . VAL A 1 6   ? 11.412  -3.727  -5.862  1.00 12.05 ? 130 VAL A O    1 
ATOM   21   C  CB   . VAL A 1 6   ? 10.503  -6.574  -5.040  1.00 13.91 ? 130 VAL A CB   1 
ATOM   22   C  CG1  . VAL A 1 6   ? 9.026   -6.234  -4.891  1.00 13.69 ? 130 VAL A CG1  1 
ATOM   23   C  CG2  . VAL A 1 6   ? 10.726  -8.075  -4.946  1.00 15.22 ? 130 VAL A CG2  1 
ATOM   24   N  N    . ASP A 1 7   ? 9.743   -4.223  -7.299  1.00 11.12 ? 131 ASP A N    1 
ATOM   25   C  CA   . ASP A 1 7   ? 9.264   -2.850  -7.439  1.00 10.93 ? 131 ASP A CA   1 
ATOM   26   C  C    . ASP A 1 7   ? 7.970   -2.880  -6.624  1.00 9.97  ? 131 ASP A C    1 
ATOM   27   O  O    . ASP A 1 7   ? 6.973   -3.463  -7.055  1.00 9.94  ? 131 ASP A O    1 
ATOM   28   C  CB   . ASP A 1 7   ? 8.948   -2.513  -8.900  1.00 11.28 ? 131 ASP A CB   1 
ATOM   29   C  CG   . ASP A 1 7   ? 10.163  -2.027  -9.679  1.00 14.35 ? 131 ASP A CG   1 
ATOM   30   O  OD1  . ASP A 1 7   ? 11.254  -1.854  -9.086  1.00 13.15 ? 131 ASP A OD1  1 
ATOM   31   O  OD2  . ASP A 1 7   ? 10.014  -1.807  -10.899 1.00 14.51 ? 131 ASP A OD2  1 
ATOM   32   N  N    . LEU A 1 8   ? 7.993   -2.272  -5.439  1.00 10.34 ? 132 LEU A N    1 
ATOM   33   C  CA   . LEU A 1 8   ? 6.832   -2.280  -4.557  1.00 9.27  ? 132 LEU A CA   1 
ATOM   34   C  C    . LEU A 1 8   ? 6.169   -0.926  -4.419  1.00 8.48  ? 132 LEU A C    1 
ATOM   35   O  O    . LEU A 1 8   ? 6.836   0.085   -4.219  1.00 8.02  ? 132 LEU A O    1 
ATOM   36   C  CB   . LEU A 1 8   ? 7.237   -2.790  -3.164  1.00 10.41 ? 132 LEU A CB   1 
ATOM   37   C  CG   . LEU A 1 8   ? 6.114   -2.959  -2.125  1.00 10.91 ? 132 LEU A CG   1 
ATOM   38   C  CD1  . LEU A 1 8   ? 6.502   -4.043  -1.129  1.00 10.67 ? 132 LEU A CD1  1 
ATOM   39   C  CD2  . LEU A 1 8   ? 5.840   -1.641  -1.410  1.00 8.34  ? 132 LEU A CD2  1 
ATOM   40   N  N    . VAL A 1 9   ? 4.846   -0.922  -4.531  1.00 8.91  ? 133 VAL A N    1 
ATOM   41   C  CA   . VAL A 1 9   ? 4.065   0.297   -4.398  1.00 8.76  ? 133 VAL A CA   1 
ATOM   42   C  C    . VAL A 1 9   ? 3.148   0.213   -3.190  1.00 9.56  ? 133 VAL A C    1 
ATOM   43   O  O    . VAL A 1 9   ? 2.418   -0.768  -3.020  1.00 9.98  ? 133 VAL A O    1 
ATOM   44   C  CB   . VAL A 1 9   ? 3.175   0.543   -5.632  1.00 7.97  ? 133 VAL A CB   1 
ATOM   45   C  CG1  . VAL A 1 9   ? 2.282   1.764   -5.394  1.00 10.81 ? 133 VAL A CG1  1 
ATOM   46   C  CG2  . VAL A 1 9   ? 4.041   0.758   -6.858  1.00 8.98  ? 133 VAL A CG2  1 
ATOM   47   N  N    . PHE A 1 10  ? 3.210   1.230   -2.337  1.00 9.52  ? 134 PHE A N    1 
ATOM   48   C  CA   . PHE A 1 10  ? 2.334   1.300   -1.177  1.00 9.82  ? 134 PHE A CA   1 
ATOM   49   C  C    . PHE A 1 10  ? 1.151   2.138   -1.646  1.00 8.98  ? 134 PHE A C    1 
ATOM   50   O  O    . PHE A 1 10  ? 1.342   3.253   -2.121  1.00 11.82 ? 134 PHE A O    1 
ATOM   51   C  CB   . PHE A 1 10  ? 2.990   2.050   -0.016  1.00 9.30  ? 134 PHE A CB   1 
ATOM   52   C  CG   . PHE A 1 10  ? 4.086   1.297   0.669   1.00 10.11 ? 134 PHE A CG   1 
ATOM   53   C  CD1  . PHE A 1 10  ? 3.799   0.189   1.457   1.00 13.66 ? 134 PHE A CD1  1 
ATOM   54   C  CD2  . PHE A 1 10  ? 5.405   1.732   0.568   1.00 12.12 ? 134 PHE A CD2  1 
ATOM   55   C  CE1  . PHE A 1 10  ? 4.814   -0.478  2.146   1.00 14.44 ? 134 PHE A CE1  1 
ATOM   56   C  CE2  . PHE A 1 10  ? 6.425   1.071   1.250   1.00 14.18 ? 134 PHE A CE2  1 
ATOM   57   C  CZ   . PHE A 1 10  ? 6.124   -0.033  2.039   1.00 11.71 ? 134 PHE A CZ   1 
ATOM   58   N  N    . LEU A 1 11  ? -0.058  1.606   -1.529  1.00 8.84  ? 135 LEU A N    1 
ATOM   59   C  CA   . LEU A 1 11  ? -1.256  2.352   -1.914  1.00 9.42  ? 135 LEU A CA   1 
ATOM   60   C  C    . LEU A 1 11  ? -2.001  2.498   -0.598  1.00 9.23  ? 135 LEU A C    1 
ATOM   61   O  O    . LEU A 1 11  ? -2.648  1.554   -0.136  1.00 8.64  ? 135 LEU A O    1 
ATOM   62   C  CB   . LEU A 1 11  ? -2.085  1.555   -2.931  1.00 8.08  ? 135 LEU A CB   1 
ATOM   63   C  CG   . LEU A 1 11  ? -3.423  2.173   -3.354  1.00 11.08 ? 135 LEU A CG   1 
ATOM   64   C  CD1  . LEU A 1 11  ? -3.199  3.555   -3.940  1.00 10.58 ? 135 LEU A CD1  1 
ATOM   65   C  CD2  . LEU A 1 11  ? -4.095  1.261   -4.375  1.00 10.20 ? 135 LEU A CD2  1 
ATOM   66   N  N    . PHE A 1 12  ? -1.895  3.679   0.010   1.00 8.70  ? 136 PHE A N    1 
ATOM   67   C  CA   . PHE A 1 12  ? -2.504  3.901   1.308   1.00 8.67  ? 136 PHE A CA   1 
ATOM   68   C  C    . PHE A 1 12  ? -3.683  4.842   1.370   1.00 8.72  ? 136 PHE A C    1 
ATOM   69   O  O    . PHE A 1 12  ? -3.711  5.890   0.725   1.00 8.81  ? 136 PHE A O    1 
ATOM   70   C  CB   . PHE A 1 12  ? -1.440  4.349   2.330   1.00 9.93  ? 136 PHE A CB   1 
ATOM   71   C  CG   . PHE A 1 12  ? -0.787  5.677   2.019   1.00 10.09 ? 136 PHE A CG   1 
ATOM   72   C  CD1  . PHE A 1 12  ? 0.156   5.792   0.999   1.00 10.12 ? 136 PHE A CD1  1 
ATOM   73   C  CD2  . PHE A 1 12  ? -1.076  6.800   2.791   1.00 10.70 ? 136 PHE A CD2  1 
ATOM   74   C  CE1  . PHE A 1 12  ? 0.807   7.000   0.754   1.00 9.23  ? 136 PHE A CE1  1 
ATOM   75   C  CE2  . PHE A 1 12  ? -0.430  8.019   2.557   1.00 10.09 ? 136 PHE A CE2  1 
ATOM   76   C  CZ   . PHE A 1 12  ? 0.512   8.119   1.537   1.00 11.76 ? 136 PHE A CZ   1 
ATOM   77   N  N    . ASP A 1 13  ? -4.646  4.416   2.182   1.00 10.30 ? 137 ASP A N    1 
ATOM   78   C  CA   . ASP A 1 13  ? -5.904  5.098   2.459   1.00 12.19 ? 137 ASP A CA   1 
ATOM   79   C  C    . ASP A 1 13  ? -5.641  6.436   3.159   1.00 13.29 ? 137 ASP A C    1 
ATOM   80   O  O    . ASP A 1 13  ? -4.913  6.494   4.151   1.00 13.55 ? 137 ASP A O    1 
ATOM   81   C  CB   . ASP A 1 13  ? -6.734  4.184   3.373   1.00 13.01 ? 137 ASP A CB   1 
ATOM   82   C  CG   . ASP A 1 13  ? -8.180  4.602   3.493   1.00 14.50 ? 137 ASP A CG   1 
ATOM   83   O  OD1  . ASP A 1 13  ? -8.472  5.816   3.509   1.00 16.30 ? 137 ASP A OD1  1 
ATOM   84   O  OD2  . ASP A 1 13  ? -9.029  3.693   3.603   1.00 16.41 ? 137 ASP A OD2  1 
ATOM   85   N  N    . GLY A 1 14  ? -6.231  7.503   2.629   1.00 12.39 ? 138 GLY A N    1 
ATOM   86   C  CA   . GLY A 1 14  ? -6.079  8.820   3.221   1.00 12.07 ? 138 GLY A CA   1 
ATOM   87   C  C    . GLY A 1 14  ? -7.447  9.455   3.439   1.00 12.45 ? 138 GLY A C    1 
ATOM   88   O  O    . GLY A 1 14  ? -7.572  10.681  3.487   1.00 12.84 ? 138 GLY A O    1 
ATOM   89   N  N    . SER A 1 15  ? -8.469  8.616   3.590   1.00 12.55 ? 139 SER A N    1 
ATOM   90   C  CA   . SER A 1 15  ? -9.843  9.091   3.781   1.00 13.53 ? 139 SER A CA   1 
ATOM   91   C  C    . SER A 1 15  ? -10.078 9.757   5.133   1.00 13.61 ? 139 SER A C    1 
ATOM   92   O  O    . SER A 1 15  ? -9.259  9.662   6.045   1.00 11.00 ? 139 SER A O    1 
ATOM   93   C  CB   . SER A 1 15  ? -10.834 7.937   3.618   1.00 15.50 ? 139 SER A CB   1 
ATOM   94   O  OG   . SER A 1 15  ? -10.925 7.176   4.809   1.00 16.87 ? 139 SER A OG   1 
ATOM   95   N  N    . MET A 1 16  ? -11.219 10.422  5.262   1.00 13.96 ? 140 MET A N    1 
ATOM   96   C  CA   . MET A 1 16  ? -11.544 11.106  6.504   1.00 13.63 ? 140 MET A CA   1 
ATOM   97   C  C    . MET A 1 16  ? -11.858 10.147  7.654   1.00 15.68 ? 140 MET A C    1 
ATOM   98   O  O    . MET A 1 16  ? -12.111 10.587  8.774   1.00 16.01 ? 140 MET A O    1 
ATOM   99   C  CB   . MET A 1 16  ? -12.721 12.065  6.285   1.00 14.65 ? 140 MET A CB   1 
ATOM   100  C  CG   . MET A 1 16  ? -14.028 11.384  5.976   1.00 16.29 ? 140 MET A CG   1 
ATOM   101  S  SD   . MET A 1 16  ? -15.379 12.575  5.838   1.00 18.14 ? 140 MET A SD   1 
ATOM   102  C  CE   . MET A 1 16  ? -15.127 13.201  4.185   1.00 17.00 ? 140 MET A CE   1 
ATOM   103  N  N    . SER A 1 17  ? -11.830 8.842   7.394   1.00 14.23 ? 141 SER A N    1 
ATOM   104  C  CA   . SER A 1 17  ? -12.109 7.874   8.449   1.00 15.86 ? 141 SER A CA   1 
ATOM   105  C  C    . SER A 1 17  ? -10.877 7.657   9.329   1.00 15.90 ? 141 SER A C    1 
ATOM   106  O  O    . SER A 1 17  ? -10.979 7.114   10.423  1.00 15.91 ? 141 SER A O    1 
ATOM   107  C  CB   . SER A 1 17  ? -12.549 6.535   7.855   1.00 19.73 ? 141 SER A CB   1 
ATOM   108  O  OG   . SER A 1 17  ? -11.468 5.884   7.220   1.00 23.22 ? 141 SER A OG   1 
ATOM   109  N  N    . LEU A 1 18  ? -9.716  8.082   8.846   1.00 16.32 ? 142 LEU A N    1 
ATOM   110  C  CA   . LEU A 1 18  ? -8.478  7.922   9.604   1.00 16.94 ? 142 LEU A CA   1 
ATOM   111  C  C    . LEU A 1 18  ? -8.196  9.099   10.525  1.00 16.95 ? 142 LEU A C    1 
ATOM   112  O  O    . LEU A 1 18  ? -8.137  10.244  10.085  1.00 17.37 ? 142 LEU A O    1 
ATOM   113  C  CB   . LEU A 1 18  ? -7.292  7.741   8.655   1.00 17.03 ? 142 LEU A CB   1 
ATOM   114  C  CG   . LEU A 1 18  ? -7.249  6.431   7.868   1.00 18.23 ? 142 LEU A CG   1 
ATOM   115  C  CD1  . LEU A 1 18  ? -6.154  6.502   6.822   1.00 20.32 ? 142 LEU A CD1  1 
ATOM   116  C  CD2  . LEU A 1 18  ? -7.007  5.271   8.818   1.00 17.30 ? 142 LEU A CD2  1 
ATOM   117  N  N    . GLN A 1 19  ? -8.022  8.816   11.810  1.00 17.73 ? 143 GLN A N    1 
ATOM   118  C  CA   . GLN A 1 19  ? -7.715  9.866   12.764  1.00 18.04 ? 143 GLN A CA   1 
ATOM   119  C  C    . GLN A 1 19  ? -6.232  10.213  12.610  1.00 17.28 ? 143 GLN A C    1 
ATOM   120  O  O    . GLN A 1 19  ? -5.453  9.416   12.080  1.00 16.86 ? 143 GLN A O    1 
ATOM   121  C  CB   . GLN A 1 19  ? -8.044  9.391   14.183  1.00 20.17 ? 143 GLN A CB   1 
ATOM   122  C  CG   . GLN A 1 19  ? -9.506  8.979   14.326  1.00 25.21 ? 143 GLN A CG   1 
ATOM   123  C  CD   . GLN A 1 19  ? -9.949  8.809   15.766  1.00 28.31 ? 143 GLN A CD   1 
ATOM   124  O  OE1  . GLN A 1 19  ? -9.850  9.734   16.570  1.00 30.41 ? 143 GLN A OE1  1 
ATOM   125  N  NE2  . GLN A 1 19  ? -10.454 7.626   16.094  1.00 31.74 ? 143 GLN A NE2  1 
ATOM   126  N  N    . PRO A 1 20  ? -5.822  11.408  13.062  1.00 17.28 ? 144 PRO A N    1 
ATOM   127  C  CA   . PRO A 1 20  ? -4.426  11.847  12.959  1.00 18.44 ? 144 PRO A CA   1 
ATOM   128  C  C    . PRO A 1 20  ? -3.362  10.794  13.275  1.00 17.50 ? 144 PRO A C    1 
ATOM   129  O  O    . PRO A 1 20  ? -2.454  10.564  12.472  1.00 16.94 ? 144 PRO A O    1 
ATOM   130  C  CB   . PRO A 1 20  ? -4.370  13.028  13.920  1.00 19.43 ? 144 PRO A CB   1 
ATOM   131  C  CG   . PRO A 1 20  ? -5.736  13.631  13.751  1.00 18.41 ? 144 PRO A CG   1 
ATOM   132  C  CD   . PRO A 1 20  ? -6.630  12.411  13.784  1.00 17.12 ? 144 PRO A CD   1 
ATOM   133  N  N    . ASP A 1 21  ? -3.480  10.155  14.436  1.00 16.88 ? 145 ASP A N    1 
ATOM   134  C  CA   . ASP A 1 21  ? -2.504  9.151   14.852  1.00 17.49 ? 145 ASP A CA   1 
ATOM   135  C  C    . ASP A 1 21  ? -2.547  7.893   13.995  1.00 16.73 ? 145 ASP A C    1 
ATOM   136  O  O    . ASP A 1 21  ? -1.526  7.231   13.812  1.00 17.77 ? 145 ASP A O    1 
ATOM   137  C  CB   . ASP A 1 21  ? -2.724  8.761   16.315  1.00 19.12 ? 145 ASP A CB   1 
ATOM   138  C  CG   . ASP A 1 21  ? -3.952  7.888   16.508  0.00 18.61 ? 145 ASP A CG   1 
ATOM   139  O  OD1  . ASP A 1 21  ? -5.057  8.310   16.108  0.00 18.81 ? 145 ASP A OD1  1 
ATOM   140  O  OD2  . ASP A 1 21  ? -3.810  6.778   17.061  0.00 18.81 ? 145 ASP A OD2  1 
ATOM   141  N  N    . GLU A 1 22  ? -3.724  7.555   13.480  1.00 14.45 ? 146 GLU A N    1 
ATOM   142  C  CA   . GLU A 1 22  ? -3.854  6.358   12.655  1.00 14.20 ? 146 GLU A CA   1 
ATOM   143  C  C    . GLU A 1 22  ? -3.147  6.558   11.318  1.00 14.09 ? 146 GLU A C    1 
ATOM   144  O  O    . GLU A 1 22  ? -2.435  5.668   10.846  1.00 13.41 ? 146 GLU A O    1 
ATOM   145  C  CB   . GLU A 1 22  ? -5.335  6.016   12.451  1.00 14.95 ? 146 GLU A CB   1 
ATOM   146  C  CG   . GLU A 1 22  ? -6.094  5.904   13.771  1.00 17.76 ? 146 GLU A CG   1 
ATOM   147  C  CD   . GLU A 1 22  ? -7.556  5.540   13.602  1.00 19.11 ? 146 GLU A CD   1 
ATOM   148  O  OE1  . GLU A 1 22  ? -8.159  5.927   12.578  1.00 17.78 ? 146 GLU A OE1  1 
ATOM   149  O  OE2  . GLU A 1 22  ? -8.111  4.881   14.506  1.00 19.15 ? 146 GLU A OE2  1 
ATOM   150  N  N    . PHE A 1 23  ? -3.331  7.733   10.720  1.00 12.82 ? 147 PHE A N    1 
ATOM   151  C  CA   . PHE A 1 23  ? -2.683  8.058   9.450   1.00 12.32 ? 147 PHE A CA   1 
ATOM   152  C  C    . PHE A 1 23  ? -1.165  8.048   9.656   1.00 14.21 ? 147 PHE A C    1 
ATOM   153  O  O    . PHE A 1 23  ? -0.415  7.540   8.822   1.00 11.47 ? 147 PHE A O    1 
ATOM   154  C  CB   . PHE A 1 23  ? -3.137  9.446   8.972   1.00 12.78 ? 147 PHE A CB   1 
ATOM   155  C  CG   . PHE A 1 23  ? -2.676  9.798   7.582   1.00 10.93 ? 147 PHE A CG   1 
ATOM   156  C  CD1  . PHE A 1 23  ? -3.158  9.101   6.476   1.00 12.77 ? 147 PHE A CD1  1 
ATOM   157  C  CD2  . PHE A 1 23  ? -1.776  10.839  7.377   1.00 12.24 ? 147 PHE A CD2  1 
ATOM   158  C  CE1  . PHE A 1 23  ? -2.749  9.440   5.187   1.00 12.16 ? 147 PHE A CE1  1 
ATOM   159  C  CE2  . PHE A 1 23  ? -1.361  11.187  6.096   1.00 11.78 ? 147 PHE A CE2  1 
ATOM   160  C  CZ   . PHE A 1 23  ? -1.849  10.485  4.995   1.00 11.89 ? 147 PHE A CZ   1 
ATOM   161  N  N    . GLN A 1 24  ? -0.712  8.607   10.772  1.00 13.48 ? 148 GLN A N    1 
ATOM   162  C  CA   . GLN A 1 24  ? 0.718   8.633   11.058  1.00 15.00 ? 148 GLN A CA   1 
ATOM   163  C  C    . GLN A 1 24  ? 1.287   7.226   11.215  1.00 13.21 ? 148 GLN A C    1 
ATOM   164  O  O    . GLN A 1 24  ? 2.408   6.957   10.787  1.00 14.21 ? 148 GLN A O    1 
ATOM   165  C  CB   . GLN A 1 24  ? 0.996   9.454   12.321  1.00 17.50 ? 148 GLN A CB   1 
ATOM   166  C  CG   . GLN A 1 24  ? 0.742   10.941  12.130  1.00 22.85 ? 148 GLN A CG   1 
ATOM   167  C  CD   . GLN A 1 24  ? 1.678   11.566  11.108  1.00 25.49 ? 148 GLN A CD   1 
ATOM   168  O  OE1  . GLN A 1 24  ? 1.320   12.530  10.426  1.00 30.38 ? 148 GLN A OE1  1 
ATOM   169  N  NE2  . GLN A 1 24  ? 2.886   11.029  11.006  1.00 24.97 ? 148 GLN A NE2  1 
ATOM   170  N  N    . LYS A 1 25  ? 0.521   6.327   11.823  1.00 12.97 ? 149 LYS A N    1 
ATOM   171  C  CA   . LYS A 1 25  ? 1.005   4.961   11.999  1.00 12.57 ? 149 LYS A CA   1 
ATOM   172  C  C    . LYS A 1 25  ? 1.146   4.265   10.652  1.00 12.37 ? 149 LYS A C    1 
ATOM   173  O  O    . LYS A 1 25  ? 2.010   3.403   10.479  1.00 10.87 ? 149 LYS A O    1 
ATOM   174  C  CB   . LYS A 1 25  ? 0.073   4.171   12.921  1.00 14.06 ? 149 LYS A CB   1 
ATOM   175  C  CG   . LYS A 1 25  ? 0.242   4.543   14.392  1.00 15.81 ? 149 LYS A CG   1 
ATOM   176  C  CD   . LYS A 1 25  ? -0.724  3.777   15.281  1.00 19.18 ? 149 LYS A CD   1 
ATOM   177  C  CE   . LYS A 1 25  ? -0.433  4.041   16.749  1.00 23.41 ? 149 LYS A CE   1 
ATOM   178  N  NZ   . LYS A 1 25  ? -0.469  5.491   17.074  1.00 23.83 ? 149 LYS A NZ   1 
ATOM   179  N  N    . ILE A 1 26  ? 0.300   4.636   9.698   1.00 10.09 ? 150 ILE A N    1 
ATOM   180  C  CA   . ILE A 1 26  ? 0.388   4.042   8.367   1.00 11.67 ? 150 ILE A CA   1 
ATOM   181  C  C    . ILE A 1 26  ? 1.670   4.556   7.710   1.00 11.76 ? 150 ILE A C    1 
ATOM   182  O  O    . ILE A 1 26  ? 2.439   3.788   7.128   1.00 12.29 ? 150 ILE A O    1 
ATOM   183  C  CB   . ILE A 1 26  ? -0.835  4.416   7.498   1.00 10.74 ? 150 ILE A CB   1 
ATOM   184  C  CG1  . ILE A 1 26  ? -2.073  3.672   8.007   1.00 12.72 ? 150 ILE A CG1  1 
ATOM   185  C  CG2  . ILE A 1 26  ? -0.579  4.048   6.042   1.00 13.62 ? 150 ILE A CG2  1 
ATOM   186  C  CD1  . ILE A 1 26  ? -3.341  3.946   7.193   1.00 14.04 ? 150 ILE A CD1  1 
ATOM   187  N  N    . LEU A 1 27  ? 1.902   5.858   7.820   1.00 10.82 ? 151 LEU A N    1 
ATOM   188  C  CA   . LEU A 1 27  ? 3.098   6.458   7.252   1.00 11.19 ? 151 LEU A CA   1 
ATOM   189  C  C    . LEU A 1 27  ? 4.345   5.848   7.895   1.00 11.54 ? 151 LEU A C    1 
ATOM   190  O  O    . LEU A 1 27  ? 5.327   5.566   7.208   1.00 9.69  ? 151 LEU A O    1 
ATOM   191  C  CB   . LEU A 1 27  ? 3.100   7.971   7.476   1.00 11.98 ? 151 LEU A CB   1 
ATOM   192  C  CG   . LEU A 1 27  ? 1.995   8.774   6.787   1.00 13.34 ? 151 LEU A CG   1 
ATOM   193  C  CD1  . LEU A 1 27  ? 2.109   10.232  7.192   1.00 16.54 ? 151 LEU A CD1  1 
ATOM   194  C  CD2  . LEU A 1 27  ? 2.111   8.626   5.280   1.00 16.18 ? 151 LEU A CD2  1 
ATOM   195  N  N    . ASP A 1 28  ? 4.301   5.644   9.210   1.00 13.44 ? 152 ASP A N    1 
ATOM   196  C  CA   . ASP A 1 28  ? 5.447   5.069   9.915   1.00 13.91 ? 152 ASP A CA   1 
ATOM   197  C  C    . ASP A 1 28  ? 5.730   3.630   9.492   1.00 13.51 ? 152 ASP A C    1 
ATOM   198  O  O    . ASP A 1 28  ? 6.887   3.213   9.445   1.00 13.16 ? 152 ASP A O    1 
ATOM   199  C  CB   . ASP A 1 28  ? 5.245   5.130   11.433  1.00 17.57 ? 152 ASP A CB   1 
ATOM   200  C  CG   . ASP A 1 28  ? 5.339   6.543   11.977  1.00 21.94 ? 152 ASP A CG   1 
ATOM   201  O  OD1  . ASP A 1 28  ? 6.040   7.375   11.363  1.00 25.25 ? 152 ASP A OD1  1 
ATOM   202  O  OD2  . ASP A 1 28  ? 4.726   6.816   13.029  1.00 25.42 ? 152 ASP A OD2  1 
ATOM   203  N  N    . PHE A 1 29  ? 4.675   2.874   9.194   1.00 13.56 ? 153 PHE A N    1 
ATOM   204  C  CA   . PHE A 1 29  ? 4.829   1.487   8.754   1.00 13.28 ? 153 PHE A CA   1 
ATOM   205  C  C    . PHE A 1 29  ? 5.585   1.466   7.428   1.00 13.40 ? 153 PHE A C    1 
ATOM   206  O  O    . PHE A 1 29  ? 6.511   0.681   7.243   1.00 12.42 ? 153 PHE A O    1 
ATOM   207  C  CB   . PHE A 1 29  ? 3.460   0.830   8.568   1.00 13.32 ? 153 PHE A CB   1 
ATOM   208  C  CG   . PHE A 1 29  ? 3.514   -0.541  7.932   1.00 14.80 ? 153 PHE A CG   1 
ATOM   209  C  CD1  . PHE A 1 29  ? 3.938   -1.648  8.657   1.00 14.08 ? 153 PHE A CD1  1 
ATOM   210  C  CD2  . PHE A 1 29  ? 3.121   -0.720  6.608   1.00 14.06 ? 153 PHE A CD2  1 
ATOM   211  C  CE1  . PHE A 1 29  ? 3.967   -2.922  8.077   1.00 15.93 ? 153 PHE A CE1  1 
ATOM   212  C  CE2  . PHE A 1 29  ? 3.146   -1.986  6.015   1.00 14.17 ? 153 PHE A CE2  1 
ATOM   213  C  CZ   . PHE A 1 29  ? 3.569   -3.090  6.751   1.00 14.46 ? 153 PHE A CZ   1 
ATOM   214  N  N    . MET A 1 30  ? 5.174   2.320   6.495   1.00 12.63 ? 154 MET A N    1 
ATOM   215  C  CA   . MET A 1 30  ? 5.843   2.382   5.201   1.00 12.62 ? 154 MET A CA   1 
ATOM   216  C  C    . MET A 1 30  ? 7.315   2.763   5.379   1.00 11.86 ? 154 MET A C    1 
ATOM   217  O  O    . MET A 1 30  ? 8.198   2.165   4.768   1.00 10.04 ? 154 MET A O    1 
ATOM   218  C  CB   . MET A 1 30  ? 5.135   3.387   4.287   1.00 13.06 ? 154 MET A CB   1 
ATOM   219  C  CG   . MET A 1 30  ? 3.696   3.008   3.991   1.00 13.54 ? 154 MET A CG   1 
ATOM   220  S  SD   . MET A 1 30  ? 2.896   4.138   2.825   1.00 17.40 ? 154 MET A SD   1 
ATOM   221  C  CE   . MET A 1 30  ? 2.553   5.531   3.900   1.00 17.93 ? 154 MET A CE   1 
ATOM   222  N  N    . LYS A 1 31  ? 7.582   3.756   6.221   1.00 10.98 ? 155 LYS A N    1 
ATOM   223  C  CA   . LYS A 1 31  ? 8.957   4.184   6.462   1.00 12.71 ? 155 LYS A CA   1 
ATOM   224  C  C    . LYS A 1 31  ? 9.789   3.059   7.070   1.00 12.58 ? 155 LYS A C    1 
ATOM   225  O  O    . LYS A 1 31  ? 10.921  2.824   6.644   1.00 13.43 ? 155 LYS A O    1 
ATOM   226  C  CB   . LYS A 1 31  ? 8.994   5.390   7.403   1.00 12.58 ? 155 LYS A CB   1 
ATOM   227  C  CG   . LYS A 1 31  ? 8.351   6.644   6.841   1.00 17.01 ? 155 LYS A CG   1 
ATOM   228  C  CD   . LYS A 1 31  ? 8.296   7.732   7.906   1.00 20.48 ? 155 LYS A CD   1 
ATOM   229  C  CE   . LYS A 1 31  ? 7.469   8.918   7.443   1.00 24.09 ? 155 LYS A CE   1 
ATOM   230  N  NZ   . LYS A 1 31  ? 7.288   9.911   8.543   1.00 28.06 ? 155 LYS A NZ   1 
ATOM   231  N  N    . ASP A 1 32  ? 9.233   2.373   8.068   1.00 12.95 ? 156 ASP A N    1 
ATOM   232  C  CA   . ASP A 1 32  ? 9.949   1.280   8.725   1.00 13.01 ? 156 ASP A CA   1 
ATOM   233  C  C    . ASP A 1 32  ? 10.274  0.151   7.750   1.00 13.13 ? 156 ASP A C    1 
ATOM   234  O  O    . ASP A 1 32  ? 11.368  -0.421  7.789   1.00 12.88 ? 156 ASP A O    1 
ATOM   235  C  CB   . ASP A 1 32  ? 9.146   0.735   9.916   1.00 12.76 ? 156 ASP A CB   1 
ATOM   236  C  CG   . ASP A 1 32  ? 9.054   1.730   11.068  1.00 16.37 ? 156 ASP A CG   1 
ATOM   237  O  OD1  . ASP A 1 32  ? 9.986   2.542   11.231  1.00 18.36 ? 156 ASP A OD1  1 
ATOM   238  O  OD2  . ASP A 1 32  ? 8.059   1.692   11.822  1.00 21.01 ? 156 ASP A OD2  1 
ATOM   239  N  N    . VAL A 1 33  ? 9.329   -0.172  6.873   1.00 12.54 ? 157 VAL A N    1 
ATOM   240  C  CA   . VAL A 1 33  ? 9.558   -1.220  5.886   1.00 11.70 ? 157 VAL A CA   1 
ATOM   241  C  C    . VAL A 1 33  ? 10.671  -0.799  4.926   1.00 13.18 ? 157 VAL A C    1 
ATOM   242  O  O    . VAL A 1 33  ? 11.583  -1.577  4.636   1.00 13.45 ? 157 VAL A O    1 
ATOM   243  C  CB   . VAL A 1 33  ? 8.275   -1.512  5.064   1.00 11.94 ? 157 VAL A CB   1 
ATOM   244  C  CG1  . VAL A 1 33  ? 8.607   -2.414  3.873   1.00 12.65 ? 157 VAL A CG1  1 
ATOM   245  C  CG2  . VAL A 1 33  ? 7.232   -2.177  5.950   1.00 11.12 ? 157 VAL A CG2  1 
ATOM   246  N  N    . MET A 1 34  ? 10.599  0.433   4.431   1.00 12.02 ? 158 MET A N    1 
ATOM   247  C  CA   . MET A 1 34  ? 11.603  0.920   3.497   1.00 12.61 ? 158 MET A CA   1 
ATOM   248  C  C    . MET A 1 34  ? 12.988  0.965   4.118   1.00 14.01 ? 158 MET A C    1 
ATOM   249  O  O    . MET A 1 34  ? 13.969  0.588   3.481   1.00 14.79 ? 158 MET A O    1 
ATOM   250  C  CB   . MET A 1 34  ? 11.214  2.300   2.967   1.00 14.05 ? 158 MET A CB   1 
ATOM   251  C  CG   . MET A 1 34  ? 10.030  2.245   2.012   1.00 13.98 ? 158 MET A CG   1 
ATOM   252  S  SD   . MET A 1 34  ? 9.712   3.819   1.222   1.00 18.46 ? 158 MET A SD   1 
ATOM   253  C  CE   . MET A 1 34  ? 8.614   4.552   2.397   1.00 15.37 ? 158 MET A CE   1 
ATOM   254  N  N    . LYS A 1 35  ? 13.066  1.408   5.365   1.00 13.50 ? 159 LYS A N    1 
ATOM   255  C  CA   . LYS A 1 35  ? 14.350  1.476   6.045   1.00 13.77 ? 159 LYS A CA   1 
ATOM   256  C  C    . LYS A 1 35  ? 14.960  0.089   6.205   1.00 15.10 ? 159 LYS A C    1 
ATOM   257  O  O    . LYS A 1 35  ? 16.156  -0.095  5.991   1.00 16.40 ? 159 LYS A O    1 
ATOM   258  C  CB   . LYS A 1 35  ? 14.181  2.156   7.402   1.00 14.19 ? 159 LYS A CB   1 
ATOM   259  C  CG   . LYS A 1 35  ? 13.824  3.628   7.264   1.00 15.15 ? 159 LYS A CG   1 
ATOM   260  C  CD   . LYS A 1 35  ? 13.526  4.274   8.602   1.00 17.56 ? 159 LYS A CD   1 
ATOM   261  C  CE   . LYS A 1 35  ? 13.200  5.751   8.429   1.00 19.66 ? 159 LYS A CE   1 
ATOM   262  N  NZ   . LYS A 1 35  ? 12.766  6.371   9.711   1.00 21.33 ? 159 LYS A NZ   1 
ATOM   263  N  N    . LYS A 1 36  ? 14.135  -0.887  6.562   1.00 14.78 ? 160 LYS A N    1 
ATOM   264  C  CA   . LYS A 1 36  ? 14.602  -2.259  6.745   1.00 16.56 ? 160 LYS A CA   1 
ATOM   265  C  C    . LYS A 1 36  ? 15.134  -2.848  5.441   1.00 17.14 ? 160 LYS A C    1 
ATOM   266  O  O    . LYS A 1 36  ? 16.120  -3.589  5.439   1.00 16.95 ? 160 LYS A O    1 
ATOM   267  C  CB   . LYS A 1 36  ? 13.455  -3.135  7.271   1.00 16.54 ? 160 LYS A CB   1 
ATOM   268  C  CG   . LYS A 1 36  ? 13.796  -4.620  7.429   1.00 19.88 ? 160 LYS A CG   1 
ATOM   269  C  CD   . LYS A 1 36  ? 14.821  -4.846  8.531   1.00 24.90 ? 160 LYS A CD   1 
ATOM   270  C  CE   . LYS A 1 36  ? 15.097  -6.333  8.737   1.00 26.56 ? 160 LYS A CE   1 
ATOM   271  N  NZ   . LYS A 1 36  ? 16.023  -6.569  9.886   1.00 30.16 ? 160 LYS A NZ   1 
ATOM   272  N  N    . LEU A 1 37  ? 14.487  -2.503  4.331   1.00 15.62 ? 161 LEU A N    1 
ATOM   273  C  CA   . LEU A 1 37  ? 14.871  -3.018  3.018   1.00 16.22 ? 161 LEU A CA   1 
ATOM   274  C  C    . LEU A 1 37  ? 15.737  -2.067  2.183   1.00 16.12 ? 161 LEU A C    1 
ATOM   275  O  O    . LEU A 1 37  ? 15.805  -2.194  0.958   1.00 16.43 ? 161 LEU A O    1 
ATOM   276  C  CB   . LEU A 1 37  ? 13.602  -3.379  2.236   1.00 15.57 ? 161 LEU A CB   1 
ATOM   277  C  CG   . LEU A 1 37  ? 12.725  -4.448  2.902   1.00 16.15 ? 161 LEU A CG   1 
ATOM   278  C  CD1  . LEU A 1 37  ? 11.404  -4.587  2.148   1.00 16.01 ? 161 LEU A CD1  1 
ATOM   279  C  CD2  . LEU A 1 37  ? 13.474  -5.772  2.920   1.00 17.44 ? 161 LEU A CD2  1 
ATOM   280  N  N    . SER A 1 38  ? 16.412  -1.129  2.842   1.00 17.54 ? 162 SER A N    1 
ATOM   281  C  CA   . SER A 1 38  ? 17.244  -0.164  2.132   1.00 18.49 ? 162 SER A CA   1 
ATOM   282  C  C    . SER A 1 38  ? 18.445  -0.796  1.435   1.00 20.04 ? 162 SER A C    1 
ATOM   283  O  O    . SER A 1 38  ? 18.820  -0.379  0.342   1.00 21.18 ? 162 SER A O    1 
ATOM   284  C  CB   . SER A 1 38  ? 17.737  0.925   3.089   1.00 19.42 ? 162 SER A CB   1 
ATOM   285  O  OG   . SER A 1 38  ? 18.647  0.395   4.037   1.00 23.05 ? 162 SER A OG   1 
ATOM   286  N  N    . ASN A 1 39  ? 19.039  -1.803  2.064   1.00 21.35 ? 163 ASN A N    1 
ATOM   287  C  CA   . ASN A 1 39  ? 20.211  -2.467  1.501   1.00 22.20 ? 163 ASN A CA   1 
ATOM   288  C  C    . ASN A 1 39  ? 19.849  -3.694  0.670   1.00 22.81 ? 163 ASN A C    1 
ATOM   289  O  O    . ASN A 1 39  ? 20.527  -4.723  0.730   1.00 24.84 ? 163 ASN A O    1 
ATOM   290  C  CB   . ASN A 1 39  ? 21.171  -2.870  2.628   1.00 22.93 ? 163 ASN A CB   1 
ATOM   291  C  CG   . ASN A 1 39  ? 22.522  -3.334  2.111   0.00 22.69 ? 163 ASN A CG   1 
ATOM   292  O  OD1  . ASN A 1 39  ? 23.380  -3.761  2.883   0.00 22.77 ? 163 ASN A OD1  1 
ATOM   293  N  ND2  . ASN A 1 39  ? 22.719  -3.249  0.800   0.00 22.77 ? 163 ASN A ND2  1 
ATOM   294  N  N    . THR A 1 40  ? 18.776  -3.585  -0.107  1.00 21.42 ? 164 THR A N    1 
ATOM   295  C  CA   . THR A 1 40  ? 18.346  -4.689  -0.953  1.00 19.32 ? 164 THR A CA   1 
ATOM   296  C  C    . THR A 1 40  ? 18.063  -4.140  -2.341  1.00 18.34 ? 164 THR A C    1 
ATOM   297  O  O    . THR A 1 40  ? 18.291  -2.960  -2.607  1.00 18.37 ? 164 THR A O    1 
ATOM   298  C  CB   . THR A 1 40  ? 17.054  -5.344  -0.427  1.00 19.69 ? 164 THR A CB   1 
ATOM   299  O  OG1  . THR A 1 40  ? 15.951  -4.449  -0.628  1.00 17.81 ? 164 THR A OG1  1 
ATOM   300  C  CG2  . THR A 1 40  ? 17.181  -5.665  1.055   1.00 17.46 ? 164 THR A CG2  1 
ATOM   301  N  N    . SER A 1 41  ? 17.563  -4.996  -3.225  1.00 17.62 ? 165 SER A N    1 
ATOM   302  C  CA   . SER A 1 41  ? 17.242  -4.574  -4.578  1.00 17.12 ? 165 SER A CA   1 
ATOM   303  C  C    . SER A 1 41  ? 15.817  -4.040  -4.672  1.00 16.25 ? 165 SER A C    1 
ATOM   304  O  O    . SER A 1 41  ? 15.289  -3.834  -5.765  1.00 15.75 ? 165 SER A O    1 
ATOM   305  C  CB   . SER A 1 41  ? 17.443  -5.734  -5.551  1.00 19.59 ? 165 SER A CB   1 
ATOM   306  O  OG   . SER A 1 41  ? 18.814  -6.086  -5.606  1.00 25.49 ? 165 SER A OG   1 
ATOM   307  N  N    . TYR A 1 42  ? 15.196  -3.820  -3.519  1.00 14.14 ? 166 TYR A N    1 
ATOM   308  C  CA   . TYR A 1 42  ? 13.846  -3.273  -3.482  1.00 14.35 ? 166 TYR A CA   1 
ATOM   309  C  C    . TYR A 1 42  ? 13.839  -1.822  -3.939  1.00 14.39 ? 166 TYR A C    1 
ATOM   310  O  O    . TYR A 1 42  ? 14.756  -1.053  -3.635  1.00 14.42 ? 166 TYR A O    1 
ATOM   311  C  CB   . TYR A 1 42  ? 13.274  -3.316  -2.064  1.00 13.25 ? 166 TYR A CB   1 
ATOM   312  C  CG   . TYR A 1 42  ? 12.326  -4.459  -1.803  1.00 13.87 ? 166 TYR A CG   1 
ATOM   313  C  CD1  . TYR A 1 42  ? 12.800  -5.755  -1.605  1.00 15.08 ? 166 TYR A CD1  1 
ATOM   314  C  CD2  . TYR A 1 42  ? 10.948  -4.242  -1.743  1.00 13.79 ? 166 TYR A CD2  1 
ATOM   315  C  CE1  . TYR A 1 42  ? 11.923  -6.807  -1.346  1.00 16.24 ? 166 TYR A CE1  1 
ATOM   316  C  CE2  . TYR A 1 42  ? 10.065  -5.286  -1.488  1.00 15.24 ? 166 TYR A CE2  1 
ATOM   317  C  CZ   . TYR A 1 42  ? 10.561  -6.562  -1.288  1.00 14.76 ? 166 TYR A CZ   1 
ATOM   318  O  OH   . TYR A 1 42  ? 9.693   -7.587  -1.001  1.00 16.50 ? 166 TYR A OH   1 
ATOM   319  N  N    . GLN A 1 43  ? 12.783  -1.458  -4.657  1.00 12.91 ? 167 GLN A N    1 
ATOM   320  C  CA   . GLN A 1 43  ? 12.581  -0.104  -5.154  1.00 14.75 ? 167 GLN A CA   1 
ATOM   321  C  C    . GLN A 1 43  ? 11.156  0.216   -4.704  1.00 11.98 ? 167 GLN A C    1 
ATOM   322  O  O    . GLN A 1 43  ? 10.295  -0.655  -4.756  1.00 11.37 ? 167 GLN A O    1 
ATOM   323  C  CB   . GLN A 1 43  ? 12.668  -0.105  -6.676  1.00 19.51 ? 167 GLN A CB   1 
ATOM   324  C  CG   . GLN A 1 43  ? 13.222  1.151   -7.276  1.00 23.55 ? 167 GLN A CG   1 
ATOM   325  C  CD   . GLN A 1 43  ? 13.476  0.992   -8.755  1.00 23.50 ? 167 GLN A CD   1 
ATOM   326  O  OE1  . GLN A 1 43  ? 12.546  0.770   -9.536  1.00 22.77 ? 167 GLN A OE1  1 
ATOM   327  N  NE2  . GLN A 1 43  ? 14.741  1.091   -9.151  1.00 23.34 ? 167 GLN A NE2  1 
ATOM   328  N  N    . PHE A 1 44  ? 10.904  1.448   -4.267  1.00 10.40 ? 168 PHE A N    1 
ATOM   329  C  CA   . PHE A 1 44  ? 9.576   1.814   -3.769  1.00 10.44 ? 168 PHE A CA   1 
ATOM   330  C  C    . PHE A 1 44  ? 8.937   3.039   -4.395  1.00 9.38  ? 168 PHE A C    1 
ATOM   331  O  O    . PHE A 1 44  ? 9.621   3.931   -4.886  1.00 10.67 ? 168 PHE A O    1 
ATOM   332  C  CB   . PHE A 1 44  ? 9.641   2.087   -2.264  1.00 10.60 ? 168 PHE A CB   1 
ATOM   333  C  CG   . PHE A 1 44  ? 10.069  0.913   -1.449  1.00 9.74  ? 168 PHE A CG   1 
ATOM   334  C  CD1  . PHE A 1 44  ? 9.140   -0.024  -1.017  1.00 11.01 ? 168 PHE A CD1  1 
ATOM   335  C  CD2  . PHE A 1 44  ? 11.409  0.740   -1.116  1.00 9.98  ? 168 PHE A CD2  1 
ATOM   336  C  CE1  . PHE A 1 44  ? 9.535   -1.123  -0.259  1.00 12.88 ? 168 PHE A CE1  1 
ATOM   337  C  CE2  . PHE A 1 44  ? 11.816  -0.351  -0.362  1.00 12.26 ? 168 PHE A CE2  1 
ATOM   338  C  CZ   . PHE A 1 44  ? 10.876  -1.285  0.068   1.00 12.22 ? 168 PHE A CZ   1 
ATOM   339  N  N    . ALA A 1 45  ? 7.610   3.064   -4.332  1.00 8.70  ? 169 ALA A N    1 
ATOM   340  C  CA   . ALA A 1 45  ? 6.795   4.186   -4.790  1.00 8.73  ? 169 ALA A CA   1 
ATOM   341  C  C    . ALA A 1 45  ? 5.618   4.201   -3.814  1.00 9.67  ? 169 ALA A C    1 
ATOM   342  O  O    . ALA A 1 45  ? 5.258   3.163   -3.255  1.00 8.57  ? 169 ALA A O    1 
ATOM   343  C  CB   . ALA A 1 45  ? 6.300   3.964   -6.220  1.00 9.04  ? 169 ALA A CB   1 
ATOM   344  N  N    . ALA A 1 46  ? 5.026   5.368   -3.585  1.00 9.83  ? 170 ALA A N    1 
ATOM   345  C  CA   . ALA A 1 46  ? 3.896   5.446   -2.666  1.00 10.43 ? 170 ALA A CA   1 
ATOM   346  C  C    . ALA A 1 46  ? 2.805   6.326   -3.246  1.00 10.93 ? 170 ALA A C    1 
ATOM   347  O  O    . ALA A 1 46  ? 3.077   7.403   -3.772  1.00 11.08 ? 170 ALA A O    1 
ATOM   348  C  CB   . ALA A 1 46  ? 4.343   5.994   -1.315  1.00 11.74 ? 170 ALA A CB   1 
ATOM   349  N  N    . VAL A 1 47  ? 1.570   5.850   -3.139  1.00 9.85  ? 171 VAL A N    1 
ATOM   350  C  CA   . VAL A 1 47  ? 0.412   6.573   -3.654  1.00 8.57  ? 171 VAL A CA   1 
ATOM   351  C  C    . VAL A 1 47  ? -0.650  6.687   -2.570  1.00 7.76  ? 171 VAL A C    1 
ATOM   352  O  O    . VAL A 1 47  ? -1.017  5.691   -1.950  1.00 8.50  ? 171 VAL A O    1 
ATOM   353  C  CB   . VAL A 1 47  ? -0.210  5.819   -4.845  1.00 9.20  ? 171 VAL A CB   1 
ATOM   354  C  CG1  . VAL A 1 47  ? -1.486  6.522   -5.302  1.00 11.16 ? 171 VAL A CG1  1 
ATOM   355  C  CG2  . VAL A 1 47  ? 0.795   5.722   -5.975  1.00 12.16 ? 171 VAL A CG2  1 
ATOM   356  N  N    . GLN A 1 48  ? -1.134  7.902   -2.327  1.00 8.44  ? 172 GLN A N    1 
ATOM   357  C  CA   . GLN A 1 48  ? -2.187  8.089   -1.344  1.00 7.00  ? 172 GLN A CA   1 
ATOM   358  C  C    . GLN A 1 48  ? -3.498  8.122   -2.114  1.00 7.72  ? 172 GLN A C    1 
ATOM   359  O  O    . GLN A 1 48  ? -3.557  8.699   -3.197  1.00 9.34  ? 172 GLN A O    1 
ATOM   360  C  CB   . GLN A 1 48  ? -2.028  9.413   -0.593  1.00 8.74  ? 172 GLN A CB   1 
ATOM   361  C  CG   . GLN A 1 48  ? -3.074  9.583   0.508   1.00 8.75  ? 172 GLN A CG   1 
ATOM   362  C  CD   . GLN A 1 48  ? -3.037  10.950  1.182   1.00 8.96  ? 172 GLN A CD   1 
ATOM   363  O  OE1  . GLN A 1 48  ? -2.139  11.759  0.942   1.00 13.63 ? 172 GLN A OE1  1 
ATOM   364  N  NE2  . GLN A 1 48  ? -4.019  11.205  2.035   1.00 7.11  ? 172 GLN A NE2  1 
ATOM   365  N  N    . PHE A 1 49  ? -4.533  7.484   -1.577  1.00 8.73  ? 173 PHE A N    1 
ATOM   366  C  CA   . PHE A 1 49  ? -5.832  7.513   -2.237  1.00 10.09 ? 173 PHE A CA   1 
ATOM   367  C  C    . PHE A 1 49  ? -6.957  7.831   -1.264  1.00 10.55 ? 173 PHE A C    1 
ATOM   368  O  O    . PHE A 1 49  ? -6.943  7.420   -0.106  1.00 12.09 ? 173 PHE A O    1 
ATOM   369  C  CB   . PHE A 1 49  ? -6.138  6.186   -2.968  1.00 10.57 ? 173 PHE A CB   1 
ATOM   370  C  CG   . PHE A 1 49  ? -6.558  5.052   -2.063  1.00 10.91 ? 173 PHE A CG   1 
ATOM   371  C  CD1  . PHE A 1 49  ? -5.609  4.280   -1.400  1.00 10.23 ? 173 PHE A CD1  1 
ATOM   372  C  CD2  . PHE A 1 49  ? -7.907  4.740   -1.899  1.00 9.91  ? 173 PHE A CD2  1 
ATOM   373  C  CE1  . PHE A 1 49  ? -5.992  3.216   -0.589  1.00 11.58 ? 173 PHE A CE1  1 
ATOM   374  C  CE2  . PHE A 1 49  ? -8.305  3.677   -1.090  1.00 12.03 ? 173 PHE A CE2  1 
ATOM   375  C  CZ   . PHE A 1 49  ? -7.342  2.911   -0.432  1.00 11.73 ? 173 PHE A CZ   1 
ATOM   376  N  N    . SER A 1 50  ? -7.924  8.600   -1.747  1.00 8.93  ? 174 SER A N    1 
ATOM   377  C  CA   . SER A 1 50  ? -9.095  8.958   -0.964  1.00 10.30 ? 174 SER A CA   1 
ATOM   378  C  C    . SER A 1 50  ? -10.135 9.103   -2.065  1.00 11.57 ? 174 SER A C    1 
ATOM   379  O  O    . SER A 1 50  ? -10.541 8.106   -2.653  1.00 11.73 ? 174 SER A O    1 
ATOM   380  C  CB   . SER A 1 50  ? -8.877  10.280  -0.223  1.00 10.36 ? 174 SER A CB   1 
ATOM   381  O  OG   . SER A 1 50  ? -9.953  10.531  0.665   1.00 12.73 ? 174 SER A OG   1 
ATOM   382  N  N    . THR A 1 51  ? -10.564 10.325  -2.351  1.00 13.27 ? 175 THR A N    1 
ATOM   383  C  CA   . THR A 1 51  ? -11.504 10.518  -3.449  1.00 12.96 ? 175 THR A CA   1 
ATOM   384  C  C    . THR A 1 51  ? -10.674 10.477  -4.734  1.00 12.46 ? 175 THR A C    1 
ATOM   385  O  O    . THR A 1 51  ? -11.055 9.835   -5.717  1.00 13.95 ? 175 THR A O    1 
ATOM   386  C  CB   . THR A 1 51  ? -12.240 11.869  -3.335  1.00 13.18 ? 175 THR A CB   1 
ATOM   387  O  OG1  . THR A 1 51  ? -13.226 11.776  -2.300  1.00 13.37 ? 175 THR A OG1  1 
ATOM   388  C  CG2  . THR A 1 51  ? -12.930 12.224  -4.654  1.00 14.59 ? 175 THR A CG2  1 
ATOM   389  N  N    . SER A 1 52  ? -9.531  11.158  -4.713  1.00 13.86 ? 176 SER A N    1 
ATOM   390  C  CA   . SER A 1 52  ? -8.621  11.191  -5.854  1.00 14.39 ? 176 SER A CA   1 
ATOM   391  C  C    . SER A 1 52  ? -7.336  10.445  -5.489  1.00 14.96 ? 176 SER A C    1 
ATOM   392  O  O    . SER A 1 52  ? -7.211  9.919   -4.382  1.00 12.62 ? 176 SER A O    1 
ATOM   393  C  CB   . SER A 1 52  ? -8.284  12.634  -6.231  1.00 18.27 ? 176 SER A CB   1 
ATOM   394  O  OG   . SER A 1 52  ? -7.545  13.265  -5.199  1.00 25.65 ? 176 SER A OG   1 
ATOM   395  N  N    . TYR A 1 53  ? -6.377  10.425  -6.410  1.00 13.46 ? 177 TYR A N    1 
ATOM   396  C  CA   . TYR A 1 53  ? -5.116  9.718   -6.187  1.00 14.49 ? 177 TYR A CA   1 
ATOM   397  C  C    . TYR A 1 53  ? -3.907  10.619  -6.384  1.00 15.52 ? 177 TYR A C    1 
ATOM   398  O  O    . TYR A 1 53  ? -3.899  11.485  -7.261  1.00 15.44 ? 177 TYR A O    1 
ATOM   399  C  CB   . TYR A 1 53  ? -5.030  8.533   -7.149  1.00 14.44 ? 177 TYR A CB   1 
ATOM   400  C  CG   . TYR A 1 53  ? -6.380  7.922   -7.425  1.00 16.24 ? 177 TYR A CG   1 
ATOM   401  C  CD1  . TYR A 1 53  ? -7.130  7.353   -6.396  1.00 17.44 ? 177 TYR A CD1  1 
ATOM   402  C  CD2  . TYR A 1 53  ? -6.943  7.977   -8.699  1.00 17.88 ? 177 TYR A CD2  1 
ATOM   403  C  CE1  . TYR A 1 53  ? -8.405  6.861   -6.625  1.00 20.03 ? 177 TYR A CE1  1 
ATOM   404  C  CE2  . TYR A 1 53  ? -8.220  7.484   -8.939  1.00 21.02 ? 177 TYR A CE2  1 
ATOM   405  C  CZ   . TYR A 1 53  ? -8.944  6.932   -7.898  1.00 20.79 ? 177 TYR A CZ   1 
ATOM   406  O  OH   . TYR A 1 53  ? -10.215 6.464   -8.127  1.00 26.20 ? 177 TYR A OH   1 
ATOM   407  N  N    . LYS A 1 54  ? -2.876  10.410  -5.572  1.00 13.68 ? 178 LYS A N    1 
ATOM   408  C  CA   . LYS A 1 54  ? -1.670  11.211  -5.691  1.00 13.84 ? 178 LYS A CA   1 
ATOM   409  C  C    . LYS A 1 54  ? -0.423  10.382  -5.450  1.00 14.57 ? 178 LYS A C    1 
ATOM   410  O  O    . LYS A 1 54  ? -0.319  9.680   -4.443  1.00 13.17 ? 178 LYS A O    1 
ATOM   411  C  CB   . LYS A 1 54  ? -1.689  12.374  -4.697  1.00 16.58 ? 178 LYS A CB   1 
ATOM   412  C  CG   . LYS A 1 54  ? -0.409  13.200  -4.721  1.00 18.13 ? 178 LYS A CG   1 
ATOM   413  C  CD   . LYS A 1 54  ? -0.488  14.407  -3.800  1.00 20.75 ? 178 LYS A CD   1 
ATOM   414  C  CE   . LYS A 1 54  ? 0.728   15.310  -3.983  1.00 22.98 ? 178 LYS A CE   1 
ATOM   415  N  NZ   A LYS A 1 54  ? 2.006   14.629  -3.643  0.50 21.59 ? 178 LYS A NZ   1 
ATOM   416  N  NZ   B LYS A 1 54  ? 0.690   16.478  -3.059  0.50 24.34 ? 178 LYS A NZ   1 
ATOM   417  N  N    . THR A 1 55  ? 0.519   10.457  -6.380  1.00 14.01 ? 179 THR A N    1 
ATOM   418  C  CA   . THR A 1 55  ? 1.767   9.733   -6.220  1.00 12.97 ? 179 THR A CA   1 
ATOM   419  C  C    . THR A 1 55  ? 2.633   10.613  -5.331  1.00 13.78 ? 179 THR A C    1 
ATOM   420  O  O    . THR A 1 55  ? 3.087   11.682  -5.754  1.00 14.10 ? 179 THR A O    1 
ATOM   421  C  CB   . THR A 1 55  ? 2.470   9.512   -7.569  1.00 15.08 ? 179 THR A CB   1 
ATOM   422  O  OG1  . THR A 1 55  ? 1.638   8.708   -8.415  1.00 13.35 ? 179 THR A OG1  1 
ATOM   423  C  CG2  . THR A 1 55  ? 3.804   8.807   -7.363  1.00 14.86 ? 179 THR A CG2  1 
ATOM   424  N  N    . GLU A 1 56  ? 2.840   10.180  -4.091  1.00 13.27 ? 180 GLU A N    1 
ATOM   425  C  CA   . GLU A 1 56  ? 3.648   10.950  -3.151  1.00 13.43 ? 180 GLU A CA   1 
ATOM   426  C  C    . GLU A 1 56  ? 5.111   10.945  -3.588  1.00 14.12 ? 180 GLU A C    1 
ATOM   427  O  O    . GLU A 1 56  ? 5.810   11.948  -3.452  1.00 13.49 ? 180 GLU A O    1 
ATOM   428  C  CB   . GLU A 1 56  ? 3.489   10.390  -1.733  1.00 13.50 ? 180 GLU A CB   1 
ATOM   429  C  CG   . GLU A 1 56  ? 2.051   10.447  -1.200  1.00 16.22 ? 180 GLU A CG   1 
ATOM   430  C  CD   . GLU A 1 56  ? 1.470   11.862  -1.153  1.00 17.17 ? 180 GLU A CD   1 
ATOM   431  O  OE1  . GLU A 1 56  ? 2.199   12.832  -1.448  1.00 18.45 ? 180 GLU A OE1  1 
ATOM   432  O  OE2  . GLU A 1 56  ? 0.277   12.004  -0.814  1.00 15.02 ? 180 GLU A OE2  1 
ATOM   433  N  N    . PHE A 1 57  ? 5.573   9.807   -4.101  1.00 11.96 ? 181 PHE A N    1 
ATOM   434  C  CA   . PHE A 1 57  ? 6.930   9.687   -4.629  1.00 12.09 ? 181 PHE A CA   1 
ATOM   435  C  C    . PHE A 1 57  ? 6.997   8.469   -5.546  1.00 12.72 ? 181 PHE A C    1 
ATOM   436  O  O    . PHE A 1 57  ? 6.344   7.456   -5.291  1.00 12.40 ? 181 PHE A O    1 
ATOM   437  C  CB   . PHE A 1 57  ? 7.986   9.621   -3.499  1.00 12.55 ? 181 PHE A CB   1 
ATOM   438  C  CG   . PHE A 1 57  ? 8.002   8.332   -2.713  1.00 12.68 ? 181 PHE A CG   1 
ATOM   439  C  CD1  . PHE A 1 57  ? 8.650   7.200   -3.208  1.00 12.65 ? 181 PHE A CD1  1 
ATOM   440  C  CD2  . PHE A 1 57  ? 7.407   8.264   -1.458  1.00 11.80 ? 181 PHE A CD2  1 
ATOM   441  C  CE1  . PHE A 1 57  ? 8.704   6.020   -2.456  1.00 11.20 ? 181 PHE A CE1  1 
ATOM   442  C  CE2  . PHE A 1 57  ? 7.454   7.093   -0.700  1.00 12.89 ? 181 PHE A CE2  1 
ATOM   443  C  CZ   . PHE A 1 57  ? 8.104   5.968   -1.201  1.00 12.49 ? 181 PHE A CZ   1 
ATOM   444  N  N    . ASP A 1 58  ? 7.746   8.591   -6.638  1.00 12.70 ? 182 ASP A N    1 
ATOM   445  C  CA   . ASP A 1 58  ? 7.881   7.494   -7.597  1.00 14.98 ? 182 ASP A CA   1 
ATOM   446  C  C    . ASP A 1 58  ? 9.175   6.728   -7.372  1.00 13.13 ? 182 ASP A C    1 
ATOM   447  O  O    . ASP A 1 58  ? 9.989   7.094   -6.526  1.00 13.15 ? 182 ASP A O    1 
ATOM   448  C  CB   . ASP A 1 58  ? 7.859   8.020   -9.036  1.00 16.67 ? 182 ASP A CB   1 
ATOM   449  C  CG   A ASP A 1 58  ? 8.920   9.057   -9.298  0.50 18.67 ? 182 ASP A CG   1 
ATOM   450  C  CG   B ASP A 1 58  ? 6.483   8.486   -9.480  0.50 16.31 ? 182 ASP A CG   1 
ATOM   451  O  OD1  A ASP A 1 58  ? 10.096  8.797   -8.977  0.50 20.45 ? 182 ASP A OD1  1 
ATOM   452  O  OD1  B ASP A 1 58  ? 5.552   7.655   -9.507  0.50 17.73 ? 182 ASP A OD1  1 
ATOM   453  O  OD2  A ASP A 1 58  ? 8.577   10.132  -9.832  0.50 22.38 ? 182 ASP A OD2  1 
ATOM   454  O  OD2  B ASP A 1 58  ? 6.336   9.683   -9.813  0.50 18.08 ? 182 ASP A OD2  1 
ATOM   455  N  N    . PHE A 1 59  ? 9.358   5.658   -8.136  1.00 12.57 ? 183 PHE A N    1 
ATOM   456  C  CA   . PHE A 1 59  ? 10.556  4.839   -8.013  1.00 12.93 ? 183 PHE A CA   1 
ATOM   457  C  C    . PHE A 1 59  ? 11.821  5.664   -8.220  1.00 13.77 ? 183 PHE A C    1 
ATOM   458  O  O    . PHE A 1 59  ? 12.790  5.519   -7.473  1.00 14.04 ? 183 PHE A O    1 
ATOM   459  C  CB   . PHE A 1 59  ? 10.513  3.694   -9.026  1.00 11.93 ? 183 PHE A CB   1 
ATOM   460  C  CG   . PHE A 1 59  ? 9.387   2.734   -8.798  1.00 12.77 ? 183 PHE A CG   1 
ATOM   461  C  CD1  . PHE A 1 59  ? 9.367   1.926   -7.666  1.00 11.66 ? 183 PHE A CD1  1 
ATOM   462  C  CD2  . PHE A 1 59  ? 8.337   2.640   -9.712  1.00 12.41 ? 183 PHE A CD2  1 
ATOM   463  C  CE1  . PHE A 1 59  ? 8.319   1.036   -7.441  1.00 11.36 ? 183 PHE A CE1  1 
ATOM   464  C  CE2  . PHE A 1 59  ? 7.285   1.751   -9.494  1.00 15.03 ? 183 PHE A CE2  1 
ATOM   465  C  CZ   . PHE A 1 59  ? 7.278   0.947   -8.355  1.00 13.12 ? 183 PHE A CZ   1 
ATOM   466  N  N    . SER A 1 60  ? 11.814  6.531   -9.228  1.00 15.26 ? 184 SER A N    1 
ATOM   467  C  CA   . SER A 1 60  ? 12.980  7.362   -9.499  1.00 16.05 ? 184 SER A CA   1 
ATOM   468  C  C    . SER A 1 60  ? 13.257  8.332   -8.350  1.00 16.28 ? 184 SER A C    1 
ATOM   469  O  O    . SER A 1 60  ? 14.402  8.719   -8.135  1.00 16.72 ? 184 SER A O    1 
ATOM   470  C  CB   . SER A 1 60  ? 12.815  8.115   -10.828 1.00 17.83 ? 184 SER A CB   1 
ATOM   471  O  OG   . SER A 1 60  ? 11.632  8.891   -10.854 1.00 22.95 ? 184 SER A OG   1 
ATOM   472  N  N    . ASP A 1 61  ? 12.220  8.713   -7.603  1.00 15.06 ? 185 ASP A N    1 
ATOM   473  C  CA   . ASP A 1 61  ? 12.413  9.608   -6.460  1.00 15.31 ? 185 ASP A CA   1 
ATOM   474  C  C    . ASP A 1 61  ? 13.086  8.839   -5.329  1.00 14.66 ? 185 ASP A C    1 
ATOM   475  O  O    . ASP A 1 61  ? 13.985  9.346   -4.660  1.00 15.53 ? 185 ASP A O    1 
ATOM   476  C  CB   . ASP A 1 61  ? 11.080  10.159  -5.945  1.00 16.13 ? 185 ASP A CB   1 
ATOM   477  C  CG   . ASP A 1 61  ? 10.403  11.071  -6.935  1.00 18.44 ? 185 ASP A CG   1 
ATOM   478  O  OD1  . ASP A 1 61  ? 11.100  11.913  -7.539  1.00 17.69 ? 185 ASP A OD1  1 
ATOM   479  O  OD2  . ASP A 1 61  ? 9.171   10.954  -7.101  1.00 17.67 ? 185 ASP A OD2  1 
ATOM   480  N  N    . TYR A 1 62  ? 12.628  7.612   -5.113  1.00 15.27 ? 186 TYR A N    1 
ATOM   481  C  CA   . TYR A 1 62  ? 13.178  6.764   -4.065  1.00 15.30 ? 186 TYR A CA   1 
ATOM   482  C  C    . TYR A 1 62  ? 14.664  6.499   -4.263  1.00 17.13 ? 186 TYR A C    1 
ATOM   483  O  O    . TYR A 1 62  ? 15.453  6.561   -3.315  1.00 17.49 ? 186 TYR A O    1 
ATOM   484  C  CB   . TYR A 1 62  ? 12.438  5.424   -4.031  1.00 14.06 ? 186 TYR A CB   1 
ATOM   485  C  CG   . TYR A 1 62  ? 13.074  4.437   -3.088  1.00 14.05 ? 186 TYR A CG   1 
ATOM   486  C  CD1  . TYR A 1 62  ? 13.005  4.622   -1.709  1.00 13.94 ? 186 TYR A CD1  1 
ATOM   487  C  CD2  . TYR A 1 62  ? 13.802  3.351   -3.572  1.00 14.49 ? 186 TYR A CD2  1 
ATOM   488  C  CE1  . TYR A 1 62  ? 13.649  3.757   -0.835  1.00 14.94 ? 186 TYR A CE1  1 
ATOM   489  C  CE2  . TYR A 1 62  ? 14.450  2.480   -2.705  1.00 14.47 ? 186 TYR A CE2  1 
ATOM   490  C  CZ   . TYR A 1 62  ? 14.371  2.691   -1.338  1.00 15.13 ? 186 TYR A CZ   1 
ATOM   491  O  OH   . TYR A 1 62  ? 15.020  1.838   -0.472  1.00 16.16 ? 186 TYR A OH   1 
ATOM   492  N  N    . VAL A 1 63  ? 15.033  6.192   -5.503  1.00 17.63 ? 187 VAL A N    1 
ATOM   493  C  CA   . VAL A 1 63  ? 16.414  5.886   -5.862  1.00 20.90 ? 187 VAL A CA   1 
ATOM   494  C  C    . VAL A 1 63  ? 17.407  7.008   -5.555  1.00 20.91 ? 187 VAL A C    1 
ATOM   495  O  O    . VAL A 1 63  ? 18.559  6.747   -5.209  1.00 20.37 ? 187 VAL A O    1 
ATOM   496  C  CB   . VAL A 1 63  ? 16.513  5.530   -7.371  1.00 21.30 ? 187 VAL A CB   1 
ATOM   497  C  CG1  . VAL A 1 63  ? 17.942  5.177   -7.739  1.00 25.75 ? 187 VAL A CG1  1 
ATOM   498  C  CG2  . VAL A 1 63  ? 15.587  4.358   -7.686  1.00 25.33 ? 187 VAL A CG2  1 
ATOM   499  N  N    . LYS A 1 64  ? 16.960  8.254   -5.668  1.00 22.16 ? 188 LYS A N    1 
ATOM   500  C  CA   . LYS A 1 64  ? 17.837  9.396   -5.421  1.00 24.56 ? 188 LYS A CA   1 
ATOM   501  C  C    . LYS A 1 64  ? 18.628  9.358   -4.114  1.00 26.03 ? 188 LYS A C    1 
ATOM   502  O  O    . LYS A 1 64  ? 19.844  9.544   -4.129  1.00 27.05 ? 188 LYS A O    1 
ATOM   503  C  CB   . LYS A 1 64  ? 17.042  10.698  -5.510  1.00 26.36 ? 188 LYS A CB   1 
ATOM   504  C  CG   . LYS A 1 64  ? 16.519  10.974  -6.904  1.00 26.82 ? 188 LYS A CG   1 
ATOM   505  C  CD   . LYS A 1 64  ? 15.846  12.329  -6.995  1.00 32.12 ? 188 LYS A CD   1 
ATOM   506  C  CE   . LYS A 1 64  ? 15.347  12.586  -8.409  1.00 33.58 ? 188 LYS A CE   1 
ATOM   507  N  NZ   . LYS A 1 64  ? 14.665  13.904  -8.527  1.00 36.35 ? 188 LYS A NZ   1 
ATOM   508  N  N    . ARG A 1 65  ? 17.962  9.121   -2.988  1.00 26.20 ? 189 ARG A N    1 
ATOM   509  C  CA   . ARG A 1 65  ? 18.683  9.074   -1.717  1.00 26.64 ? 189 ARG A CA   1 
ATOM   510  C  C    . ARG A 1 65  ? 18.165  8.012   -0.753  1.00 26.64 ? 189 ARG A C    1 
ATOM   511  O  O    . ARG A 1 65  ? 18.698  7.851   0.347   1.00 27.03 ? 189 ARG A O    1 
ATOM   512  C  CB   . ARG A 1 65  ? 18.646  10.448  -1.035  1.00 26.85 ? 189 ARG A CB   1 
ATOM   513  C  CG   . ARG A 1 65  ? 19.642  10.589  0.107   0.00 26.32 ? 189 ARG A CG   1 
ATOM   514  C  CD   . ARG A 1 65  ? 19.724  12.020  0.613   0.00 26.05 ? 189 ARG A CD   1 
ATOM   515  N  NE   . ARG A 1 65  ? 20.764  12.176  1.625   0.00 25.75 ? 189 ARG A NE   1 
ATOM   516  C  CZ   . ARG A 1 65  ? 21.087  13.332  2.195   0.00 25.61 ? 189 ARG A CZ   1 
ATOM   517  N  NH1  . ARG A 1 65  ? 22.049  13.377  3.107   0.00 25.51 ? 189 ARG A NH1  1 
ATOM   518  N  NH2  . ARG A 1 65  ? 20.451  14.444  1.855   0.00 25.51 ? 189 ARG A NH2  1 
ATOM   519  N  N    . LYS A 1 66  ? 17.137  7.281   -1.167  1.00 24.66 ? 190 LYS A N    1 
ATOM   520  C  CA   . LYS A 1 66  ? 16.560  6.245   -0.321  1.00 23.92 ? 190 LYS A CA   1 
ATOM   521  C  C    . LYS A 1 66  ? 16.368  6.783   1.095   1.00 23.45 ? 190 LYS A C    1 
ATOM   522  O  O    . LYS A 1 66  ? 16.843  6.188   2.059   1.00 23.02 ? 190 LYS A O    1 
ATOM   523  C  CB   . LYS A 1 66  ? 17.474  5.014   -0.282  1.00 24.75 ? 190 LYS A CB   1 
ATOM   524  C  CG   . LYS A 1 66  ? 17.660  4.323   -1.624  1.00 25.72 ? 190 LYS A CG   1 
ATOM   525  C  CD   . LYS A 1 66  ? 18.513  3.068   -1.487  1.00 26.38 ? 190 LYS A CD   1 
ATOM   526  C  CE   . LYS A 1 66  ? 18.701  2.379   -2.829  0.00 26.17 ? 190 LYS A CE   1 
ATOM   527  N  NZ   . LYS A 1 66  ? 19.528  1.146   -2.710  0.00 26.24 ? 190 LYS A NZ   1 
ATOM   528  N  N    . ASP A 1 67  ? 15.680  7.915   1.205   1.00 21.23 ? 191 ASP A N    1 
ATOM   529  C  CA   . ASP A 1 67  ? 15.421  8.544   2.497   1.00 22.00 ? 191 ASP A CA   1 
ATOM   530  C  C    . ASP A 1 67  ? 13.917  8.572   2.747   1.00 19.47 ? 191 ASP A C    1 
ATOM   531  O  O    . ASP A 1 67  ? 13.248  9.547   2.407   1.00 18.90 ? 191 ASP A O    1 
ATOM   532  C  CB   . ASP A 1 67  ? 15.951  9.976   2.511   1.00 23.96 ? 191 ASP A CB   1 
ATOM   533  C  CG   . ASP A 1 67  ? 15.897  10.605  3.892   1.00 27.38 ? 191 ASP A CG   1 
ATOM   534  O  OD1  . ASP A 1 67  ? 14.929  10.343  4.635   1.00 28.74 ? 191 ASP A OD1  1 
ATOM   535  O  OD2  . ASP A 1 67  ? 16.820  11.371  4.233   1.00 31.39 ? 191 ASP A OD2  1 
ATOM   536  N  N    . PRO A 1 68  ? 13.369  7.506   3.353   1.00 19.54 ? 192 PRO A N    1 
ATOM   537  C  CA   . PRO A 1 68  ? 11.934  7.410   3.643   1.00 19.09 ? 192 PRO A CA   1 
ATOM   538  C  C    . PRO A 1 68  ? 11.368  8.629   4.367   1.00 19.06 ? 192 PRO A C    1 
ATOM   539  O  O    . PRO A 1 68  ? 10.306  9.131   4.007   1.00 17.50 ? 192 PRO A O    1 
ATOM   540  C  CB   . PRO A 1 68  ? 11.838  6.140   4.482   1.00 20.07 ? 192 PRO A CB   1 
ATOM   541  C  CG   . PRO A 1 68  ? 12.943  5.292   3.916   1.00 19.95 ? 192 PRO A CG   1 
ATOM   542  C  CD   . PRO A 1 68  ? 14.073  6.287   3.790   1.00 20.17 ? 192 PRO A CD   1 
ATOM   543  N  N    . ASP A 1 69  ? 12.073  9.104   5.389   1.00 19.22 ? 193 ASP A N    1 
ATOM   544  C  CA   . ASP A 1 69  ? 11.597  10.261  6.136   1.00 20.61 ? 193 ASP A CA   1 
ATOM   545  C  C    . ASP A 1 69  ? 11.394  11.462  5.222   1.00 20.06 ? 193 ASP A C    1 
ATOM   546  O  O    . ASP A 1 69  ? 10.378  12.151  5.304   1.00 20.69 ? 193 ASP A O    1 
ATOM   547  C  CB   . ASP A 1 69  ? 12.583  10.631  7.246   1.00 22.88 ? 193 ASP A CB   1 
ATOM   548  C  CG   . ASP A 1 69  ? 12.760  9.523   8.260   1.00 26.38 ? 193 ASP A CG   1 
ATOM   549  O  OD1  . ASP A 1 69  ? 11.742  8.941   8.687   1.00 28.35 ? 193 ASP A OD1  1 
ATOM   550  O  OD2  . ASP A 1 69  ? 13.915  9.239   8.641   1.00 31.46 ? 193 ASP A OD2  1 
ATOM   551  N  N    . ALA A 1 70  ? 12.364  11.706  4.350   1.00 19.45 ? 194 ALA A N    1 
ATOM   552  C  CA   . ALA A 1 70  ? 12.300  12.828  3.424   1.00 18.44 ? 194 ALA A CA   1 
ATOM   553  C  C    . ALA A 1 70  ? 11.239  12.638  2.343   1.00 18.56 ? 194 ALA A C    1 
ATOM   554  O  O    . ALA A 1 70  ? 10.538  13.578  1.973   1.00 18.03 ? 194 ALA A O    1 
ATOM   555  C  CB   . ALA A 1 70  ? 13.664  13.041  2.779   1.00 20.08 ? 194 ALA A CB   1 
ATOM   556  N  N    . LEU A 1 71  ? 11.121  11.415  1.841   1.00 17.19 ? 195 LEU A N    1 
ATOM   557  C  CA   . LEU A 1 71  ? 10.159  11.112  0.786   1.00 17.38 ? 195 LEU A CA   1 
ATOM   558  C  C    . LEU A 1 71  ? 8.698   11.313  1.181   1.00 18.45 ? 195 LEU A C    1 
ATOM   559  O  O    . LEU A 1 71  ? 7.859   11.622  0.331   1.00 19.27 ? 195 LEU A O    1 
ATOM   560  C  CB   . LEU A 1 71  ? 10.359  9.673   0.309   1.00 16.43 ? 195 LEU A CB   1 
ATOM   561  C  CG   . LEU A 1 71  ? 11.656  9.407   -0.455  1.00 16.58 ? 195 LEU A CG   1 
ATOM   562  C  CD1  . LEU A 1 71  ? 11.925  7.911   -0.523  1.00 15.41 ? 195 LEU A CD1  1 
ATOM   563  C  CD2  . LEU A 1 71  ? 11.549  10.005  -1.848  1.00 18.53 ? 195 LEU A CD2  1 
ATOM   564  N  N    . LEU A 1 72  ? 8.394   11.140  2.464   1.00 17.62 ? 196 LEU A N    1 
ATOM   565  C  CA   . LEU A 1 72  ? 7.021   11.272  2.941   1.00 18.47 ? 196 LEU A CA   1 
ATOM   566  C  C    . LEU A 1 72  ? 6.767   12.485  3.831   1.00 21.16 ? 196 LEU A C    1 
ATOM   567  O  O    . LEU A 1 72  ? 5.697   12.601  4.430   1.00 21.41 ? 196 LEU A O    1 
ATOM   568  C  CB   . LEU A 1 72  ? 6.622   9.996   3.693   1.00 15.83 ? 196 LEU A CB   1 
ATOM   569  C  CG   . LEU A 1 72  ? 6.539   8.736   2.823   1.00 14.25 ? 196 LEU A CG   1 
ATOM   570  C  CD1  . LEU A 1 72  ? 6.473   7.491   3.689   1.00 15.68 ? 196 LEU A CD1  1 
ATOM   571  C  CD2  . LEU A 1 72  ? 5.316   8.835   1.921   1.00 13.98 ? 196 LEU A CD2  1 
ATOM   572  N  N    . LYS A 1 73  ? 7.735   13.393  3.905   1.00 23.02 ? 197 LYS A N    1 
ATOM   573  C  CA   . LYS A 1 73  ? 7.597   14.575  4.753   1.00 25.06 ? 197 LYS A CA   1 
ATOM   574  C  C    . LYS A 1 73  ? 6.519   15.565  4.315   1.00 26.14 ? 197 LYS A C    1 
ATOM   575  O  O    . LYS A 1 73  ? 5.913   16.232  5.152   1.00 27.09 ? 197 LYS A O    1 
ATOM   576  C  CB   . LYS A 1 73  ? 8.935   15.314  4.858   1.00 26.47 ? 197 LYS A CB   1 
ATOM   577  C  CG   . LYS A 1 73  ? 9.429   15.908  3.549   1.00 28.14 ? 197 LYS A CG   1 
ATOM   578  C  CD   . LYS A 1 73  ? 10.656  16.791  3.759   1.00 30.96 ? 197 LYS A CD   1 
ATOM   579  C  CE   . LYS A 1 73  ? 11.815  16.012  4.365   0.00 30.06 ? 197 LYS A CE   1 
ATOM   580  N  NZ   . LYS A 1 73  ? 13.012  16.874  4.578   0.00 30.41 ? 197 LYS A NZ   1 
ATOM   581  N  N    . HIS A 1 74  ? 6.277   15.660  3.012   1.00 26.56 ? 198 HIS A N    1 
ATOM   582  C  CA   . HIS A 1 74  ? 5.287   16.602  2.495   1.00 27.83 ? 198 HIS A CA   1 
ATOM   583  C  C    . HIS A 1 74  ? 3.907   16.013  2.229   1.00 25.64 ? 198 HIS A C    1 
ATOM   584  O  O    . HIS A 1 74  ? 3.103   16.609  1.515   1.00 26.31 ? 198 HIS A O    1 
ATOM   585  C  CB   . HIS A 1 74  ? 5.817   17.253  1.215   1.00 31.55 ? 198 HIS A CB   1 
ATOM   586  C  CG   . HIS A 1 74  ? 7.030   18.103  1.426   1.00 35.29 ? 198 HIS A CG   1 
ATOM   587  N  ND1  . HIS A 1 74  ? 7.768   18.619  0.382   1.00 37.92 ? 198 HIS A ND1  1 
ATOM   588  C  CD2  . HIS A 1 74  ? 7.631   18.535  2.561   1.00 37.59 ? 198 HIS A CD2  1 
ATOM   589  C  CE1  . HIS A 1 74  ? 8.772   19.330  0.865   1.00 38.29 ? 198 HIS A CE1  1 
ATOM   590  N  NE2  . HIS A 1 74  ? 8.711   19.294  2.184   1.00 38.38 ? 198 HIS A NE2  1 
ATOM   591  N  N    . VAL A 1 75  ? 3.626   14.850  2.804   1.00 24.16 ? 199 VAL A N    1 
ATOM   592  C  CA   . VAL A 1 75  ? 2.329   14.211  2.606   1.00 21.37 ? 199 VAL A CA   1 
ATOM   593  C  C    . VAL A 1 75  ? 1.202   14.989  3.275   1.00 20.94 ? 199 VAL A C    1 
ATOM   594  O  O    . VAL A 1 75  ? 1.298   15.361  4.444   1.00 21.36 ? 199 VAL A O    1 
ATOM   595  C  CB   . VAL A 1 75  ? 2.321   12.773  3.160   1.00 21.71 ? 199 VAL A CB   1 
ATOM   596  C  CG1  . VAL A 1 75  ? 0.906   12.209  3.125   1.00 20.09 ? 199 VAL A CG1  1 
ATOM   597  C  CG2  . VAL A 1 75  ? 3.256   11.900  2.341   1.00 20.97 ? 199 VAL A CG2  1 
ATOM   598  N  N    . LYS A 1 76  ? 0.137   15.232  2.518   1.00 18.00 ? 200 LYS A N    1 
ATOM   599  C  CA   . LYS A 1 76  ? -1.030  15.946  3.019   1.00 18.15 ? 200 LYS A CA   1 
ATOM   600  C  C    . LYS A 1 76  ? -2.186  14.951  3.101   1.00 16.32 ? 200 LYS A C    1 
ATOM   601  O  O    . LYS A 1 76  ? -2.574  14.356  2.096   1.00 15.61 ? 200 LYS A O    1 
ATOM   602  C  CB   . LYS A 1 76  ? -1.405  17.087  2.069   1.00 19.47 ? 200 LYS A CB   1 
ATOM   603  C  CG   . LYS A 1 76  ? -0.273  18.071  1.798   1.00 24.58 ? 200 LYS A CG   1 
ATOM   604  C  CD   . LYS A 1 76  ? -0.663  19.081  0.725   1.00 26.59 ? 200 LYS A CD   1 
ATOM   605  C  CE   . LYS A 1 76  ? 0.495   20.010  0.391   1.00 27.98 ? 200 LYS A CE   1 
ATOM   606  N  NZ   . LYS A 1 76  ? 0.130   20.996  -0.663  0.00 27.45 ? 200 LYS A NZ   1 
ATOM   607  N  N    . HIS A 1 77  ? -2.727  14.769  4.300   1.00 14.13 ? 201 HIS A N    1 
ATOM   608  C  CA   . HIS A 1 77  ? -3.839  13.841  4.510   1.00 12.48 ? 201 HIS A CA   1 
ATOM   609  C  C    . HIS A 1 77  ? -5.060  14.356  3.735   1.00 13.02 ? 201 HIS A C    1 
ATOM   610  O  O    . HIS A 1 77  ? -5.618  15.398  4.069   1.00 13.23 ? 201 HIS A O    1 
ATOM   611  C  CB   . HIS A 1 77  ? -4.124  13.752  6.010   1.00 13.04 ? 201 HIS A CB   1 
ATOM   612  C  CG   . HIS A 1 77  ? -5.051  12.644  6.393   1.00 12.23 ? 201 HIS A CG   1 
ATOM   613  N  ND1  . HIS A 1 77  ? -5.321  12.326  7.707   1.00 10.95 ? 201 HIS A ND1  1 
ATOM   614  C  CD2  . HIS A 1 77  ? -5.789  11.796  5.640   1.00 11.95 ? 201 HIS A CD2  1 
ATOM   615  C  CE1  . HIS A 1 77  ? -6.189  11.330  7.745   1.00 11.97 ? 201 HIS A CE1  1 
ATOM   616  N  NE2  . HIS A 1 77  ? -6.490  10.991  6.504   1.00 11.86 ? 201 HIS A NE2  1 
ATOM   617  N  N    . MET A 1 78  ? -5.462  13.624  2.696   1.00 10.96 ? 202 MET A N    1 
ATOM   618  C  CA   . MET A 1 78  ? -6.582  14.031  1.842   1.00 11.64 ? 202 MET A CA   1 
ATOM   619  C  C    . MET A 1 78  ? -7.908  14.246  2.555   1.00 11.86 ? 202 MET A C    1 
ATOM   620  O  O    . MET A 1 78  ? -8.621  15.215  2.265   1.00 12.29 ? 202 MET A O    1 
ATOM   621  C  CB   . MET A 1 78  ? -6.754  13.027  0.702   1.00 11.46 ? 202 MET A CB   1 
ATOM   622  C  CG   . MET A 1 78  ? -5.582  13.013  -0.250  1.00 13.11 ? 202 MET A CG   1 
ATOM   623  S  SD   . MET A 1 78  ? -5.708  11.673  -1.451  1.00 14.26 ? 202 MET A SD   1 
ATOM   624  C  CE   . MET A 1 78  ? -4.660  12.281  -2.741  1.00 15.44 ? 202 MET A CE   1 
ATOM   625  N  N    . LEU A 1 79  ? -8.250  13.334  3.461   1.00 11.26 ? 203 LEU A N    1 
ATOM   626  C  CA   . LEU A 1 79  ? -9.471  13.439  4.254   1.00 11.87 ? 203 LEU A CA   1 
ATOM   627  C  C    . LEU A 1 79  ? -10.781 13.468  3.479   1.00 14.09 ? 203 LEU A C    1 
ATOM   628  O  O    . LEU A 1 79  ? -11.695 14.226  3.814   1.00 12.77 ? 203 LEU A O    1 
ATOM   629  C  CB   . LEU A 1 79  ? -9.385  14.675  5.155   1.00 13.30 ? 203 LEU A CB   1 
ATOM   630  C  CG   . LEU A 1 79  ? -8.298  14.580  6.228   1.00 12.96 ? 203 LEU A CG   1 
ATOM   631  C  CD1  . LEU A 1 79  ? -8.082  15.929  6.889   1.00 14.30 ? 203 LEU A CD1  1 
ATOM   632  C  CD2  . LEU A 1 79  ? -8.705  13.522  7.246   1.00 13.72 ? 203 LEU A CD2  1 
ATOM   633  N  N    . LEU A 1 80  ? -10.884 12.641  2.449   1.00 13.10 ? 204 LEU A N    1 
ATOM   634  C  CA   . LEU A 1 80  ? -12.116 12.586  1.679   1.00 14.13 ? 204 LEU A CA   1 
ATOM   635  C  C    . LEU A 1 80  ? -12.683 11.171  1.677   1.00 15.26 ? 204 LEU A C    1 
ATOM   636  O  O    . LEU A 1 80  ? -12.759 10.542  2.735   1.00 14.03 ? 204 LEU A O    1 
ATOM   637  C  CB   . LEU A 1 80  ? -11.884 13.110  0.256   1.00 15.76 ? 204 LEU A CB   1 
ATOM   638  C  CG   . LEU A 1 80  ? -11.613 14.622  0.223   1.00 15.95 ? 204 LEU A CG   1 
ATOM   639  C  CD1  . LEU A 1 80  ? -11.249 15.075  -1.182  1.00 16.57 ? 204 LEU A CD1  1 
ATOM   640  C  CD2  . LEU A 1 80  ? -12.851 15.365  0.724   1.00 15.40 ? 204 LEU A CD2  1 
ATOM   641  N  N    . LEU A 1 81  ? -13.065 10.658  0.509   1.00 14.08 ? 205 LEU A N    1 
ATOM   642  C  CA   . LEU A 1 81  ? -13.655 9.328   0.435   1.00 14.87 ? 205 LEU A CA   1 
ATOM   643  C  C    . LEU A 1 81  ? -12.662 8.174   0.290   1.00 14.90 ? 205 LEU A C    1 
ATOM   644  O  O    . LEU A 1 81  ? -11.478 8.336   0.580   1.00 13.89 ? 205 LEU A O    1 
ATOM   645  C  CB   . LEU A 1 81  ? -14.695 9.299   -0.693  1.00 17.24 ? 205 LEU A CB   1 
ATOM   646  C  CG   . LEU A 1 81  ? -15.787 10.357  -0.479  1.00 17.25 ? 205 LEU A CG   1 
ATOM   647  C  CD1  . LEU A 1 81  ? -16.816 10.282  -1.599  1.00 19.45 ? 205 LEU A CD1  1 
ATOM   648  C  CD2  . LEU A 1 81  ? -16.452 10.138  0.869   1.00 20.25 ? 205 LEU A CD2  1 
ATOM   649  N  N    . THR A 1 82  ? -13.142 7.013   -0.152  1.00 14.30 ? 206 THR A N    1 
ATOM   650  C  CA   . THR A 1 82  ? -12.279 5.832   -0.281  1.00 13.88 ? 206 THR A CA   1 
ATOM   651  C  C    . THR A 1 82  ? -12.475 5.088   -1.603  1.00 13.78 ? 206 THR A C    1 
ATOM   652  O  O    . THR A 1 82  ? -12.984 3.971   -1.613  1.00 14.11 ? 206 THR A O    1 
ATOM   653  C  CB   . THR A 1 82  ? -12.551 4.835   0.875   1.00 16.32 ? 206 THR A CB   1 
ATOM   654  O  OG1  . THR A 1 82  ? -12.583 5.539   2.128   1.00 18.57 ? 206 THR A OG1  1 
ATOM   655  C  CG2  . THR A 1 82  ? -11.461 3.772   0.937   1.00 16.91 ? 206 THR A CG2  1 
ATOM   656  N  N    . ASN A 1 83  ? -12.039 5.693   -2.705  1.00 13.93 ? 207 ASN A N    1 
ATOM   657  C  CA   . ASN A 1 83  ? -12.199 5.088   -4.027  1.00 13.42 ? 207 ASN A CA   1 
ATOM   658  C  C    . ASN A 1 83  ? -11.059 4.139   -4.371  1.00 11.28 ? 207 ASN A C    1 
ATOM   659  O  O    . ASN A 1 83  ? -10.215 4.427   -5.225  1.00 11.72 ? 207 ASN A O    1 
ATOM   660  C  CB   . ASN A 1 83  ? -12.331 6.186   -5.081  1.00 13.29 ? 207 ASN A CB   1 
ATOM   661  C  CG   . ASN A 1 83  ? -13.555 7.045   -4.854  1.00 13.20 ? 207 ASN A CG   1 
ATOM   662  O  OD1  . ASN A 1 83  ? -14.567 6.565   -4.342  1.00 17.42 ? 207 ASN A OD1  1 
ATOM   663  N  ND2  . ASN A 1 83  ? -13.477 8.313   -5.236  1.00 13.50 ? 207 ASN A ND2  1 
ATOM   664  N  N    . THR A 1 84  ? -11.077 2.990   -3.707  1.00 12.20 ? 208 THR A N    1 
ATOM   665  C  CA   . THR A 1 84  ? -10.061 1.954   -3.855  1.00 11.43 ? 208 THR A CA   1 
ATOM   666  C  C    . THR A 1 84  ? -9.926  1.324   -5.241  1.00 11.39 ? 208 THR A C    1 
ATOM   667  O  O    . THR A 1 84  ? -8.817  1.070   -5.699  1.00 10.52 ? 208 THR A O    1 
ATOM   668  C  CB   . THR A 1 84  ? -10.311 0.833   -2.838  1.00 12.91 ? 208 THR A CB   1 
ATOM   669  O  OG1  . THR A 1 84  ? -10.626 1.418   -1.568  1.00 14.01 ? 208 THR A OG1  1 
ATOM   670  C  CG2  . THR A 1 84  ? -9.074  -0.050  -2.695  1.00 12.98 ? 208 THR A CG2  1 
ATOM   671  N  N    . PHE A 1 85  ? -11.047 1.053   -5.898  1.00 11.89 ? 209 PHE A N    1 
ATOM   672  C  CA   . PHE A 1 85  ? -11.002 0.445   -7.227  1.00 12.45 ? 209 PHE A CA   1 
ATOM   673  C  C    . PHE A 1 85  ? -10.257 1.332   -8.220  1.00 12.88 ? 209 PHE A C    1 
ATOM   674  O  O    . PHE A 1 85  ? -9.392  0.861   -8.967  1.00 12.18 ? 209 PHE A O    1 
ATOM   675  C  CB   . PHE A 1 85  ? -12.423 0.179   -7.731  1.00 13.26 ? 209 PHE A CB   1 
ATOM   676  C  CG   . PHE A 1 85  ? -13.106 -0.970  -7.043  1.00 15.57 ? 209 PHE A CG   1 
ATOM   677  C  CD1  . PHE A 1 85  ? -12.919 -2.277  -7.486  1.00 17.94 ? 209 PHE A CD1  1 
ATOM   678  C  CD2  . PHE A 1 85  ? -13.948 -0.746  -5.960  1.00 16.29 ? 209 PHE A CD2  1 
ATOM   679  C  CE1  . PHE A 1 85  ? -13.563 -3.344  -6.860  1.00 18.90 ? 209 PHE A CE1  1 
ATOM   680  C  CE2  . PHE A 1 85  ? -14.596 -1.804  -5.325  1.00 16.91 ? 209 PHE A CE2  1 
ATOM   681  C  CZ   . PHE A 1 85  ? -14.403 -3.105  -5.779  1.00 19.69 ? 209 PHE A CZ   1 
ATOM   682  N  N    . GLY A 1 86  ? -10.596 2.616   -8.230  1.00 13.65 ? 210 GLY A N    1 
ATOM   683  C  CA   . GLY A 1 86  ? -9.934  3.534   -9.136  1.00 13.17 ? 210 GLY A CA   1 
ATOM   684  C  C    . GLY A 1 86  ? -8.471  3.697   -8.769  1.00 11.96 ? 210 GLY A C    1 
ATOM   685  O  O    . GLY A 1 86  ? -7.614  3.881   -9.637  1.00 12.45 ? 210 GLY A O    1 
ATOM   686  N  N    . ALA A 1 87  ? -8.184  3.632   -7.472  1.00 11.67 ? 211 ALA A N    1 
ATOM   687  C  CA   . ALA A 1 87  ? -6.816  3.774   -6.984  1.00 12.00 ? 211 ALA A CA   1 
ATOM   688  C  C    . ALA A 1 87  ? -5.932  2.643   -7.504  1.00 11.94 ? 211 ALA A C    1 
ATOM   689  O  O    . ALA A 1 87  ? -4.780  2.864   -7.889  1.00 10.89 ? 211 ALA A O    1 
ATOM   690  C  CB   . ALA A 1 87  ? -6.809  3.790   -5.458  1.00 10.47 ? 211 ALA A CB   1 
ATOM   691  N  N    . ILE A 1 88  ? -6.469  1.430   -7.510  1.00 12.03 ? 212 ILE A N    1 
ATOM   692  C  CA   . ILE A 1 88  ? -5.719  0.282   -8.001  1.00 12.16 ? 212 ILE A CA   1 
ATOM   693  C  C    . ILE A 1 88  ? -5.442  0.440   -9.492  1.00 13.16 ? 212 ILE A C    1 
ATOM   694  O  O    . ILE A 1 88  ? -4.349  0.134   -9.962  1.00 13.43 ? 212 ILE A O    1 
ATOM   695  C  CB   . ILE A 1 88  ? -6.493  -1.029  -7.755  1.00 12.50 ? 212 ILE A CB   1 
ATOM   696  C  CG1  . ILE A 1 88  ? -6.598  -1.281  -6.250  1.00 13.43 ? 212 ILE A CG1  1 
ATOM   697  C  CG2  . ILE A 1 88  ? -5.781  -2.199  -8.439  1.00 12.85 ? 212 ILE A CG2  1 
ATOM   698  C  CD1  . ILE A 1 88  ? -7.524  -2.418  -5.876  1.00 14.09 ? 212 ILE A CD1  1 
ATOM   699  N  N    . ASN A 1 89  ? -6.422  0.927   -10.243 1.00 14.73 ? 213 ASN A N    1 
ATOM   700  C  CA   . ASN A 1 89  ? -6.197  1.102   -11.669 1.00 14.97 ? 213 ASN A CA   1 
ATOM   701  C  C    . ASN A 1 89  ? -5.185  2.214   -11.897 1.00 13.81 ? 213 ASN A C    1 
ATOM   702  O  O    . ASN A 1 89  ? -4.387  2.154   -12.830 1.00 14.76 ? 213 ASN A O    1 
ATOM   703  C  CB   . ASN A 1 89  ? -7.497  1.426   -12.406 1.00 18.97 ? 213 ASN A CB   1 
ATOM   704  C  CG   . ASN A 1 89  ? -7.615  0.657   -13.706 1.00 24.72 ? 213 ASN A CG   1 
ATOM   705  O  OD1  . ASN A 1 89  ? -7.810  -0.556  -13.696 1.00 30.42 ? 213 ASN A OD1  1 
ATOM   706  N  ND2  . ASN A 1 89  ? -7.473  1.351   -14.826 1.00 29.08 ? 213 ASN A ND2  1 
ATOM   707  N  N    . TYR A 1 90  ? -5.211  3.224   -11.033 1.00 12.44 ? 214 TYR A N    1 
ATOM   708  C  CA   . TYR A 1 90  ? -4.279  4.336   -11.144 1.00 12.66 ? 214 TYR A CA   1 
ATOM   709  C  C    . TYR A 1 90  ? -2.860  3.801   -11.002 1.00 11.74 ? 214 TYR A C    1 
ATOM   710  O  O    . TYR A 1 90  ? -1.984  4.119   -11.799 1.00 12.55 ? 214 TYR A O    1 
ATOM   711  C  CB   . TYR A 1 90  ? -4.544  5.369   -10.048 1.00 12.32 ? 214 TYR A CB   1 
ATOM   712  C  CG   . TYR A 1 90  ? -3.513  6.477   -9.974  1.00 13.52 ? 214 TYR A CG   1 
ATOM   713  C  CD1  . TYR A 1 90  ? -3.557  7.565   -10.848 1.00 15.68 ? 214 TYR A CD1  1 
ATOM   714  C  CD2  . TYR A 1 90  ? -2.498  6.442   -9.020  1.00 13.02 ? 214 TYR A CD2  1 
ATOM   715  C  CE1  . TYR A 1 90  ? -2.618  8.595   -10.768 1.00 16.52 ? 214 TYR A CE1  1 
ATOM   716  C  CE2  . TYR A 1 90  ? -1.553  7.461   -8.932  1.00 15.22 ? 214 TYR A CE2  1 
ATOM   717  C  CZ   . TYR A 1 90  ? -1.619  8.534   -9.803  1.00 15.60 ? 214 TYR A CZ   1 
ATOM   718  O  OH   . TYR A 1 90  ? -0.696  9.546   -9.697  1.00 17.90 ? 214 TYR A OH   1 
ATOM   719  N  N    . VAL A 1 91  ? -2.641  2.985   -9.978  1.00 12.55 ? 215 VAL A N    1 
ATOM   720  C  CA   . VAL A 1 91  ? -1.322  2.409   -9.754  1.00 10.89 ? 215 VAL A CA   1 
ATOM   721  C  C    . VAL A 1 91  ? -0.881  1.561   -10.944 1.00 11.68 ? 215 VAL A C    1 
ATOM   722  O  O    . VAL A 1 91  ? 0.244   1.680   -11.423 1.00 11.00 ? 215 VAL A O    1 
ATOM   723  C  CB   . VAL A 1 91  ? -1.311  1.531   -8.489  1.00 11.92 ? 215 VAL A CB   1 
ATOM   724  C  CG1  . VAL A 1 91  ? -0.005  0.748   -8.406  1.00 12.38 ? 215 VAL A CG1  1 
ATOM   725  C  CG2  . VAL A 1 91  ? -1.470  2.412   -7.257  1.00 10.88 ? 215 VAL A CG2  1 
ATOM   726  N  N    . ALA A 1 92  ? -1.777  0.705   -11.414 1.00 13.14 ? 216 ALA A N    1 
ATOM   727  C  CA   . ALA A 1 92  ? -1.469  -0.172  -12.535 1.00 15.61 ? 216 ALA A CA   1 
ATOM   728  C  C    . ALA A 1 92  ? -1.119  0.567   -13.823 1.00 17.20 ? 216 ALA A C    1 
ATOM   729  O  O    . ALA A 1 92  ? -0.255  0.125   -14.579 1.00 18.97 ? 216 ALA A O    1 
ATOM   730  C  CB   . ALA A 1 92  ? -2.633  -1.115  -12.783 1.00 15.13 ? 216 ALA A CB   1 
ATOM   731  N  N    . THR A 1 93  ? -1.777  1.692   -14.075 1.00 16.97 ? 217 THR A N    1 
ATOM   732  C  CA   . THR A 1 93  ? -1.525  2.429   -15.304 1.00 17.77 ? 217 THR A CA   1 
ATOM   733  C  C    . THR A 1 93  ? -0.656  3.682   -15.210 1.00 17.65 ? 217 THR A C    1 
ATOM   734  O  O    . THR A 1 93  ? -0.063  4.089   -16.206 1.00 19.75 ? 217 THR A O    1 
ATOM   735  C  CB   . THR A 1 93  ? -2.862  2.821   -15.985 1.00 17.89 ? 217 THR A CB   1 
ATOM   736  O  OG1  . THR A 1 93  ? -3.598  3.705   -15.130 1.00 18.69 ? 217 THR A OG1  1 
ATOM   737  C  CG2  . THR A 1 93  ? -3.704  1.582   -16.250 1.00 19.36 ? 217 THR A CG2  1 
ATOM   738  N  N    . GLU A 1 94  ? -0.553  4.282   -14.027 1.00 17.13 ? 218 GLU A N    1 
ATOM   739  C  CA   . GLU A 1 94  ? 0.224   5.511   -13.880 1.00 17.16 ? 218 GLU A CA   1 
ATOM   740  C  C    . GLU A 1 94  ? 1.471   5.437   -13.009 1.00 16.75 ? 218 GLU A C    1 
ATOM   741  O  O    . GLU A 1 94  ? 2.250   6.391   -12.969 1.00 18.67 ? 218 GLU A O    1 
ATOM   742  C  CB   . GLU A 1 94  ? -0.667  6.619   -13.321 1.00 18.84 ? 218 GLU A CB   1 
ATOM   743  C  CG   . GLU A 1 94  ? -1.891  6.928   -14.157 1.00 23.16 ? 218 GLU A CG   1 
ATOM   744  C  CD   . GLU A 1 94  ? -1.538  7.328   -15.569 1.00 27.18 ? 218 GLU A CD   1 
ATOM   745  O  OE1  . GLU A 1 94  ? -0.654  8.194   -15.737 1.00 29.20 ? 218 GLU A OE1  1 
ATOM   746  O  OE2  . GLU A 1 94  ? -2.146  6.777   -16.511 1.00 30.60 ? 218 GLU A OE2  1 
ATOM   747  N  N    . VAL A 1 95  ? 1.668   4.327   -12.308 1.00 13.84 ? 219 VAL A N    1 
ATOM   748  C  CA   . VAL A 1 95  ? 2.823   4.222   -11.424 1.00 13.59 ? 219 VAL A CA   1 
ATOM   749  C  C    . VAL A 1 95  ? 3.862   3.203   -11.878 1.00 13.81 ? 219 VAL A C    1 
ATOM   750  O  O    . VAL A 1 95  ? 5.063   3.486   -11.870 1.00 13.18 ? 219 VAL A O    1 
ATOM   751  C  CB   . VAL A 1 95  ? 2.365   3.893   -9.990  1.00 13.51 ? 219 VAL A CB   1 
ATOM   752  C  CG1  . VAL A 1 95  ? 3.557   3.912   -9.039  1.00 14.84 ? 219 VAL A CG1  1 
ATOM   753  C  CG2  . VAL A 1 95  ? 1.314   4.904   -9.547  1.00 14.84 ? 219 VAL A CG2  1 
ATOM   754  N  N    . PHE A 1 96  ? 3.410   2.015   -12.260 1.00 14.15 ? 220 PHE A N    1 
ATOM   755  C  CA   . PHE A 1 96  ? 4.334   0.995   -12.737 1.00 14.85 ? 220 PHE A CA   1 
ATOM   756  C  C    . PHE A 1 96  ? 4.682   1.332   -14.182 1.00 16.77 ? 220 PHE A C    1 
ATOM   757  O  O    . PHE A 1 96  ? 4.228   0.678   -15.122 1.00 16.57 ? 220 PHE A O    1 
ATOM   758  C  CB   . PHE A 1 96  ? 3.701   -0.397  -12.640 1.00 15.64 ? 220 PHE A CB   1 
ATOM   759  C  CG   . PHE A 1 96  ? 3.741   -0.990  -11.253 1.00 12.55 ? 220 PHE A CG   1 
ATOM   760  C  CD1  . PHE A 1 96  ? 4.943   -1.442  -10.710 1.00 12.94 ? 220 PHE A CD1  1 
ATOM   761  C  CD2  . PHE A 1 96  ? 2.580   -1.110  -10.499 1.00 11.79 ? 220 PHE A CD2  1 
ATOM   762  C  CE1  . PHE A 1 96  ? 4.981   -2.008  -9.435  1.00 11.51 ? 220 PHE A CE1  1 
ATOM   763  C  CE2  . PHE A 1 96  ? 2.605   -1.673  -9.225  1.00 13.15 ? 220 PHE A CE2  1 
ATOM   764  C  CZ   . PHE A 1 96  ? 3.809   -2.125  -8.691  1.00 11.12 ? 220 PHE A CZ   1 
ATOM   765  N  N    . ARG A 1 97  ? 5.486   2.378   -14.339 1.00 16.32 ? 221 ARG A N    1 
ATOM   766  C  CA   . ARG A 1 97  ? 5.915   2.847   -15.649 1.00 17.02 ? 221 ARG A CA   1 
ATOM   767  C  C    . ARG A 1 97  ? 7.425   3.004   -15.673 1.00 16.77 ? 221 ARG A C    1 
ATOM   768  O  O    . ARG A 1 97  ? 8.017   3.563   -14.750 1.00 15.52 ? 221 ARG A O    1 
ATOM   769  C  CB   . ARG A 1 97  ? 5.262   4.196   -15.967 1.00 17.70 ? 221 ARG A CB   1 
ATOM   770  C  CG   . ARG A 1 97  ? 3.750   4.138   -16.077 1.00 20.75 ? 221 ARG A CG   1 
ATOM   771  C  CD   . ARG A 1 97  ? 3.173   5.506   -16.418 1.00 23.52 ? 221 ARG A CD   1 
ATOM   772  N  NE   . ARG A 1 97  ? 3.723   6.042   -17.661 1.00 26.76 ? 221 ARG A NE   1 
ATOM   773  C  CZ   . ARG A 1 97  ? 3.386   7.219   -18.178 0.00 25.88 ? 221 ARG A CZ   1 
ATOM   774  N  NH1  . ARG A 1 97  ? 2.498   7.988   -17.562 0.00 26.20 ? 221 ARG A NH1  1 
ATOM   775  N  NH2  . ARG A 1 97  ? 3.936   7.629   -19.313 0.00 26.20 ? 221 ARG A NH2  1 
ATOM   776  N  N    . GLU A 1 98  ? 8.051   2.511   -16.734 1.00 17.85 ? 222 GLU A N    1 
ATOM   777  C  CA   . GLU A 1 98  ? 9.494   2.609   -16.853 1.00 19.29 ? 222 GLU A CA   1 
ATOM   778  C  C    . GLU A 1 98  ? 9.935   4.073   -16.837 1.00 18.46 ? 222 GLU A C    1 
ATOM   779  O  O    . GLU A 1 98  ? 11.015  4.392   -16.346 1.00 16.91 ? 222 GLU A O    1 
ATOM   780  C  CB   . GLU A 1 98  ? 9.959   1.919   -18.139 1.00 23.01 ? 222 GLU A CB   1 
ATOM   781  C  CG   . GLU A 1 98  ? 11.458  1.981   -18.369 1.00 28.44 ? 222 GLU A CG   1 
ATOM   782  C  CD   . GLU A 1 98  ? 11.899  1.099   -19.520 1.00 31.92 ? 222 GLU A CD   1 
ATOM   783  O  OE1  . GLU A 1 98  ? 11.200  1.083   -20.554 1.00 34.49 ? 222 GLU A OE1  1 
ATOM   784  O  OE2  . GLU A 1 98  ? 12.948  0.433   -19.390 1.00 34.47 ? 222 GLU A OE2  1 
ATOM   785  N  N    . GLU A 1 99  ? 9.089   4.960   -17.353 1.00 17.50 ? 223 GLU A N    1 
ATOM   786  C  CA   . GLU A 1 99  ? 9.410   6.388   -17.382 1.00 19.71 ? 223 GLU A CA   1 
ATOM   787  C  C    . GLU A 1 99  ? 9.566   6.936   -15.967 1.00 18.30 ? 223 GLU A C    1 
ATOM   788  O  O    . GLU A 1 99  ? 10.249  7.938   -15.752 1.00 18.19 ? 223 GLU A O    1 
ATOM   789  C  CB   . GLU A 1 99  ? 8.307   7.190   -18.083 1.00 22.48 ? 223 GLU A CB   1 
ATOM   790  C  CG   . GLU A 1 99  ? 7.960   6.741   -19.489 1.00 28.14 ? 223 GLU A CG   1 
ATOM   791  C  CD   . GLU A 1 99  ? 6.979   5.587   -19.507 1.00 30.79 ? 223 GLU A CD   1 
ATOM   792  O  OE1  . GLU A 1 99  ? 7.351   4.476   -19.080 1.00 31.42 ? 223 GLU A OE1  1 
ATOM   793  O  OE2  . GLU A 1 99  ? 5.828   5.794   -19.949 1.00 35.73 ? 223 GLU A OE2  1 
ATOM   794  N  N    . LEU A 1 100 ? 8.919   6.281   -15.009 1.00 16.77 ? 224 LEU A N    1 
ATOM   795  C  CA   . LEU A 1 100 ? 8.963   6.719   -13.621 1.00 16.29 ? 224 LEU A CA   1 
ATOM   796  C  C    . LEU A 1 100 ? 9.964   5.958   -12.764 1.00 15.77 ? 224 LEU A C    1 
ATOM   797  O  O    . LEU A 1 100 ? 9.985   6.108   -11.542 1.00 15.57 ? 224 LEU A O    1 
ATOM   798  C  CB   . LEU A 1 100 ? 7.565   6.624   -13.009 1.00 19.28 ? 224 LEU A CB   1 
ATOM   799  C  CG   . LEU A 1 100 ? 6.516   7.455   -13.758 1.00 19.78 ? 224 LEU A CG   1 
ATOM   800  C  CD1  . LEU A 1 100 ? 5.160   7.299   -13.102 1.00 22.59 ? 224 LEU A CD1  1 
ATOM   801  C  CD2  . LEU A 1 100 ? 6.935   8.915   -13.764 1.00 22.20 ? 224 LEU A CD2  1 
ATOM   802  N  N    . GLY A 1 101 ? 10.795  5.144   -13.404 1.00 15.29 ? 225 GLY A N    1 
ATOM   803  C  CA   . GLY A 1 101 ? 11.797  4.404   -12.660 1.00 15.08 ? 225 GLY A CA   1 
ATOM   804  C  C    . GLY A 1 101 ? 11.518  2.926   -12.475 1.00 15.45 ? 225 GLY A C    1 
ATOM   805  O  O    . GLY A 1 101 ? 12.365  2.207   -11.948 1.00 16.56 ? 225 GLY A O    1 
ATOM   806  N  N    . ALA A 1 102 ? 10.345  2.465   -12.896 1.00 15.20 ? 226 ALA A N    1 
ATOM   807  C  CA   . ALA A 1 102 ? 10.000  1.051   -12.760 1.00 16.03 ? 226 ALA A CA   1 
ATOM   808  C  C    . ALA A 1 102 ? 10.948  0.233   -13.628 1.00 16.59 ? 226 ALA A C    1 
ATOM   809  O  O    . ALA A 1 102 ? 11.341  0.671   -14.709 1.00 17.36 ? 226 ALA A O    1 
ATOM   810  C  CB   . ALA A 1 102 ? 8.554   0.814   -13.185 1.00 15.92 ? 226 ALA A CB   1 
ATOM   811  N  N    . ARG A 1 103 ? 11.315  -0.951  -13.149 1.00 16.16 ? 227 ARG A N    1 
ATOM   812  C  CA   . ARG A 1 103 ? 12.227  -1.832  -13.872 1.00 16.79 ? 227 ARG A CA   1 
ATOM   813  C  C    . ARG A 1 103 ? 11.451  -2.962  -14.546 1.00 19.20 ? 227 ARG A C    1 
ATOM   814  O  O    . ARG A 1 103 ? 10.766  -3.739  -13.885 1.00 20.22 ? 227 ARG A O    1 
ATOM   815  C  CB   . ARG A 1 103 ? 13.263  -2.396  -12.900 1.00 15.74 ? 227 ARG A CB   1 
ATOM   816  C  CG   . ARG A 1 103 ? 14.105  -1.321  -12.229 1.00 16.90 ? 227 ARG A CG   1 
ATOM   817  C  CD   . ARG A 1 103 ? 14.877  -1.875  -11.044 1.00 15.25 ? 227 ARG A CD   1 
ATOM   818  N  NE   . ARG A 1 103 ? 13.972  -2.299  -9.980  1.00 17.61 ? 227 ARG A NE   1 
ATOM   819  C  CZ   . ARG A 1 103 ? 14.358  -2.844  -8.830  1.00 17.03 ? 227 ARG A CZ   1 
ATOM   820  N  NH1  . ARG A 1 103 ? 15.648  -3.042  -8.578  1.00 17.52 ? 227 ARG A NH1  1 
ATOM   821  N  NH2  . ARG A 1 103 ? 13.450  -3.188  -7.926  1.00 17.10 ? 227 ARG A NH2  1 
ATOM   822  N  N    . PRO A 1 104 ? 11.559  -3.067  -15.879 1.00 21.20 ? 228 PRO A N    1 
ATOM   823  C  CA   . PRO A 1 104 ? 10.876  -4.088  -16.677 1.00 22.58 ? 228 PRO A CA   1 
ATOM   824  C  C    . PRO A 1 104 ? 10.980  -5.523  -16.166 1.00 23.01 ? 228 PRO A C    1 
ATOM   825  O  O    . PRO A 1 104 ? 10.024  -6.290  -16.258 1.00 25.00 ? 228 PRO A O    1 
ATOM   826  C  CB   . PRO A 1 104 ? 11.511  -3.924  -18.054 1.00 24.03 ? 228 PRO A CB   1 
ATOM   827  C  CG   . PRO A 1 104 ? 11.782  -2.456  -18.109 1.00 23.39 ? 228 PRO A CG   1 
ATOM   828  C  CD   . PRO A 1 104 ? 12.373  -2.193  -16.742 1.00 22.07 ? 228 PRO A CD   1 
ATOM   829  N  N    . ASP A 1 105 ? 12.130  -5.890  -15.618 1.00 23.57 ? 229 ASP A N    1 
ATOM   830  C  CA   . ASP A 1 105 ? 12.303  -7.256  -15.138 1.00 23.84 ? 229 ASP A CA   1 
ATOM   831  C  C    . ASP A 1 105 ? 12.053  -7.458  -13.648 1.00 21.55 ? 229 ASP A C    1 
ATOM   832  O  O    . ASP A 1 105 ? 12.221  -8.561  -13.136 1.00 20.14 ? 229 ASP A O    1 
ATOM   833  C  CB   . ASP A 1 105 ? 13.701  -7.758  -15.498 1.00 27.68 ? 229 ASP A CB   1 
ATOM   834  C  CG   . ASP A 1 105 ? 13.944  -7.774  -16.997 1.00 32.08 ? 229 ASP A CG   1 
ATOM   835  O  OD1  . ASP A 1 105 ? 13.115  -8.359  -17.730 1.00 35.09 ? 229 ASP A OD1  1 
ATOM   836  O  OD2  . ASP A 1 105 ? 14.962  -7.203  -17.443 1.00 36.00 ? 229 ASP A OD2  1 
ATOM   837  N  N    . ALA A 1 106 ? 11.646  -6.406  -12.950 1.00 17.89 ? 230 ALA A N    1 
ATOM   838  C  CA   . ALA A 1 106 ? 11.386  -6.532  -11.521 1.00 16.32 ? 230 ALA A CA   1 
ATOM   839  C  C    . ALA A 1 106 ? 10.013  -7.148  -11.290 1.00 14.74 ? 230 ALA A C    1 
ATOM   840  O  O    . ALA A 1 106 ? 9.133   -7.063  -12.143 1.00 15.88 ? 230 ALA A O    1 
ATOM   841  C  CB   . ALA A 1 106 ? 11.459  -5.163  -10.850 1.00 15.72 ? 230 ALA A CB   1 
ATOM   842  N  N    . THR A 1 107 ? 9.838   -7.787  -10.139 1.00 12.98 ? 231 THR A N    1 
ATOM   843  C  CA   . THR A 1 107 ? 8.552   -8.371  -9.800  1.00 12.58 ? 231 THR A CA   1 
ATOM   844  C  C    . THR A 1 107 ? 7.734   -7.228  -9.211  1.00 12.37 ? 231 THR A C    1 
ATOM   845  O  O    . THR A 1 107 ? 8.223   -6.483  -8.365  1.00 12.24 ? 231 THR A O    1 
ATOM   846  C  CB   . THR A 1 107 ? 8.705   -9.494  -8.770  1.00 13.45 ? 231 THR A CB   1 
ATOM   847  O  OG1  . THR A 1 107 ? 9.486   -10.551 -9.345  1.00 15.97 ? 231 THR A OG1  1 
ATOM   848  C  CG2  . THR A 1 107 ? 7.343   -10.035 -8.363  1.00 15.60 ? 231 THR A CG2  1 
ATOM   849  N  N    . LYS A 1 108 ? 6.502   -7.078  -9.680  1.00 10.93 ? 232 LYS A N    1 
ATOM   850  C  CA   . LYS A 1 108 ? 5.638   -5.996  -9.221  1.00 10.41 ? 232 LYS A CA   1 
ATOM   851  C  C    . LYS A 1 108 ? 4.764   -6.371  -8.032  1.00 10.72 ? 232 LYS A C    1 
ATOM   852  O  O    . LYS A 1 108 ? 4.029   -7.357  -8.068  1.00 9.71  ? 232 LYS A O    1 
ATOM   853  C  CB   . LYS A 1 108 ? 4.760   -5.522  -10.379 1.00 11.34 ? 232 LYS A CB   1 
ATOM   854  C  CG   . LYS A 1 108 ? 5.556   -5.018  -11.574 1.00 12.65 ? 232 LYS A CG   1 
ATOM   855  C  CD   . LYS A 1 108 ? 4.634   -4.548  -12.688 1.00 18.64 ? 232 LYS A CD   1 
ATOM   856  C  CE   . LYS A 1 108 ? 3.861   -5.710  -13.279 1.00 23.02 ? 232 LYS A CE   1 
ATOM   857  N  NZ   . LYS A 1 108 ? 4.778   -6.713  -13.887 1.00 28.83 ? 232 LYS A NZ   1 
ATOM   858  N  N    . VAL A 1 109 ? 4.839   -5.567  -6.976  1.00 10.06 ? 233 VAL A N    1 
ATOM   859  C  CA   . VAL A 1 109 ? 4.060   -5.827  -5.777  1.00 9.12  ? 233 VAL A CA   1 
ATOM   860  C  C    . VAL A 1 109 ? 3.320   -4.574  -5.352  1.00 9.14  ? 233 VAL A C    1 
ATOM   861  O  O    . VAL A 1 109 ? 3.874   -3.479  -5.384  1.00 9.48  ? 233 VAL A O    1 
ATOM   862  C  CB   . VAL A 1 109 ? 4.971   -6.286  -4.615  1.00 9.62  ? 233 VAL A CB   1 
ATOM   863  C  CG1  . VAL A 1 109 ? 4.147   -6.510  -3.351  1.00 10.88 ? 233 VAL A CG1  1 
ATOM   864  C  CG2  . VAL A 1 109 ? 5.682   -7.570  -5.008  1.00 12.44 ? 233 VAL A CG2  1 
ATOM   865  N  N    . LEU A 1 110 ? 2.063   -4.754  -4.962  1.00 9.29  ? 234 LEU A N    1 
ATOM   866  C  CA   . LEU A 1 110 ? 1.222   -3.657  -4.508  1.00 9.70  ? 234 LEU A CA   1 
ATOM   867  C  C    . LEU A 1 110 ? 0.725   -4.000  -3.117  1.00 8.88  ? 234 LEU A C    1 
ATOM   868  O  O    . LEU A 1 110 ? 0.165   -5.077  -2.898  1.00 10.23 ? 234 LEU A O    1 
ATOM   869  C  CB   . LEU A 1 110 ? 0.024   -3.483  -5.447  1.00 8.10  ? 234 LEU A CB   1 
ATOM   870  C  CG   . LEU A 1 110 ? -1.073  -2.509  -5.007  1.00 12.12 ? 234 LEU A CG   1 
ATOM   871  C  CD1  . LEU A 1 110 ? -0.541  -1.084  -4.943  1.00 13.52 ? 234 LEU A CD1  1 
ATOM   872  C  CD2  . LEU A 1 110 ? -2.223  -2.596  -5.997  1.00 13.71 ? 234 LEU A CD2  1 
ATOM   873  N  N    . ILE A 1 111 ? 0.955   -3.090  -2.175  1.00 9.57  ? 235 ILE A N    1 
ATOM   874  C  CA   . ILE A 1 111 ? 0.523   -3.271  -0.796  1.00 8.75  ? 235 ILE A CA   1 
ATOM   875  C  C    . ILE A 1 111 ? -0.554  -2.227  -0.546  1.00 9.13  ? 235 ILE A C    1 
ATOM   876  O  O    . ILE A 1 111 ? -0.264  -1.033  -0.481  1.00 9.61  ? 235 ILE A O    1 
ATOM   877  C  CB   . ILE A 1 111 ? 1.675   -3.017  0.206   1.00 8.54  ? 235 ILE A CB   1 
ATOM   878  C  CG1  . ILE A 1 111 ? 2.883   -3.896  -0.135  1.00 9.03  ? 235 ILE A CG1  1 
ATOM   879  C  CG2  . ILE A 1 111 ? 1.191   -3.271  1.624   1.00 10.34 ? 235 ILE A CG2  1 
ATOM   880  C  CD1  . ILE A 1 111 ? 2.578   -5.384  -0.238  1.00 10.69 ? 235 ILE A CD1  1 
ATOM   881  N  N    . ILE A 1 112 ? -1.794  -2.680  -0.419  1.00 9.42  ? 236 ILE A N    1 
ATOM   882  C  CA   . ILE A 1 112 ? -2.915  -1.783  -0.177  1.00 10.30 ? 236 ILE A CA   1 
ATOM   883  C  C    . ILE A 1 112 ? -3.188  -1.743  1.318   1.00 10.94 ? 236 ILE A C    1 
ATOM   884  O  O    . ILE A 1 112 ? -3.320  -2.784  1.957   1.00 11.23 ? 236 ILE A O    1 
ATOM   885  C  CB   . ILE A 1 112 ? -4.172  -2.273  -0.909  1.00 12.16 ? 236 ILE A CB   1 
ATOM   886  C  CG1  . ILE A 1 112 ? -3.843  -2.506  -2.385  1.00 12.10 ? 236 ILE A CG1  1 
ATOM   887  C  CG2  . ILE A 1 112 ? -5.290  -1.244  -0.766  1.00 11.02 ? 236 ILE A CG2  1 
ATOM   888  C  CD1  . ILE A 1 112 ? -4.989  -3.116  -3.188  1.00 15.57 ? 236 ILE A CD1  1 
ATOM   889  N  N    . ILE A 1 113 ? -3.258  -0.539  1.873   1.00 9.13  ? 237 ILE A N    1 
ATOM   890  C  CA   . ILE A 1 113 ? -3.515  -0.367  3.298   1.00 10.93 ? 237 ILE A CA   1 
ATOM   891  C  C    . ILE A 1 113 ? -4.784  0.465   3.444   1.00 10.92 ? 237 ILE A C    1 
ATOM   892  O  O    . ILE A 1 113 ? -4.829  1.616   3.007   1.00 11.27 ? 237 ILE A O    1 
ATOM   893  C  CB   . ILE A 1 113 ? -2.340  0.356   3.980   1.00 12.30 ? 237 ILE A CB   1 
ATOM   894  C  CG1  . ILE A 1 113 ? -1.037  -0.389  3.661   1.00 12.79 ? 237 ILE A CG1  1 
ATOM   895  C  CG2  . ILE A 1 113 ? -2.564  0.409   5.492   1.00 12.54 ? 237 ILE A CG2  1 
ATOM   896  C  CD1  . ILE A 1 113 ? 0.219   0.311   4.156   1.00 14.83 ? 237 ILE A CD1  1 
ATOM   897  N  N    . THR A 1 114 ? -5.811  -0.114  4.056   1.00 10.17 ? 238 THR A N    1 
ATOM   898  C  CA   . THR A 1 114 ? -7.080  0.594   4.199   1.00 11.46 ? 238 THR A CA   1 
ATOM   899  C  C    . THR A 1 114 ? -7.809  0.269   5.502   1.00 13.47 ? 238 THR A C    1 
ATOM   900  O  O    . THR A 1 114 ? -7.560  -0.769  6.119   1.00 12.40 ? 238 THR A O    1 
ATOM   901  C  CB   . THR A 1 114 ? -7.997  0.260   3.001   1.00 12.69 ? 238 THR A CB   1 
ATOM   902  O  OG1  . THR A 1 114 ? -9.198  1.036   3.079   1.00 15.12 ? 238 THR A OG1  1 
ATOM   903  C  CG2  . THR A 1 114 ? -8.354  -1.225  2.999   1.00 14.65 ? 238 THR A CG2  1 
ATOM   904  N  N    . ASP A 1 115 ? -8.712  1.157   5.915   1.00 12.32 ? 239 ASP A N    1 
ATOM   905  C  CA   . ASP A 1 115 ? -9.463  0.945   7.153   1.00 14.84 ? 239 ASP A CA   1 
ATOM   906  C  C    . ASP A 1 115 ? -10.975 0.915   6.928   1.00 16.08 ? 239 ASP A C    1 
ATOM   907  O  O    . ASP A 1 115 ? -11.753 1.025   7.875   1.00 15.23 ? 239 ASP A O    1 
ATOM   908  C  CB   . ASP A 1 115 ? -9.130  2.045   8.162   1.00 16.85 ? 239 ASP A CB   1 
ATOM   909  C  CG   . ASP A 1 115 ? -9.754  3.373   7.792   1.00 22.00 ? 239 ASP A CG   1 
ATOM   910  O  OD1  . ASP A 1 115 ? -9.676  3.750   6.604   1.00 26.21 ? 239 ASP A OD1  1 
ATOM   911  O  OD2  . ASP A 1 115 ? -10.315 4.042   8.686   1.00 20.64 ? 239 ASP A OD2  1 
ATOM   912  N  N    . GLY A 1 116 ? -11.396 0.767   5.678   1.00 16.44 ? 240 GLY A N    1 
ATOM   913  C  CA   . GLY A 1 116 ? -12.821 0.734   5.404   1.00 19.61 ? 240 GLY A CA   1 
ATOM   914  C  C    . GLY A 1 116 ? -13.152 0.171   4.039   1.00 20.36 ? 240 GLY A C    1 
ATOM   915  O  O    . GLY A 1 116 ? -12.259 -0.155  3.262   1.00 20.05 ? 240 GLY A O    1 
ATOM   916  N  N    . GLU A 1 117 ? -14.443 0.049   3.750   1.00 22.10 ? 241 GLU A N    1 
ATOM   917  C  CA   . GLU A 1 117 ? -14.887 -0.469  2.462   1.00 20.79 ? 241 GLU A CA   1 
ATOM   918  C  C    . GLU A 1 117 ? -14.787 0.625   1.401   1.00 20.15 ? 241 GLU A C    1 
ATOM   919  O  O    . GLU A 1 117 ? -14.896 1.813   1.705   1.00 20.41 ? 241 GLU A O    1 
ATOM   920  C  CB   . GLU A 1 117 ? -16.331 -0.971  2.564   1.00 23.63 ? 241 GLU A CB   1 
ATOM   921  C  CG   . GLU A 1 117 ? -16.874 -1.568  1.275   0.00 22.70 ? 241 GLU A CG   1 
ATOM   922  C  CD   . GLU A 1 117 ? -18.293 -2.081  1.421   0.00 22.97 ? 241 GLU A CD   1 
ATOM   923  O  OE1  . GLU A 1 117 ? -18.846 -2.596  0.425   0.00 22.88 ? 241 GLU A OE1  1 
ATOM   924  O  OE2  . GLU A 1 117 ? -18.858 -1.972  2.530   0.00 22.88 ? 241 GLU A OE2  1 
ATOM   925  N  N    . ALA A 1 118 ? -14.580 0.214   0.155   1.00 18.74 ? 242 ALA A N    1 
ATOM   926  C  CA   . ALA A 1 118 ? -14.452 1.151   -0.948  1.00 17.96 ? 242 ALA A CA   1 
ATOM   927  C  C    . ALA A 1 118 ? -15.756 1.900   -1.192  1.00 17.83 ? 242 ALA A C    1 
ATOM   928  O  O    . ALA A 1 118 ? -16.844 1.363   -0.982  1.00 19.29 ? 242 ALA A O    1 
ATOM   929  C  CB   . ALA A 1 118 ? -14.030 0.408   -2.210  1.00 16.96 ? 242 ALA A CB   1 
ATOM   930  N  N    . THR A 1 119 ? -15.638 3.148   -1.629  1.00 18.00 ? 243 THR A N    1 
ATOM   931  C  CA   . THR A 1 119 ? -16.808 3.970   -1.902  1.00 19.39 ? 243 THR A CA   1 
ATOM   932  C  C    . THR A 1 119 ? -17.084 4.047   -3.398  1.00 19.75 ? 243 THR A C    1 
ATOM   933  O  O    . THR A 1 119 ? -17.970 4.779   -3.837  1.00 21.73 ? 243 THR A O    1 
ATOM   934  C  CB   . THR A 1 119 ? -16.630 5.397   -1.339  1.00 20.26 ? 243 THR A CB   1 
ATOM   935  O  OG1  . THR A 1 119 ? -15.401 5.957   -1.817  1.00 23.38 ? 243 THR A OG1  1 
ATOM   936  C  CG2  . THR A 1 119 ? -16.601 5.366   0.180   1.00 21.45 ? 243 THR A CG2  1 
ATOM   937  N  N    . ASP A 1 120 ? -16.323 3.285   -4.180  1.00 17.65 ? 244 ASP A N    1 
ATOM   938  C  CA   . ASP A 1 120 ? -16.504 3.270   -5.628  1.00 16.60 ? 244 ASP A CA   1 
ATOM   939  C  C    . ASP A 1 120 ? -16.568 1.838   -6.147  1.00 15.21 ? 244 ASP A C    1 
ATOM   940  O  O    . ASP A 1 120 ? -16.801 0.902   -5.388  1.00 17.54 ? 244 ASP A O    1 
ATOM   941  C  CB   . ASP A 1 120 ? -15.362 4.033   -6.321  1.00 16.64 ? 244 ASP A CB   1 
ATOM   942  C  CG   . ASP A 1 120 ? -14.028 3.294   -6.262  1.00 16.71 ? 244 ASP A CG   1 
ATOM   943  O  OD1  . ASP A 1 120 ? -13.853 2.434   -5.376  1.00 16.75 ? 244 ASP A OD1  1 
ATOM   944  O  OD2  . ASP A 1 120 ? -13.147 3.590   -7.099  1.00 16.96 ? 244 ASP A OD2  1 
ATOM   945  N  N    . SER A 1 121 ? -16.382 1.678   -7.450  1.00 15.86 ? 245 SER A N    1 
ATOM   946  C  CA   . SER A 1 121 ? -16.403 0.364   -8.072  1.00 15.65 ? 245 SER A CA   1 
ATOM   947  C  C    . SER A 1 121 ? -15.599 0.462   -9.354  1.00 17.23 ? 245 SER A C    1 
ATOM   948  O  O    . SER A 1 121 ? -15.238 1.557   -9.779  1.00 18.10 ? 245 SER A O    1 
ATOM   949  C  CB   . SER A 1 121 ? -17.837 -0.058  -8.390  1.00 17.91 ? 245 SER A CB   1 
ATOM   950  O  OG   . SER A 1 121 ? -18.429 0.844   -9.309  1.00 16.62 ? 245 SER A OG   1 
ATOM   951  N  N    . GLY A 1 122 ? -15.307 -0.675  -9.969  1.00 19.14 ? 246 GLY A N    1 
ATOM   952  C  CA   . GLY A 1 122 ? -14.555 -0.637  -11.204 1.00 21.04 ? 246 GLY A CA   1 
ATOM   953  C  C    . GLY A 1 122 ? -13.774 -1.893  -11.503 1.00 21.65 ? 246 GLY A C    1 
ATOM   954  O  O    . GLY A 1 122 ? -13.465 -2.686  -10.616 1.00 22.80 ? 246 GLY A O    1 
ATOM   955  N  N    . ASN A 1 123 ? -13.460 -2.074  -12.778 1.00 21.96 ? 247 ASN A N    1 
ATOM   956  C  CA   . ASN A 1 123 ? -12.699 -3.227  -13.217 1.00 21.88 ? 247 ASN A CA   1 
ATOM   957  C  C    . ASN A 1 123 ? -11.237 -2.971  -12.872 1.00 20.59 ? 247 ASN A C    1 
ATOM   958  O  O    . ASN A 1 123 ? -10.737 -1.862  -13.066 1.00 21.04 ? 247 ASN A O    1 
ATOM   959  C  CB   . ASN A 1 123 ? -12.865 -3.402  -14.729 1.00 22.90 ? 247 ASN A CB   1 
ATOM   960  C  CG   . ASN A 1 123 ? -12.080 -4.575  -15.271 1.00 24.36 ? 247 ASN A CG   1 
ATOM   961  O  OD1  . ASN A 1 123 ? -10.853 -4.607  -15.189 1.00 26.26 ? 247 ASN A OD1  1 
ATOM   962  N  ND2  . ASN A 1 123 ? -12.785 -5.549  -15.831 1.00 26.48 ? 247 ASN A ND2  1 
ATOM   963  N  N    . ILE A 1 124 ? -10.560 -3.985  -12.344 1.00 19.50 ? 248 ILE A N    1 
ATOM   964  C  CA   . ILE A 1 124 ? -9.151  -3.840  -11.994 1.00 19.32 ? 248 ILE A CA   1 
ATOM   965  C  C    . ILE A 1 124 ? -8.269  -4.870  -12.695 1.00 20.44 ? 248 ILE A C    1 
ATOM   966  O  O    . ILE A 1 124 ? -7.226  -5.268  -12.173 1.00 19.84 ? 248 ILE A O    1 
ATOM   967  C  CB   . ILE A 1 124 ? -8.929  -3.948  -10.465 1.00 19.45 ? 248 ILE A CB   1 
ATOM   968  C  CG1  . ILE A 1 124 ? -9.515  -5.257  -9.937  1.00 21.63 ? 248 ILE A CG1  1 
ATOM   969  C  CG2  . ILE A 1 124 ? -9.563  -2.755  -9.767  1.00 18.99 ? 248 ILE A CG2  1 
ATOM   970  C  CD1  . ILE A 1 124 ? -9.214  -5.510  -8.470  1.00 23.33 ? 248 ILE A CD1  1 
ATOM   971  N  N    . ASP A 1 125 ? -8.683  -5.297  -13.885 1.00 19.94 ? 249 ASP A N    1 
ATOM   972  C  CA   . ASP A 1 125 ? -7.902  -6.270  -14.641 1.00 21.08 ? 249 ASP A CA   1 
ATOM   973  C  C    . ASP A 1 125 ? -6.546  -5.687  -15.032 1.00 20.22 ? 249 ASP A C    1 
ATOM   974  O  O    . ASP A 1 125 ? -5.617  -6.422  -15.362 1.00 20.80 ? 249 ASP A O    1 
ATOM   975  C  CB   . ASP A 1 125 ? -8.641  -6.700  -15.915 1.00 24.10 ? 249 ASP A CB   1 
ATOM   976  C  CG   . ASP A 1 125 ? -9.961  -7.387  -15.629 1.00 28.80 ? 249 ASP A CG   1 
ATOM   977  O  OD1  . ASP A 1 125 ? -10.061 -8.103  -14.611 1.00 30.70 ? 249 ASP A OD1  1 
ATOM   978  O  OD2  . ASP A 1 125 ? -10.897 -7.226  -16.441 1.00 31.52 ? 249 ASP A OD2  1 
ATOM   979  N  N    . ALA A 1 126 ? -6.436  -4.362  -14.996 1.00 19.19 ? 250 ALA A N    1 
ATOM   980  C  CA   . ALA A 1 126 ? -5.188  -3.696  -15.354 1.00 17.80 ? 250 ALA A CA   1 
ATOM   981  C  C    . ALA A 1 126 ? -4.062  -4.072  -14.397 1.00 18.25 ? 250 ALA A C    1 
ATOM   982  O  O    . ALA A 1 126 ? -2.885  -3.929  -14.726 1.00 18.64 ? 250 ALA A O    1 
ATOM   983  C  CB   . ALA A 1 126 ? -5.383  -2.184  -15.353 1.00 18.70 ? 250 ALA A CB   1 
ATOM   984  N  N    . ALA A 1 127 ? -4.426  -4.560  -13.217 1.00 17.62 ? 251 ALA A N    1 
ATOM   985  C  CA   . ALA A 1 127 ? -3.433  -4.939  -12.219 1.00 16.58 ? 251 ALA A CA   1 
ATOM   986  C  C    . ALA A 1 127 ? -3.190  -6.446  -12.156 1.00 18.72 ? 251 ALA A C    1 
ATOM   987  O  O    . ALA A 1 127 ? -2.642  -6.945  -11.172 1.00 18.47 ? 251 ALA A O    1 
ATOM   988  C  CB   . ALA A 1 127 ? -3.867  -4.432  -10.852 1.00 16.86 ? 251 ALA A CB   1 
ATOM   989  N  N    . LYS A 1 128 ? -3.574  -7.168  -13.205 1.00 19.54 ? 252 LYS A N    1 
ATOM   990  C  CA   . LYS A 1 128 ? -3.408  -8.620  -13.213 1.00 22.65 ? 252 LYS A CA   1 
ATOM   991  C  C    . LYS A 1 128 ? -1.982  -9.158  -13.124 1.00 21.34 ? 252 LYS A C    1 
ATOM   992  O  O    . LYS A 1 128 ? -1.777  -10.279 -12.658 1.00 23.28 ? 252 LYS A O    1 
ATOM   993  C  CB   . LYS A 1 128 ? -4.110  -9.224  -14.433 1.00 24.68 ? 252 LYS A CB   1 
ATOM   994  C  CG   . LYS A 1 128 ? -5.620  -9.064  -14.393 1.00 31.88 ? 252 LYS A CG   1 
ATOM   995  C  CD   . LYS A 1 128 ? -6.186  -9.448  -13.027 1.00 35.59 ? 252 LYS A CD   1 
ATOM   996  C  CE   . LYS A 1 128 ? -7.677  -9.158  -12.933 1.00 37.46 ? 252 LYS A CE   1 
ATOM   997  N  NZ   . LYS A 1 128 ? -8.203  -9.376  -11.555 1.00 39.61 ? 252 LYS A NZ   1 
ATOM   998  N  N    . ASP A 1 129 ? -0.994  -8.386  -13.560 1.00 20.61 ? 253 ASP A N    1 
ATOM   999  C  CA   . ASP A 1 129 ? 0.384   -8.862  -13.482 1.00 20.52 ? 253 ASP A CA   1 
ATOM   1000 C  C    . ASP A 1 129 ? 1.072   -8.387  -12.209 1.00 18.12 ? 253 ASP A C    1 
ATOM   1001 O  O    . ASP A 1 129 ? 2.284   -8.541  -12.048 1.00 18.29 ? 253 ASP A O    1 
ATOM   1002 C  CB   . ASP A 1 129 ? 1.184   -8.409  -14.704 1.00 23.79 ? 253 ASP A CB   1 
ATOM   1003 C  CG   . ASP A 1 129 ? 0.744   -9.109  -15.973 1.00 28.23 ? 253 ASP A CG   1 
ATOM   1004 O  OD1  . ASP A 1 129 ? 0.621   -10.354 -15.951 1.00 29.67 ? 253 ASP A OD1  1 
ATOM   1005 O  OD2  . ASP A 1 129 ? 0.526   -8.418  -16.991 1.00 31.88 ? 253 ASP A OD2  1 
ATOM   1006 N  N    . ILE A 1 130 ? 0.283   -7.822  -11.304 1.00 15.91 ? 254 ILE A N    1 
ATOM   1007 C  CA   . ILE A 1 130 ? 0.796   -7.314  -10.038 1.00 14.26 ? 254 ILE A CA   1 
ATOM   1008 C  C    . ILE A 1 130 ? 0.401   -8.211  -8.867  1.00 13.88 ? 254 ILE A C    1 
ATOM   1009 O  O    . ILE A 1 130 ? -0.750  -8.635  -8.758  1.00 15.84 ? 254 ILE A O    1 
ATOM   1010 C  CB   . ILE A 1 130 ? 0.253   -5.882  -9.768  1.00 13.37 ? 254 ILE A CB   1 
ATOM   1011 C  CG1  . ILE A 1 130 ? 0.631   -4.957  -10.926 1.00 13.44 ? 254 ILE A CG1  1 
ATOM   1012 C  CG2  . ILE A 1 130 ? 0.819   -5.341  -8.449  1.00 13.59 ? 254 ILE A CG2  1 
ATOM   1013 C  CD1  . ILE A 1 130 ? 0.094   -3.538  -10.789 1.00 14.01 ? 254 ILE A CD1  1 
ATOM   1014 N  N    . ILE A 1 131 ? 1.363   -8.516  -7.998  1.00 12.69 ? 255 ILE A N    1 
ATOM   1015 C  CA   . ILE A 1 131 ? 1.085   -9.324  -6.816  1.00 12.53 ? 255 ILE A CA   1 
ATOM   1016 C  C    . ILE A 1 131 ? 0.457   -8.335  -5.844  1.00 13.00 ? 255 ILE A C    1 
ATOM   1017 O  O    . ILE A 1 131 ? 1.070   -7.323  -5.509  1.00 12.03 ? 255 ILE A O    1 
ATOM   1018 C  CB   . ILE A 1 131 ? 2.382   -9.889  -6.221  1.00 13.06 ? 255 ILE A CB   1 
ATOM   1019 C  CG1  . ILE A 1 131 ? 3.022   -10.848 -7.226  1.00 15.30 ? 255 ILE A CG1  1 
ATOM   1020 C  CG2  . ILE A 1 131 ? 2.089   -10.598 -4.900  1.00 14.07 ? 255 ILE A CG2  1 
ATOM   1021 C  CD1  . ILE A 1 131 ? 4.397   -11.337 -6.821  1.00 17.27 ? 255 ILE A CD1  1 
ATOM   1022 N  N    . ARG A 1 132 ? -0.760  -8.621  -5.388  1.00 12.64 ? 256 ARG A N    1 
ATOM   1023 C  CA   . ARG A 1 132 ? -1.453  -7.686  -4.511  1.00 13.86 ? 256 ARG A CA   1 
ATOM   1024 C  C    . ARG A 1 132 ? -1.792  -8.161  -3.111  1.00 13.28 ? 256 ARG A C    1 
ATOM   1025 O  O    . ARG A 1 132 ? -2.467  -9.174  -2.921  1.00 12.76 ? 256 ARG A O    1 
ATOM   1026 C  CB   . ARG A 1 132 ? -2.740  -7.216  -5.199  1.00 15.41 ? 256 ARG A CB   1 
ATOM   1027 C  CG   . ARG A 1 132 ? -2.527  -6.747  -6.631  1.00 17.92 ? 256 ARG A CG   1 
ATOM   1028 C  CD   . ARG A 1 132 ? -3.846  -6.403  -7.316  1.00 20.72 ? 256 ARG A CD   1 
ATOM   1029 N  NE   . ARG A 1 132 ? -4.788  -7.520  -7.315  1.00 25.85 ? 256 ARG A NE   1 
ATOM   1030 C  CZ   . ARG A 1 132 ? -4.639  -8.638  -8.021  1.00 26.00 ? 256 ARG A CZ   1 
ATOM   1031 N  NH1  . ARG A 1 132 ? -3.580  -8.806  -8.800  1.00 26.87 ? 256 ARG A NH1  1 
ATOM   1032 N  NH2  . ARG A 1 132 ? -5.555  -9.593  -7.948  1.00 27.57 ? 256 ARG A NH2  1 
ATOM   1033 N  N    . TYR A 1 133 ? -1.316  -7.404  -2.128  1.00 11.98 ? 257 TYR A N    1 
ATOM   1034 C  CA   . TYR A 1 133 ? -1.592  -7.686  -0.730  1.00 10.95 ? 257 TYR A CA   1 
ATOM   1035 C  C    . TYR A 1 133 ? -2.477  -6.554  -0.250  1.00 10.26 ? 257 TYR A C    1 
ATOM   1036 O  O    . TYR A 1 133 ? -2.366  -5.425  -0.732  1.00 9.14  ? 257 TYR A O    1 
ATOM   1037 C  CB   . TYR A 1 133 ? -0.313  -7.648  0.107   1.00 10.59 ? 257 TYR A CB   1 
ATOM   1038 C  CG   . TYR A 1 133 ? 0.592   -8.834  -0.069  1.00 11.36 ? 257 TYR A CG   1 
ATOM   1039 C  CD1  . TYR A 1 133 ? 0.486   -9.939  0.769   1.00 11.37 ? 257 TYR A CD1  1 
ATOM   1040 C  CD2  . TYR A 1 133 ? 1.550   -8.856  -1.083  1.00 14.10 ? 257 TYR A CD2  1 
ATOM   1041 C  CE1  . TYR A 1 133 ? 1.309   -11.042 0.603   1.00 14.45 ? 257 TYR A CE1  1 
ATOM   1042 C  CE2  . TYR A 1 133 ? 2.379   -9.955  -1.258  1.00 14.40 ? 257 TYR A CE2  1 
ATOM   1043 C  CZ   . TYR A 1 133 ? 2.252   -11.040 -0.415  1.00 14.64 ? 257 TYR A CZ   1 
ATOM   1044 O  OH   . TYR A 1 133 ? 3.050   -12.144 -0.600  1.00 18.44 ? 257 TYR A OH   1 
ATOM   1045 N  N    . ILE A 1 134 ? -3.363  -6.853  0.686   1.00 9.46  ? 258 ILE A N    1 
ATOM   1046 C  CA   . ILE A 1 134 ? -4.192  -5.803  1.248   1.00 10.34 ? 258 ILE A CA   1 
ATOM   1047 C  C    . ILE A 1 134 ? -4.202  -5.966  2.755   1.00 12.11 ? 258 ILE A C    1 
ATOM   1048 O  O    . ILE A 1 134 ? -4.352  -7.073  3.278   1.00 13.29 ? 258 ILE A O    1 
ATOM   1049 C  CB   . ILE A 1 134 ? -5.627  -5.827  0.693   1.00 10.12 ? 258 ILE A CB   1 
ATOM   1050 C  CG1  . ILE A 1 134 ? -6.411  -4.636  1.258   1.00 10.89 ? 258 ILE A CG1  1 
ATOM   1051 C  CG2  . ILE A 1 134 ? -6.305  -7.141  1.036   1.00 11.15 ? 258 ILE A CG2  1 
ATOM   1052 C  CD1  . ILE A 1 134 ? -7.644  -4.279  0.453   1.00 16.14 ? 258 ILE A CD1  1 
ATOM   1053 N  N    . ILE A 1 135 ? -4.004  -4.850  3.444   1.00 11.28 ? 259 ILE A N    1 
ATOM   1054 C  CA   . ILE A 1 135 ? -3.982  -4.826  4.895   1.00 11.33 ? 259 ILE A CA   1 
ATOM   1055 C  C    . ILE A 1 135 ? -5.214  -4.050  5.349   1.00 10.69 ? 259 ILE A C    1 
ATOM   1056 O  O    . ILE A 1 135 ? -5.292  -2.840  5.150   1.00 12.47 ? 259 ILE A O    1 
ATOM   1057 C  CB   . ILE A 1 135 ? -2.699  -4.126  5.395   1.00 11.23 ? 259 ILE A CB   1 
ATOM   1058 C  CG1  . ILE A 1 135 ? -1.470  -4.869  4.856   1.00 12.03 ? 259 ILE A CG1  1 
ATOM   1059 C  CG2  . ILE A 1 135 ? -2.662  -4.092  6.922   1.00 9.83  ? 259 ILE A CG2  1 
ATOM   1060 C  CD1  . ILE A 1 135 ? -0.155  -4.165  5.136   1.00 12.87 ? 259 ILE A CD1  1 
ATOM   1061 N  N    . GLY A 1 136 ? -6.181  -4.767  5.921   1.00 10.63 ? 260 GLY A N    1 
ATOM   1062 C  CA   . GLY A 1 136 ? -7.405  -4.147  6.405   1.00 11.39 ? 260 GLY A CA   1 
ATOM   1063 C  C    . GLY A 1 136 ? -7.229  -3.933  7.891   1.00 11.40 ? 260 GLY A C    1 
ATOM   1064 O  O    . GLY A 1 136 ? -6.985  -4.883  8.628   1.00 11.35 ? 260 GLY A O    1 
ATOM   1065 N  N    . ILE A 1 137 ? -7.386  -2.694  8.335   1.00 11.37 ? 261 ILE A N    1 
ATOM   1066 C  CA   . ILE A 1 137 ? -7.165  -2.359  9.734   1.00 12.82 ? 261 ILE A CA   1 
ATOM   1067 C  C    . ILE A 1 137 ? -8.368  -1.793  10.475  1.00 14.48 ? 261 ILE A C    1 
ATOM   1068 O  O    . ILE A 1 137 ? -9.092  -0.960  9.943   1.00 13.32 ? 261 ILE A O    1 
ATOM   1069 C  CB   . ILE A 1 137 ? -6.039  -1.315  9.849   1.00 13.27 ? 261 ILE A CB   1 
ATOM   1070 C  CG1  . ILE A 1 137 ? -4.854  -1.726  8.972   1.00 12.77 ? 261 ILE A CG1  1 
ATOM   1071 C  CG2  . ILE A 1 137 ? -5.603  -1.167  11.301  1.00 13.35 ? 261 ILE A CG2  1 
ATOM   1072 C  CD1  . ILE A 1 137 ? -3.782  -0.657  8.867   1.00 14.37 ? 261 ILE A CD1  1 
ATOM   1073 N  N    . GLY A 1 138 ? -8.573  -2.249  11.708  1.00 14.73 ? 262 GLY A N    1 
ATOM   1074 C  CA   . GLY A 1 138 ? -9.651  -1.701  12.513  1.00 16.52 ? 262 GLY A CA   1 
ATOM   1075 C  C    . GLY A 1 138 ? -10.986 -2.405  12.649  1.00 16.47 ? 262 GLY A C    1 
ATOM   1076 O  O    . GLY A 1 138 ? -11.236 -3.452  12.057  1.00 18.39 ? 262 GLY A O    1 
ATOM   1077 N  N    . LYS A 1 139 ? -11.854 -1.776  13.437  1.00 18.91 ? 263 LYS A N    1 
ATOM   1078 C  CA   . LYS A 1 139 ? -13.191 -2.274  13.738  1.00 19.90 ? 263 LYS A CA   1 
ATOM   1079 C  C    . LYS A 1 139 ? -14.072 -2.518  12.518  1.00 19.80 ? 263 LYS A C    1 
ATOM   1080 O  O    . LYS A 1 139 ? -14.963 -3.367  12.555  1.00 20.47 ? 263 LYS A O    1 
ATOM   1081 C  CB   . LYS A 1 139 ? -13.909 -1.292  14.670  1.00 20.74 ? 263 LYS A CB   1 
ATOM   1082 C  CG   . LYS A 1 139 ? -14.250 0.029   14.001  0.00 20.55 ? 263 LYS A CG   1 
ATOM   1083 C  CD   . LYS A 1 139 ? -15.110 0.906   14.888  0.00 20.69 ? 263 LYS A CD   1 
ATOM   1084 C  CE   . LYS A 1 139 ? -15.570 2.143   14.136  0.00 20.70 ? 263 LYS A CE   1 
ATOM   1085 N  NZ   . LYS A 1 139 ? -14.420 2.963   13.663  0.00 20.74 ? 263 LYS A NZ   1 
ATOM   1086 N  N    . HIS A 1 140 ? -13.837 -1.774  11.443  1.00 18.43 ? 264 HIS A N    1 
ATOM   1087 C  CA   . HIS A 1 140 ? -14.644 -1.936  10.240  1.00 18.30 ? 264 HIS A CA   1 
ATOM   1088 C  C    . HIS A 1 140 ? -14.531 -3.335  9.651   1.00 17.93 ? 264 HIS A C    1 
ATOM   1089 O  O    . HIS A 1 140 ? -15.389 -3.761  8.876   1.00 17.44 ? 264 HIS A O    1 
ATOM   1090 C  CB   . HIS A 1 140 ? -14.244 -0.901  9.184   1.00 19.88 ? 264 HIS A CB   1 
ATOM   1091 C  CG   . HIS A 1 140 ? -14.538 0.513   9.580   0.00 19.44 ? 264 HIS A CG   1 
ATOM   1092 N  ND1  . HIS A 1 140 ? -14.262 1.588   8.762   0.00 19.59 ? 264 HIS A ND1  1 
ATOM   1093 C  CD2  . HIS A 1 140 ? -15.089 1.030   10.705  0.00 19.59 ? 264 HIS A CD2  1 
ATOM   1094 C  CE1  . HIS A 1 140 ? -14.629 2.704   9.365   0.00 19.56 ? 264 HIS A CE1  1 
ATOM   1095 N  NE2  . HIS A 1 140 ? -15.133 2.394   10.545  0.00 19.56 ? 264 HIS A NE2  1 
ATOM   1096 N  N    . PHE A 1 141 ? -13.477 -4.050  10.026  1.00 16.56 ? 265 PHE A N    1 
ATOM   1097 C  CA   . PHE A 1 141 ? -13.254 -5.400  9.519   1.00 17.79 ? 265 PHE A CA   1 
ATOM   1098 C  C    . PHE A 1 141 ? -13.341 -6.468  10.604  1.00 19.29 ? 265 PHE A C    1 
ATOM   1099 O  O    . PHE A 1 141 ? -12.756 -7.542  10.475  1.00 20.10 ? 265 PHE A O    1 
ATOM   1100 C  CB   . PHE A 1 141 ? -11.886 -5.471  8.837   1.00 17.52 ? 265 PHE A CB   1 
ATOM   1101 C  CG   . PHE A 1 141 ? -11.768 -4.583  7.635   1.00 16.87 ? 265 PHE A CG   1 
ATOM   1102 C  CD1  . PHE A 1 141 ? -12.553 -4.811  6.506   1.00 17.28 ? 265 PHE A CD1  1 
ATOM   1103 C  CD2  . PHE A 1 141 ? -10.884 -3.507  7.635   1.00 16.45 ? 265 PHE A CD2  1 
ATOM   1104 C  CE1  . PHE A 1 141 ? -12.461 -3.977  5.392   1.00 17.84 ? 265 PHE A CE1  1 
ATOM   1105 C  CE2  . PHE A 1 141 ? -10.783 -2.669  6.527   1.00 15.03 ? 265 PHE A CE2  1 
ATOM   1106 C  CZ   . PHE A 1 141 ? -11.575 -2.904  5.402   1.00 16.56 ? 265 PHE A CZ   1 
ATOM   1107 N  N    . GLN A 1 142 ? -14.088 -6.182  11.664  1.00 20.64 ? 266 GLN A N    1 
ATOM   1108 C  CA   . GLN A 1 142 ? -14.219 -7.127  12.767  1.00 22.16 ? 266 GLN A CA   1 
ATOM   1109 C  C    . GLN A 1 142 ? -15.025 -8.379  12.420  1.00 22.31 ? 266 GLN A C    1 
ATOM   1110 O  O    . GLN A 1 142 ? -14.854 -9.419  13.054  1.00 22.95 ? 266 GLN A O    1 
ATOM   1111 C  CB   . GLN A 1 142 ? -14.836 -6.431  13.981  1.00 24.53 ? 266 GLN A CB   1 
ATOM   1112 C  CG   . GLN A 1 142 ? -16.315 -6.129  13.859  1.00 28.52 ? 266 GLN A CG   1 
ATOM   1113 C  CD   . GLN A 1 142 ? -16.818 -5.258  14.994  1.00 31.80 ? 266 GLN A CD   1 
ATOM   1114 O  OE1  . GLN A 1 142 ? -16.473 -5.474  16.156  1.00 33.18 ? 266 GLN A OE1  1 
ATOM   1115 N  NE2  . GLN A 1 142 ? -17.643 -4.270  14.664  1.00 32.57 ? 266 GLN A NE2  1 
ATOM   1116 N  N    . THR A 1 143 ? -15.898 -8.288  11.421  1.00 22.18 ? 267 THR A N    1 
ATOM   1117 C  CA   . THR A 1 143 ? -16.701 -9.444  11.026  1.00 22.16 ? 267 THR A CA   1 
ATOM   1118 C  C    . THR A 1 143 ? -16.110 -10.141 9.805   1.00 22.84 ? 267 THR A C    1 
ATOM   1119 O  O    . THR A 1 143 ? -15.451 -9.515  8.976   1.00 21.39 ? 267 THR A O    1 
ATOM   1120 C  CB   . THR A 1 143 ? -18.152 -9.050  10.687  1.00 23.80 ? 267 THR A CB   1 
ATOM   1121 O  OG1  . THR A 1 143 ? -18.177 -8.337  9.445   1.00 23.75 ? 267 THR A OG1  1 
ATOM   1122 C  CG2  . THR A 1 143 ? -18.738 -8.172  11.787  1.00 24.13 ? 267 THR A CG2  1 
ATOM   1123 N  N    . LYS A 1 144 ? -16.354 -11.442 9.701   1.00 23.00 ? 268 LYS A N    1 
ATOM   1124 C  CA   . LYS A 1 144 ? -15.854 -12.231 8.580   1.00 23.72 ? 268 LYS A CA   1 
ATOM   1125 C  C    . LYS A 1 144 ? -16.395 -11.696 7.258   1.00 23.19 ? 268 LYS A C    1 
ATOM   1126 O  O    . LYS A 1 144 ? -15.683 -11.654 6.253   1.00 22.83 ? 268 LYS A O    1 
ATOM   1127 C  CB   . LYS A 1 144 ? -16.265 -13.695 8.751   1.00 24.20 ? 268 LYS A CB   1 
ATOM   1128 C  CG   . LYS A 1 144 ? -15.786 -14.615 7.640   1.00 25.55 ? 268 LYS A CG   1 
ATOM   1129 C  CD   . LYS A 1 144 ? -16.201 -16.054 7.904   0.00 25.22 ? 268 LYS A CD   1 
ATOM   1130 C  CE   . LYS A 1 144 ? -15.693 -16.987 6.817   0.00 25.38 ? 268 LYS A CE   1 
ATOM   1131 N  NZ   . LYS A 1 144 ? -16.091 -18.400 7.067   0.00 25.36 ? 268 LYS A NZ   1 
ATOM   1132 N  N    . GLU A 1 145 ? -17.659 -11.287 7.265   1.00 23.58 ? 269 GLU A N    1 
ATOM   1133 C  CA   . GLU A 1 145 ? -18.299 -10.760 6.066   1.00 22.87 ? 269 GLU A CA   1 
ATOM   1134 C  C    . GLU A 1 145 ? -17.577 -9.529  5.520   1.00 22.45 ? 269 GLU A C    1 
ATOM   1135 O  O    . GLU A 1 145 ? -17.338 -9.423  4.315   1.00 21.04 ? 269 GLU A O    1 
ATOM   1136 C  CB   . GLU A 1 145 ? -19.757 -10.409 6.364   1.00 24.35 ? 269 GLU A CB   1 
ATOM   1137 C  CG   . GLU A 1 145 ? -20.519 -9.847  5.176   1.00 26.27 ? 269 GLU A CG   1 
ATOM   1138 C  CD   . GLU A 1 145 ? -21.960 -9.513  5.512   0.00 25.85 ? 269 GLU A CD   1 
ATOM   1139 O  OE1  . GLU A 1 145 ? -22.684 -9.030  4.616   0.00 26.08 ? 269 GLU A OE1  1 
ATOM   1140 O  OE2  . GLU A 1 145 ? -22.370 -9.733  6.671   0.00 26.08 ? 269 GLU A OE2  1 
ATOM   1141 N  N    . SER A 1 146 ? -17.234 -8.601  6.408   1.00 21.15 ? 270 SER A N    1 
ATOM   1142 C  CA   . SER A 1 146 ? -16.548 -7.379  6.002   1.00 21.19 ? 270 SER A CA   1 
ATOM   1143 C  C    . SER A 1 146 ? -15.134 -7.679  5.521   1.00 20.37 ? 270 SER A C    1 
ATOM   1144 O  O    . SER A 1 146 ? -14.638 -7.049  4.588   1.00 19.75 ? 270 SER A O    1 
ATOM   1145 C  CB   . SER A 1 146 ? -16.494 -6.388  7.167   1.00 22.72 ? 270 SER A CB   1 
ATOM   1146 O  OG   . SER A 1 146 ? -15.713 -6.898  8.233   1.00 28.90 ? 270 SER A OG   1 
ATOM   1147 N  N    . GLN A 1 147 ? -14.485 -8.642  6.164   1.00 19.08 ? 271 GLN A N    1 
ATOM   1148 C  CA   . GLN A 1 147 ? -13.131 -9.017  5.792   1.00 19.38 ? 271 GLN A CA   1 
ATOM   1149 C  C    . GLN A 1 147 ? -13.107 -9.598  4.388   1.00 19.77 ? 271 GLN A C    1 
ATOM   1150 O  O    . GLN A 1 147 ? -12.185 -9.341  3.610   1.00 19.59 ? 271 GLN A O    1 
ATOM   1151 C  CB   . GLN A 1 147 ? -12.580 -10.043 6.783   1.00 19.27 ? 271 GLN A CB   1 
ATOM   1152 C  CG   . GLN A 1 147 ? -12.474 -9.516  8.204   1.00 18.91 ? 271 GLN A CG   1 
ATOM   1153 C  CD   . GLN A 1 147 ? -12.193 -10.610 9.209   1.00 21.28 ? 271 GLN A CD   1 
ATOM   1154 O  OE1  . GLN A 1 147 ? -12.104 -11.788 8.856   1.00 22.15 ? 271 GLN A OE1  1 
ATOM   1155 N  NE2  . GLN A 1 147 ? -12.054 -10.228 10.475  1.00 19.25 ? 271 GLN A NE2  1 
ATOM   1156 N  N    . GLU A 1 148 ? -14.130 -10.375 4.057   1.00 19.08 ? 272 GLU A N    1 
ATOM   1157 C  CA   . GLU A 1 148 ? -14.196 -10.995 2.743   1.00 19.95 ? 272 GLU A CA   1 
ATOM   1158 C  C    . GLU A 1 148 ? -14.392 -10.010 1.592   1.00 19.19 ? 272 GLU A C    1 
ATOM   1159 O  O    . GLU A 1 148 ? -14.143 -10.355 0.438   1.00 18.71 ? 272 GLU A O    1 
ATOM   1160 C  CB   . GLU A 1 148 ? -15.283 -12.073 2.733   1.00 22.65 ? 272 GLU A CB   1 
ATOM   1161 C  CG   . GLU A 1 148 ? -14.936 -13.244 3.645   1.00 27.14 ? 272 GLU A CG   1 
ATOM   1162 C  CD   . GLU A 1 148 ? -15.957 -14.364 3.613   1.00 30.01 ? 272 GLU A CD   1 
ATOM   1163 O  OE1  . GLU A 1 148 ? -15.690 -15.415 4.233   1.00 31.90 ? 272 GLU A OE1  1 
ATOM   1164 O  OE2  . GLU A 1 148 ? -17.017 -14.198 2.977   1.00 31.77 ? 272 GLU A OE2  1 
ATOM   1165 N  N    . THR A 1 149 ? -14.823 -8.788  1.896   1.00 18.48 ? 273 THR A N    1 
ATOM   1166 C  CA   . THR A 1 149 ? -15.009 -7.791  0.843   1.00 18.48 ? 273 THR A CA   1 
ATOM   1167 C  C    . THR A 1 149 ? -13.652 -7.358  0.296   1.00 16.85 ? 273 THR A C    1 
ATOM   1168 O  O    . THR A 1 149 ? -13.569 -6.797  -0.792  1.00 18.33 ? 273 THR A O    1 
ATOM   1169 C  CB   . THR A 1 149 ? -15.748 -6.519  1.343   1.00 18.69 ? 273 THR A CB   1 
ATOM   1170 O  OG1  . THR A 1 149 ? -14.952 -5.845  2.328   1.00 18.37 ? 273 THR A OG1  1 
ATOM   1171 C  CG2  . THR A 1 149 ? -17.094 -6.881  1.939   1.00 20.82 ? 273 THR A CG2  1 
ATOM   1172 N  N    . LEU A 1 150 ? -12.590 -7.629  1.048   1.00 15.17 ? 274 LEU A N    1 
ATOM   1173 C  CA   . LEU A 1 150 ? -11.247 -7.247  0.619   1.00 15.16 ? 274 LEU A CA   1 
ATOM   1174 C  C    . LEU A 1 150 ? -10.610 -8.270  -0.309  1.00 15.68 ? 274 LEU A C    1 
ATOM   1175 O  O    . LEU A 1 150 ? -9.650  -7.960  -1.015  1.00 15.70 ? 274 LEU A O    1 
ATOM   1176 C  CB   . LEU A 1 150 ? -10.339 -7.043  1.838   1.00 14.82 ? 274 LEU A CB   1 
ATOM   1177 C  CG   . LEU A 1 150 ? -10.748 -5.936  2.810   1.00 15.62 ? 274 LEU A CG   1 
ATOM   1178 C  CD1  . LEU A 1 150 ? -9.750  -5.884  3.955   1.00 16.39 ? 274 LEU A CD1  1 
ATOM   1179 C  CD2  . LEU A 1 150 ? -10.801 -4.598  2.085   1.00 18.56 ? 274 LEU A CD2  1 
ATOM   1180 N  N    . HIS A 1 151 ? -11.140 -9.486  -0.310  1.00 16.25 ? 275 HIS A N    1 
ATOM   1181 C  CA   . HIS A 1 151 ? -10.580 -10.545 -1.143  1.00 18.11 ? 275 HIS A CA   1 
ATOM   1182 C  C    . HIS A 1 151 ? -10.482 -10.193 -2.620  1.00 18.35 ? 275 HIS A C    1 
ATOM   1183 O  O    . HIS A 1 151 ? -9.519  -10.570 -3.283  1.00 19.02 ? 275 HIS A O    1 
ATOM   1184 C  CB   . HIS A 1 151 ? -11.389 -11.835 -0.982  1.00 19.45 ? 275 HIS A CB   1 
ATOM   1185 C  CG   . HIS A 1 151 ? -11.321 -12.425 0.393   1.00 21.26 ? 275 HIS A CG   1 
ATOM   1186 N  ND1  . HIS A 1 151 ? -11.768 -13.697 0.679   1.00 21.31 ? 275 HIS A ND1  1 
ATOM   1187 C  CD2  . HIS A 1 151 ? -10.857 -11.918 1.560   1.00 20.65 ? 275 HIS A CD2  1 
ATOM   1188 C  CE1  . HIS A 1 151 ? -11.583 -13.948 1.962   1.00 21.06 ? 275 HIS A CE1  1 
ATOM   1189 N  NE2  . HIS A 1 151 ? -11.031 -12.886 2.519   1.00 21.80 ? 275 HIS A NE2  1 
ATOM   1190 N  N    . LYS A 1 152 ? -11.469 -9.467  -3.137  1.00 19.28 ? 276 LYS A N    1 
ATOM   1191 C  CA   . LYS A 1 152 ? -11.470 -9.109  -4.550  1.00 19.35 ? 276 LYS A CA   1 
ATOM   1192 C  C    . LYS A 1 152 ? -10.307 -8.211  -4.974  1.00 19.66 ? 276 LYS A C    1 
ATOM   1193 O  O    . LYS A 1 152 ? -9.974  -8.149  -6.157  1.00 21.05 ? 276 LYS A O    1 
ATOM   1194 C  CB   . LYS A 1 152 ? -12.789 -8.432  -4.925  1.00 20.67 ? 276 LYS A CB   1 
ATOM   1195 C  CG   . LYS A 1 152 ? -12.990 -7.070  -4.288  1.00 20.84 ? 276 LYS A CG   1 
ATOM   1196 C  CD   . LYS A 1 152 ? -14.266 -6.415  -4.789  1.00 24.03 ? 276 LYS A CD   1 
ATOM   1197 C  CE   . LYS A 1 152 ? -15.499 -7.150  -4.300  1.00 25.50 ? 276 LYS A CE   1 
ATOM   1198 N  NZ   . LYS A 1 152 ? -15.599 -7.114  -2.814  1.00 27.75 ? 276 LYS A NZ   1 
ATOM   1199 N  N    . PHE A 1 153 ? -9.692  -7.518  -4.019  1.00 17.04 ? 277 PHE A N    1 
ATOM   1200 C  CA   . PHE A 1 153 ? -8.573  -6.629  -4.331  1.00 16.18 ? 277 PHE A CA   1 
ATOM   1201 C  C    . PHE A 1 153 ? -7.243  -7.363  -4.315  1.00 16.08 ? 277 PHE A C    1 
ATOM   1202 O  O    . PHE A 1 153 ? -6.290  -6.960  -4.984  1.00 17.36 ? 277 PHE A O    1 
ATOM   1203 C  CB   . PHE A 1 153 ? -8.467  -5.493  -3.308  1.00 15.96 ? 277 PHE A CB   1 
ATOM   1204 C  CG   . PHE A 1 153 ? -9.677  -4.617  -3.231  1.00 18.30 ? 277 PHE A CG   1 
ATOM   1205 C  CD1  . PHE A 1 153 ? -10.124 -3.923  -4.349  1.00 19.34 ? 277 PHE A CD1  1 
ATOM   1206 C  CD2  . PHE A 1 153 ? -10.357 -4.465  -2.028  1.00 19.06 ? 277 PHE A CD2  1 
ATOM   1207 C  CE1  . PHE A 1 153 ? -11.235 -3.085  -4.270  1.00 19.73 ? 277 PHE A CE1  1 
ATOM   1208 C  CE2  . PHE A 1 153 ? -11.469 -3.630  -1.936  1.00 22.85 ? 277 PHE A CE2  1 
ATOM   1209 C  CZ   . PHE A 1 153 ? -11.908 -2.937  -3.064  1.00 20.12 ? 277 PHE A CZ   1 
ATOM   1210 N  N    . ALA A 1 154 ? -7.185  -8.440  -3.545  1.00 15.54 ? 278 ALA A N    1 
ATOM   1211 C  CA   . ALA A 1 154 ? -5.945  -9.184  -3.388  1.00 14.76 ? 278 ALA A CA   1 
ATOM   1212 C  C    . ALA A 1 154 ? -5.727  -10.350 -4.327  1.00 15.34 ? 278 ALA A C    1 
ATOM   1213 O  O    . ALA A 1 154 ? -6.642  -10.803 -5.018  1.00 15.10 ? 278 ALA A O    1 
ATOM   1214 C  CB   . ALA A 1 154 ? -5.828  -9.662  -1.954  1.00 14.81 ? 278 ALA A CB   1 
ATOM   1215 N  N    . SER A 1 155 ? -4.487  -10.824 -4.351  1.00 14.07 ? 279 SER A N    1 
ATOM   1216 C  CA   . SER A 1 155 ? -4.130  -11.971 -5.173  1.00 15.08 ? 279 SER A CA   1 
ATOM   1217 C  C    . SER A 1 155 ? -4.695  -13.188 -4.455  1.00 15.25 ? 279 SER A C    1 
ATOM   1218 O  O    . SER A 1 155 ? -5.184  -13.074 -3.334  1.00 14.14 ? 279 SER A O    1 
ATOM   1219 C  CB   . SER A 1 155 ? -2.609  -12.091 -5.303  1.00 13.42 ? 279 SER A CB   1 
ATOM   1220 O  OG   . SER A 1 155 ? -2.072  -11.050 -6.109  1.00 13.32 ? 279 SER A OG   1 
ATOM   1221 N  N    . LYS A 1 156 ? -4.631  -14.348 -5.098  1.00 16.01 ? 280 LYS A N    1 
ATOM   1222 C  CA   . LYS A 1 156 ? -5.151  -15.575 -4.506  1.00 18.48 ? 280 LYS A CA   1 
ATOM   1223 C  C    . LYS A 1 156 ? -4.030  -16.488 -4.033  1.00 18.81 ? 280 LYS A C    1 
ATOM   1224 O  O    . LYS A 1 156 ? -2.980  -16.572 -4.670  1.00 20.22 ? 280 LYS A O    1 
ATOM   1225 C  CB   . LYS A 1 156 ? -6.017  -16.311 -5.525  1.00 20.03 ? 280 LYS A CB   1 
ATOM   1226 C  CG   . LYS A 1 156 ? -7.205  -15.506 -6.013  1.00 23.05 ? 280 LYS A CG   1 
ATOM   1227 C  CD   . LYS A 1 156 ? -8.044  -16.327 -6.983  1.00 26.79 ? 280 LYS A CD   1 
ATOM   1228 C  CE   . LYS A 1 156 ? -9.253  -15.548 -7.467  1.00 28.92 ? 280 LYS A CE   1 
ATOM   1229 N  NZ   . LYS A 1 156 ? -10.098 -16.374 -8.378  1.00 33.27 ? 280 LYS A NZ   1 
ATOM   1230 N  N    . PRO A 1 157 ? -4.242  -17.203 -2.913  1.00 20.94 ? 281 PRO A N    1 
ATOM   1231 C  CA   . PRO A 1 157 ? -5.441  -17.222 -2.070  1.00 20.69 ? 281 PRO A CA   1 
ATOM   1232 C  C    . PRO A 1 157 ? -5.497  -16.074 -1.062  1.00 20.69 ? 281 PRO A C    1 
ATOM   1233 O  O    . PRO A 1 157 ? -4.466  -15.593 -0.596  1.00 19.68 ? 281 PRO A O    1 
ATOM   1234 C  CB   . PRO A 1 157 ? -5.337  -18.573 -1.381  1.00 20.97 ? 281 PRO A CB   1 
ATOM   1235 C  CG   . PRO A 1 157 ? -3.871  -18.662 -1.119  1.00 22.07 ? 281 PRO A CG   1 
ATOM   1236 C  CD   . PRO A 1 157 ? -3.261  -18.199 -2.436  1.00 20.30 ? 281 PRO A CD   1 
ATOM   1237 N  N    . ALA A 1 158 ? -6.709  -15.653 -0.713  1.00 20.83 ? 282 ALA A N    1 
ATOM   1238 C  CA   . ALA A 1 158 ? -6.888  -14.564 0.242   1.00 21.61 ? 282 ALA A CA   1 
ATOM   1239 C  C    . ALA A 1 158 ? -6.251  -14.874 1.594   1.00 22.07 ? 282 ALA A C    1 
ATOM   1240 O  O    . ALA A 1 158 ? -5.824  -13.970 2.311   1.00 22.49 ? 282 ALA A O    1 
ATOM   1241 C  CB   . ALA A 1 158 ? -8.371  -14.268 0.424   1.00 22.27 ? 282 ALA A CB   1 
ATOM   1242 N  N    . SER A 1 159 ? -6.182  -16.155 1.940   1.00 22.09 ? 283 SER A N    1 
ATOM   1243 C  CA   . SER A 1 159 ? -5.604  -16.568 3.213   1.00 22.66 ? 283 SER A CA   1 
ATOM   1244 C  C    . SER A 1 159 ? -4.163  -16.095 3.380   1.00 22.46 ? 283 SER A C    1 
ATOM   1245 O  O    . SER A 1 159 ? -3.662  -15.990 4.500   1.00 22.76 ? 283 SER A O    1 
ATOM   1246 C  CB   . SER A 1 159 ? -5.658  -18.092 3.349   1.00 23.15 ? 283 SER A CB   1 
ATOM   1247 O  OG   . SER A 1 159 ? -4.937  -18.719 2.304   1.00 24.27 ? 283 SER A OG   1 
ATOM   1248 N  N    . GLU A 1 160 ? -3.497  -15.808 2.267   1.00 21.91 ? 284 GLU A N    1 
ATOM   1249 C  CA   . GLU A 1 160 ? -2.114  -15.355 2.315   1.00 22.04 ? 284 GLU A CA   1 
ATOM   1250 C  C    . GLU A 1 160 ? -1.950  -13.884 1.954   1.00 19.80 ? 284 GLU A C    1 
ATOM   1251 O  O    . GLU A 1 160 ? -1.095  -13.197 2.511   1.00 22.04 ? 284 GLU A O    1 
ATOM   1252 C  CB   . GLU A 1 160 ? -1.250  -16.206 1.379   1.00 25.02 ? 284 GLU A CB   1 
ATOM   1253 C  CG   . GLU A 1 160 ? 0.176   -15.697 1.181   1.00 28.35 ? 284 GLU A CG   1 
ATOM   1254 C  CD   . GLU A 1 160 ? 0.970   -15.610 2.475   1.00 31.68 ? 284 GLU A CD   1 
ATOM   1255 O  OE1  . GLU A 1 160 ? 1.118   -16.644 3.162   1.00 32.25 ? 284 GLU A OE1  1 
ATOM   1256 O  OE2  . GLU A 1 160 ? 1.454   -14.505 2.801   1.00 32.38 ? 284 GLU A OE2  1 
ATOM   1257 N  N    . PHE A 1 161 ? -2.783  -13.395 1.042   1.00 16.93 ? 285 PHE A N    1 
ATOM   1258 C  CA   . PHE A 1 161 ? -2.668  -12.014 0.595   1.00 14.18 ? 285 PHE A CA   1 
ATOM   1259 C  C    . PHE A 1 161 ? -3.517  -10.976 1.311   1.00 13.35 ? 285 PHE A C    1 
ATOM   1260 O  O    . PHE A 1 161 ? -3.332  -9.779  1.100   1.00 11.26 ? 285 PHE A O    1 
ATOM   1261 C  CB   . PHE A 1 161 ? -2.917  -11.960 -0.909  1.00 13.07 ? 285 PHE A CB   1 
ATOM   1262 C  CG   . PHE A 1 161 ? -1.870  -12.683 -1.703  1.00 13.91 ? 285 PHE A CG   1 
ATOM   1263 C  CD1  . PHE A 1 161 ? -0.622  -12.106 -1.916  1.00 12.47 ? 285 PHE A CD1  1 
ATOM   1264 C  CD2  . PHE A 1 161 ? -2.109  -13.966 -2.190  1.00 15.17 ? 285 PHE A CD2  1 
ATOM   1265 C  CE1  . PHE A 1 161 ? 0.378   -12.795 -2.602  1.00 13.71 ? 285 PHE A CE1  1 
ATOM   1266 C  CE2  . PHE A 1 161 ? -1.115  -14.663 -2.877  1.00 15.47 ? 285 PHE A CE2  1 
ATOM   1267 C  CZ   . PHE A 1 161 ? 0.130   -14.077 -3.083  1.00 14.83 ? 285 PHE A CZ   1 
ATOM   1268 N  N    . VAL A 1 162 ? -4.446  -11.420 2.149   1.00 12.73 ? 286 VAL A N    1 
ATOM   1269 C  CA   . VAL A 1 162 ? -5.272  -10.482 2.896   1.00 12.77 ? 286 VAL A CA   1 
ATOM   1270 C  C    . VAL A 1 162 ? -4.849  -10.533 4.357   1.00 12.60 ? 286 VAL A C    1 
ATOM   1271 O  O    . VAL A 1 162 ? -4.906  -11.589 4.991   1.00 14.65 ? 286 VAL A O    1 
ATOM   1272 C  CB   . VAL A 1 162 ? -6.768  -10.829 2.792   1.00 12.13 ? 286 VAL A CB   1 
ATOM   1273 C  CG1  . VAL A 1 162 ? -7.579  -9.862  3.652   1.00 13.29 ? 286 VAL A CG1  1 
ATOM   1274 C  CG2  . VAL A 1 162 ? -7.221  -10.751 1.331   1.00 12.51 ? 286 VAL A CG2  1 
ATOM   1275 N  N    . LYS A 1 163 ? -4.414  -9.394  4.886   1.00 12.59 ? 287 LYS A N    1 
ATOM   1276 C  CA   . LYS A 1 163 ? -3.975  -9.312  6.273   1.00 13.11 ? 287 LYS A CA   1 
ATOM   1277 C  C    . LYS A 1 163 ? -4.981  -8.474  7.048   1.00 14.06 ? 287 LYS A C    1 
ATOM   1278 O  O    . LYS A 1 163 ? -5.210  -7.315  6.710   1.00 14.12 ? 287 LYS A O    1 
ATOM   1279 C  CB   . LYS A 1 163 ? -2.602  -8.640  6.369   1.00 15.21 ? 287 LYS A CB   1 
ATOM   1280 C  CG   . LYS A 1 163 ? -1.520  -9.211  5.457   1.00 17.70 ? 287 LYS A CG   1 
ATOM   1281 C  CD   . LYS A 1 163 ? -1.202  -10.663 5.773   1.00 19.37 ? 287 LYS A CD   1 
ATOM   1282 C  CE   . LYS A 1 163 ? -0.065  -11.166 4.891   1.00 20.27 ? 287 LYS A CE   1 
ATOM   1283 N  NZ   . LYS A 1 163 ? 0.218   -12.616 5.104   1.00 20.81 ? 287 LYS A NZ   1 
ATOM   1284 N  N    . ILE A 1 164 ? -5.588  -9.059  8.076   1.00 13.04 ? 288 ILE A N    1 
ATOM   1285 C  CA   . ILE A 1 164 ? -6.555  -8.331  8.888   1.00 14.37 ? 288 ILE A CA   1 
ATOM   1286 C  C    . ILE A 1 164 ? -5.932  -7.981  10.237  1.00 14.55 ? 288 ILE A C    1 
ATOM   1287 O  O    . ILE A 1 164 ? -5.499  -8.866  10.975  1.00 15.22 ? 288 ILE A O    1 
ATOM   1288 C  CB   . ILE A 1 164 ? -7.829  -9.158  9.139   1.00 13.98 ? 288 ILE A CB   1 
ATOM   1289 C  CG1  . ILE A 1 164 ? -8.475  -9.558  7.806   1.00 13.96 ? 288 ILE A CG1  1 
ATOM   1290 C  CG2  . ILE A 1 164 ? -8.808  -8.345  9.976   1.00 16.36 ? 288 ILE A CG2  1 
ATOM   1291 C  CD1  . ILE A 1 164 ? -8.877  -8.375  6.935   1.00 12.11 ? 288 ILE A CD1  1 
ATOM   1292 N  N    . LEU A 1 165 ? -5.885  -6.689  10.546  1.00 14.96 ? 289 LEU A N    1 
ATOM   1293 C  CA   . LEU A 1 165 ? -5.315  -6.210  11.804  1.00 15.63 ? 289 LEU A CA   1 
ATOM   1294 C  C    . LEU A 1 165 ? -6.407  -5.540  12.628  1.00 17.34 ? 289 LEU A C    1 
ATOM   1295 O  O    . LEU A 1 165 ? -7.080  -4.637  12.144  1.00 16.12 ? 289 LEU A O    1 
ATOM   1296 C  CB   . LEU A 1 165 ? -4.198  -5.198  11.529  1.00 15.23 ? 289 LEU A CB   1 
ATOM   1297 C  CG   . LEU A 1 165 ? -2.950  -5.689  10.792  1.00 17.01 ? 289 LEU A CG   1 
ATOM   1298 C  CD1  . LEU A 1 165 ? -1.955  -4.543  10.660  1.00 15.90 ? 289 LEU A CD1  1 
ATOM   1299 C  CD2  . LEU A 1 165 ? -2.319  -6.845  11.554  1.00 20.84 ? 289 LEU A CD2  1 
ATOM   1300 N  N    . ASP A 1 166 ? -6.577  -5.966  13.876  1.00 18.34 ? 290 ASP A N    1 
ATOM   1301 C  CA   . ASP A 1 166 ? -7.622  -5.378  14.708  1.00 21.37 ? 290 ASP A CA   1 
ATOM   1302 C  C    . ASP A 1 166 ? -7.367  -3.937  15.135  1.00 20.00 ? 290 ASP A C    1 
ATOM   1303 O  O    . ASP A 1 166 ? -8.314  -3.195  15.388  1.00 20.27 ? 290 ASP A O    1 
ATOM   1304 C  CB   . ASP A 1 166 ? -7.891  -6.246  15.945  1.00 24.81 ? 290 ASP A CB   1 
ATOM   1305 C  CG   . ASP A 1 166 ? -6.629  -6.638  16.677  1.00 29.45 ? 290 ASP A CG   1 
ATOM   1306 O  OD1  . ASP A 1 166 ? -5.750  -5.771  16.869  1.00 33.03 ? 290 ASP A OD1  1 
ATOM   1307 O  OD2  . ASP A 1 166 ? -6.524  -7.818  17.074  1.00 34.23 ? 290 ASP A OD2  1 
ATOM   1308 N  N    . THR A 1 167 ? -6.099  -3.537  15.217  1.00 19.69 ? 291 THR A N    1 
ATOM   1309 C  CA   . THR A 1 167 ? -5.757  -2.169  15.607  1.00 18.17 ? 291 THR A CA   1 
ATOM   1310 C  C    . THR A 1 167 ? -4.580  -1.663  14.785  1.00 17.79 ? 291 THR A C    1 
ATOM   1311 O  O    . THR A 1 167 ? -3.860  -2.450  14.174  1.00 17.28 ? 291 THR A O    1 
ATOM   1312 C  CB   . THR A 1 167 ? -5.352  -2.073  17.092  1.00 19.39 ? 291 THR A CB   1 
ATOM   1313 O  OG1  . THR A 1 167 ? -4.081  -2.705  17.279  1.00 19.77 ? 291 THR A OG1  1 
ATOM   1314 C  CG2  . THR A 1 167 ? -6.382  -2.751  17.975  1.00 21.53 ? 291 THR A CG2  1 
ATOM   1315 N  N    . PHE A 1 168 ? -4.377  -0.350  14.774  1.00 16.38 ? 292 PHE A N    1 
ATOM   1316 C  CA   . PHE A 1 168 ? -3.262  0.214   14.028  1.00 15.96 ? 292 PHE A CA   1 
ATOM   1317 C  C    . PHE A 1 168 ? -1.935  -0.114  14.698  1.00 16.85 ? 292 PHE A C    1 
ATOM   1318 O  O    . PHE A 1 168 ? -0.888  -0.107  14.054  1.00 15.39 ? 292 PHE A O    1 
ATOM   1319 C  CB   . PHE A 1 168 ? -3.423  1.726   13.872  1.00 17.13 ? 292 PHE A CB   1 
ATOM   1320 C  CG   . PHE A 1 168 ? -4.488  2.108   12.888  1.00 17.95 ? 292 PHE A CG   1 
ATOM   1321 C  CD1  . PHE A 1 168 ? -5.830  2.082   13.252  1.00 18.22 ? 292 PHE A CD1  1 
ATOM   1322 C  CD2  . PHE A 1 168 ? -4.152  2.430   11.577  1.00 19.02 ? 292 PHE A CD2  1 
ATOM   1323 C  CE1  . PHE A 1 168 ? -6.826  2.367   12.324  1.00 20.07 ? 292 PHE A CE1  1 
ATOM   1324 C  CE2  . PHE A 1 168 ? -5.142  2.716   10.640  1.00 18.06 ? 292 PHE A CE2  1 
ATOM   1325 C  CZ   . PHE A 1 168 ? -6.480  2.684   11.015  1.00 18.51 ? 292 PHE A CZ   1 
ATOM   1326 N  N    . GLU A 1 169 ? -1.980  -0.399  15.994  1.00 19.44 ? 293 GLU A N    1 
ATOM   1327 C  CA   . GLU A 1 169 ? -0.769  -0.756  16.723  1.00 19.96 ? 293 GLU A CA   1 
ATOM   1328 C  C    . GLU A 1 169 ? -0.232  -2.075  16.180  1.00 20.29 ? 293 GLU A C    1 
ATOM   1329 O  O    . GLU A 1 169 ? 0.967   -2.345  16.256  1.00 19.62 ? 293 GLU A O    1 
ATOM   1330 C  CB   . GLU A 1 169 ? -1.066  -0.910  18.214  1.00 24.08 ? 293 GLU A CB   1 
ATOM   1331 C  CG   . GLU A 1 169 ? -1.019  0.382   19.010  1.00 30.26 ? 293 GLU A CG   1 
ATOM   1332 C  CD   . GLU A 1 169 ? 0.372   0.986   19.048  1.00 35.02 ? 293 GLU A CD   1 
ATOM   1333 O  OE1  . GLU A 1 169 ? 1.344   0.231   19.268  1.00 37.67 ? 293 GLU A OE1  1 
ATOM   1334 O  OE2  . GLU A 1 169 ? 0.495   2.217   18.867  1.00 38.76 ? 293 GLU A OE2  1 
ATOM   1335 N  N    . LYS A 1 170 ? -1.129  -2.890  15.631  1.00 18.32 ? 294 LYS A N    1 
ATOM   1336 C  CA   . LYS A 1 170 ? -0.763  -4.192  15.078  1.00 18.70 ? 294 LYS A CA   1 
ATOM   1337 C  C    . LYS A 1 170 ? 0.127   -4.114  13.842  1.00 17.45 ? 294 LYS A C    1 
ATOM   1338 O  O    . LYS A 1 170 ? 0.635   -5.137  13.382  1.00 17.93 ? 294 LYS A O    1 
ATOM   1339 C  CB   . LYS A 1 170 ? -2.017  -5.000  14.739  1.00 20.88 ? 294 LYS A CB   1 
ATOM   1340 C  CG   . LYS A 1 170 ? -2.822  -5.474  15.939  1.00 24.54 ? 294 LYS A CG   1 
ATOM   1341 C  CD   . LYS A 1 170 ? -2.005  -6.393  16.834  1.00 27.90 ? 294 LYS A CD   1 
ATOM   1342 C  CE   . LYS A 1 170 ? -2.898  -7.113  17.834  1.00 29.49 ? 294 LYS A CE   1 
ATOM   1343 N  NZ   . LYS A 1 170 ? -3.714  -6.159  18.628  1.00 31.07 ? 294 LYS A NZ   1 
ATOM   1344 N  N    . LEU A 1 171 ? 0.303   -2.920  13.286  1.00 17.26 ? 295 LEU A N    1 
ATOM   1345 C  CA   . LEU A 1 171 ? 1.170   -2.778  12.121  1.00 15.99 ? 295 LEU A CA   1 
ATOM   1346 C  C    . LEU A 1 171 ? 2.588   -3.132  12.549  1.00 17.17 ? 295 LEU A C    1 
ATOM   1347 O  O    . LEU A 1 171 ? 3.386   -3.637  11.755  1.00 16.79 ? 295 LEU A O    1 
ATOM   1348 C  CB   . LEU A 1 171 ? 1.121   -1.348  11.577  1.00 15.50 ? 295 LEU A CB   1 
ATOM   1349 C  CG   . LEU A 1 171 ? -0.126  -1.000  10.756  1.00 13.67 ? 295 LEU A CG   1 
ATOM   1350 C  CD1  . LEU A 1 171 ? -0.208  0.507   10.547  1.00 14.08 ? 295 LEU A CD1  1 
ATOM   1351 C  CD2  . LEU A 1 171 ? -0.076  -1.736  9.418   1.00 15.97 ? 295 LEU A CD2  1 
ATOM   1352 N  N    . LYS A 1 172 ? 2.895   -2.869  13.817  1.00 18.21 ? 296 LYS A N    1 
ATOM   1353 C  CA   . LYS A 1 172 ? 4.215   -3.175  14.354  1.00 19.65 ? 296 LYS A CA   1 
ATOM   1354 C  C    . LYS A 1 172 ? 4.387   -4.687  14.368  1.00 18.88 ? 296 LYS A C    1 
ATOM   1355 O  O    . LYS A 1 172 ? 5.423   -5.209  13.953  1.00 20.04 ? 296 LYS A O    1 
ATOM   1356 C  CB   . LYS A 1 172 ? 4.354   -2.616  15.775  1.00 20.40 ? 296 LYS A CB   1 
ATOM   1357 C  CG   . LYS A 1 172 ? 5.707   -2.885  16.419  0.00 20.14 ? 296 LYS A CG   1 
ATOM   1358 C  CD   . LYS A 1 172 ? 5.782   -2.302  17.824  0.00 20.23 ? 296 LYS A CD   1 
ATOM   1359 C  CE   . LYS A 1 172 ? 5.651   -0.787  17.809  0.00 20.20 ? 296 LYS A CE   1 
ATOM   1360 N  NZ   . LYS A 1 172 ? 6.734   -0.143  17.015  0.00 20.22 ? 296 LYS A NZ   1 
ATOM   1361 N  N    . ASP A 1 173 ? 3.360   -5.385  14.845  1.00 19.78 ? 297 ASP A N    1 
ATOM   1362 C  CA   . ASP A 1 173 ? 3.374   -6.841  14.913  1.00 19.72 ? 297 ASP A CA   1 
ATOM   1363 C  C    . ASP A 1 173 ? 3.508   -7.425  13.508  1.00 18.75 ? 297 ASP A C    1 
ATOM   1364 O  O    . ASP A 1 173 ? 4.273   -8.363  13.284  1.00 16.44 ? 297 ASP A O    1 
ATOM   1365 C  CB   . ASP A 1 173 ? 2.079   -7.359  15.550  1.00 23.48 ? 297 ASP A CB   1 
ATOM   1366 C  CG   . ASP A 1 173 ? 1.838   -6.798  16.943  1.00 28.86 ? 297 ASP A CG   1 
ATOM   1367 O  OD1  . ASP A 1 173 ? 1.825   -5.560  17.101  1.00 32.17 ? 297 ASP A OD1  1 
ATOM   1368 O  OD2  . ASP A 1 173 ? 1.647   -7.602  17.883  1.00 32.56 ? 297 ASP A OD2  1 
ATOM   1369 N  N    . LEU A 1 174 ? 2.752   -6.876  12.563  1.00 15.90 ? 298 LEU A N    1 
ATOM   1370 C  CA   . LEU A 1 174 ? 2.806   -7.363  11.188  1.00 15.29 ? 298 LEU A CA   1 
ATOM   1371 C  C    . LEU A 1 174 ? 4.212   -7.233  10.612  1.00 15.02 ? 298 LEU A C    1 
ATOM   1372 O  O    . LEU A 1 174 ? 4.721   -8.156  9.979   1.00 15.83 ? 298 LEU A O    1 
ATOM   1373 C  CB   . LEU A 1 174 ? 1.818   -6.592  10.302  1.00 14.97 ? 298 LEU A CB   1 
ATOM   1374 C  CG   . LEU A 1 174 ? 1.899   -6.928  8.806   1.00 15.45 ? 298 LEU A CG   1 
ATOM   1375 C  CD1  . LEU A 1 174 ? 1.559   -8.394  8.591   1.00 17.19 ? 298 LEU A CD1  1 
ATOM   1376 C  CD2  . LEU A 1 174 ? 0.937   -6.044  8.020   1.00 15.36 ? 298 LEU A CD2  1 
ATOM   1377 N  N    . PHE A 1 175 ? 4.832   -6.080  10.835  1.00 15.67 ? 299 PHE A N    1 
ATOM   1378 C  CA   . PHE A 1 175 ? 6.175   -5.829  10.334  1.00 16.81 ? 299 PHE A CA   1 
ATOM   1379 C  C    . PHE A 1 175 ? 7.152   -6.868  10.875  1.00 16.85 ? 299 PHE A C    1 
ATOM   1380 O  O    . PHE A 1 175 ? 7.979   -7.390  10.130  1.00 15.88 ? 299 PHE A O    1 
ATOM   1381 C  CB   . PHE A 1 175 ? 6.622   -4.418  10.724  1.00 19.57 ? 299 PHE A CB   1 
ATOM   1382 C  CG   . PHE A 1 175 ? 7.944   -4.012  10.136  1.00 21.70 ? 299 PHE A CG   1 
ATOM   1383 C  CD1  . PHE A 1 175 ? 8.255   -4.309  8.815   1.00 23.00 ? 299 PHE A CD1  1 
ATOM   1384 C  CD2  . PHE A 1 175 ? 8.864   -3.302  10.897  1.00 24.96 ? 299 PHE A CD2  1 
ATOM   1385 C  CE1  . PHE A 1 175 ? 9.466   -3.905  8.259   1.00 25.38 ? 299 PHE A CE1  1 
ATOM   1386 C  CE2  . PHE A 1 175 ? 10.080  -2.892  10.348  1.00 25.60 ? 299 PHE A CE2  1 
ATOM   1387 C  CZ   . PHE A 1 175 ? 10.377  -3.196  9.028   1.00 24.57 ? 299 PHE A CZ   1 
ATOM   1388 N  N    . THR A 1 176 ? 7.051   -7.168  12.165  1.00 17.62 ? 300 THR A N    1 
ATOM   1389 C  CA   . THR A 1 176 ? 7.928   -8.160  12.782  1.00 16.70 ? 300 THR A CA   1 
ATOM   1390 C  C    . THR A 1 176 ? 7.710   -9.522  12.132  1.00 17.91 ? 300 THR A C    1 
ATOM   1391 O  O    . THR A 1 176 ? 8.666   -10.231 11.815  1.00 16.61 ? 300 THR A O    1 
ATOM   1392 C  CB   . THR A 1 176 ? 7.665   -8.266  14.300  1.00 19.13 ? 300 THR A CB   1 
ATOM   1393 O  OG1  . THR A 1 176 ? 8.044   -7.037  14.933  1.00 17.55 ? 300 THR A OG1  1 
ATOM   1394 C  CG2  . THR A 1 176 ? 8.466   -9.410  14.910  1.00 19.54 ? 300 THR A CG2  1 
ATOM   1395 N  N    . GLU A 1 177 ? 6.444   -9.876  11.928  1.00 16.90 ? 301 GLU A N    1 
ATOM   1396 C  CA   . GLU A 1 177 ? 6.079   -11.144 11.308  1.00 17.90 ? 301 GLU A CA   1 
ATOM   1397 C  C    . GLU A 1 177 ? 6.660   -11.250 9.901   1.00 17.97 ? 301 GLU A C    1 
ATOM   1398 O  O    . GLU A 1 177 ? 7.139   -12.313 9.498   1.00 16.94 ? 301 GLU A O    1 
ATOM   1399 C  CB   . GLU A 1 177 ? 4.552   -11.273 11.264  1.00 22.33 ? 301 GLU A CB   1 
ATOM   1400 C  CG   . GLU A 1 177 ? 4.022   -12.343 10.319  1.00 28.97 ? 301 GLU A CG   1 
ATOM   1401 C  CD   . GLU A 1 177 ? 2.503   -12.345 10.234  1.00 33.71 ? 301 GLU A CD   1 
ATOM   1402 O  OE1  . GLU A 1 177 ? 1.957   -13.008 9.324   1.00 37.45 ? 301 GLU A OE1  1 
ATOM   1403 O  OE2  . GLU A 1 177 ? 1.854   -11.686 11.078  1.00 36.93 ? 301 GLU A OE2  1 
ATOM   1404 N  N    . LEU A 1 178 ? 6.618   -10.149 9.158   1.00 15.28 ? 302 LEU A N    1 
ATOM   1405 C  CA   . LEU A 1 178 ? 7.144   -10.128 7.799   1.00 16.67 ? 302 LEU A CA   1 
ATOM   1406 C  C    . LEU A 1 178 ? 8.661   -10.312 7.770   1.00 15.56 ? 302 LEU A C    1 
ATOM   1407 O  O    . LEU A 1 178 ? 9.180   -11.105 6.984   1.00 15.28 ? 302 LEU A O    1 
ATOM   1408 C  CB   . LEU A 1 178 ? 6.771   -8.815  7.105   1.00 17.07 ? 302 LEU A CB   1 
ATOM   1409 C  CG   . LEU A 1 178 ? 5.288   -8.606  6.780   1.00 19.73 ? 302 LEU A CG   1 
ATOM   1410 C  CD1  . LEU A 1 178 ? 5.058   -7.154  6.377   1.00 20.50 ? 302 LEU A CD1  1 
ATOM   1411 C  CD2  . LEU A 1 178 ? 4.862   -9.550  5.659   1.00 20.26 ? 302 LEU A CD2  1 
ATOM   1412 N  N    . GLN A 1 179 ? 9.368   -9.590  8.633   1.00 15.12 ? 303 GLN A N    1 
ATOM   1413 C  CA   . GLN A 1 179 ? 10.824  -9.679  8.679   1.00 15.08 ? 303 GLN A CA   1 
ATOM   1414 C  C    . GLN A 1 179 ? 11.321  -11.105 8.902   1.00 13.96 ? 303 GLN A C    1 
ATOM   1415 O  O    . GLN A 1 179 ? 12.344  -11.504 8.347   1.00 14.49 ? 303 GLN A O    1 
ATOM   1416 C  CB   . GLN A 1 179 ? 11.381  -8.785  9.790   1.00 17.72 ? 303 GLN A CB   1 
ATOM   1417 C  CG   . GLN A 1 179 ? 10.989  -7.333  9.677   1.00 21.63 ? 303 GLN A CG   1 
ATOM   1418 C  CD   . GLN A 1 179 ? 11.513  -6.505  10.829  1.00 23.42 ? 303 GLN A CD   1 
ATOM   1419 O  OE1  . GLN A 1 179 ? 10.860  -5.566  11.276  1.00 25.08 ? 303 GLN A OE1  1 
ATOM   1420 N  NE2  . GLN A 1 179 ? 12.701  -6.845  11.312  1.00 22.95 ? 303 GLN A NE2  1 
ATOM   1421 N  N    . LYS A 1 180 ? 10.593  -11.865 9.711   1.00 14.24 ? 304 LYS A N    1 
ATOM   1422 C  CA   . LYS A 1 180 ? 10.979  -13.234 10.029  1.00 15.07 ? 304 LYS A CA   1 
ATOM   1423 C  C    . LYS A 1 180 ? 10.962  -14.179 8.835   1.00 15.65 ? 304 LYS A C    1 
ATOM   1424 O  O    . LYS A 1 180 ? 11.627  -15.215 8.849   1.00 16.16 ? 304 LYS A O    1 
ATOM   1425 C  CB   . LYS A 1 180 ? 10.071  -13.795 11.126  1.00 15.39 ? 304 LYS A CB   1 
ATOM   1426 C  CG   . LYS A 1 180 ? 10.234  -13.115 12.476  1.00 16.58 ? 304 LYS A CG   1 
ATOM   1427 C  CD   . LYS A 1 180 ? 9.281   -13.698 13.501  1.00 20.09 ? 304 LYS A CD   1 
ATOM   1428 C  CE   . LYS A 1 180 ? 9.460   -13.044 14.863  1.00 21.05 ? 304 LYS A CE   1 
ATOM   1429 N  NZ   . LYS A 1 180 ? 8.446   -13.543 15.835  1.00 24.79 ? 304 LYS A NZ   1 
ATOM   1430 N  N    . LYS A 1 181 ? 10.207  -13.824 7.803   1.00 15.68 ? 305 LYS A N    1 
ATOM   1431 C  CA   . LYS A 1 181 ? 10.100  -14.671 6.620   1.00 17.07 ? 305 LYS A CA   1 
ATOM   1432 C  C    . LYS A 1 181 ? 11.336  -14.665 5.730   1.00 18.56 ? 305 LYS A C    1 
ATOM   1433 O  O    . LYS A 1 181 ? 11.610  -15.645 5.031   1.00 16.15 ? 305 LYS A O    1 
ATOM   1434 C  CB   . LYS A 1 181 ? 8.876   -14.259 5.797   1.00 18.91 ? 305 LYS A CB   1 
ATOM   1435 C  CG   . LYS A 1 181 ? 7.578   -14.301 6.582   1.00 23.01 ? 305 LYS A CG   1 
ATOM   1436 C  CD   . LYS A 1 181 ? 6.432   -14.845 5.742   1.00 29.64 ? 305 LYS A CD   1 
ATOM   1437 C  CE   . LYS A 1 181 ? 6.191   -14.014 4.496   1.00 31.78 ? 305 LYS A CE   1 
ATOM   1438 N  NZ   . LYS A 1 181 ? 5.157   -14.641 3.627   1.00 33.64 ? 305 LYS A NZ   1 
ATOM   1439 N  N    . ILE A 1 182 ? 12.083  -13.566 5.743   1.00 20.53 ? 306 ILE A N    1 
ATOM   1440 C  CA   . ILE A 1 182 ? 13.276  -13.485 4.914   1.00 24.30 ? 306 ILE A CA   1 
ATOM   1441 C  C    . ILE A 1 182 ? 14.542  -13.755 5.711   1.00 26.51 ? 306 ILE A C    1 
ATOM   1442 O  O    . ILE A 1 182 ? 15.116  -12.856 6.326   1.00 29.30 ? 306 ILE A O    1 
ATOM   1443 C  CB   . ILE A 1 182 ? 13.392  -12.113 4.206   1.00 25.42 ? 306 ILE A CB   1 
ATOM   1444 C  CG1  . ILE A 1 182 ? 13.297  -10.975 5.223   1.00 27.42 ? 306 ILE A CG1  1 
ATOM   1445 C  CG2  . ILE A 1 182 ? 12.299  -11.987 3.154   1.00 25.12 ? 306 ILE A CG2  1 
ATOM   1446 C  CD1  . ILE A 1 182 ? 13.702  -9.625  4.654   1.00 29.21 ? 306 ILE A CD1  1 
ATOM   1447 N  N    . TYR A 1 183 ? 14.958  -15.015 5.705   1.00 27.38 ? 307 TYR A N    1 
ATOM   1448 C  CA   . TYR A 1 183 ? 16.160  -15.440 6.407   1.00 28.08 ? 307 TYR A CA   1 
ATOM   1449 C  C    . TYR A 1 183 ? 16.954  -16.333 5.456   1.00 29.21 ? 307 TYR A C    1 
ATOM   1450 O  O    . TYR A 1 183 ? 16.407  -16.658 4.380   1.00 29.63 ? 307 TYR A O    1 
ATOM   1451 C  CB   . TYR A 1 183 ? 15.790  -16.229 7.667   1.00 26.71 ? 307 TYR A CB   1 
ATOM   1452 C  CG   . TYR A 1 183 ? 15.079  -17.535 7.380   1.00 26.61 ? 307 TYR A CG   1 
ATOM   1453 C  CD1  . TYR A 1 183 ? 13.691  -17.589 7.240   1.00 26.10 ? 307 TYR A CD1  1 
ATOM   1454 C  CD2  . TYR A 1 183 ? 15.800  -18.714 7.214   1.00 25.95 ? 307 TYR A CD2  1 
ATOM   1455 C  CE1  . TYR A 1 183 ? 13.044  -18.789 6.939   1.00 26.93 ? 307 TYR A CE1  1 
ATOM   1456 C  CE2  . TYR A 1 183 ? 15.165  -19.912 6.914   1.00 27.54 ? 307 TYR A CE2  1 
ATOM   1457 C  CZ   . TYR A 1 183 ? 13.790  -19.945 6.777   1.00 27.31 ? 307 TYR A CZ   1 
ATOM   1458 O  OH   . TYR A 1 183 ? 13.170  -21.136 6.471   1.00 28.58 ? 307 TYR A OH   1 
ATOM   1459 O  OXT  . TYR A 1 183 ? 18.096  -16.709 5.799   1.00 30.51 ? 307 TYR A OXT  1 
HETATM 1460 C  C1   . 2O7 B 2 .   ? 6.772   -10.773 -0.107  1.00 16.18 ? 1   2O7 A C1   1 
HETATM 1461 C  C3   . 2O7 B 2 .   ? 7.729   -9.698  -2.116  1.00 15.97 ? 1   2O7 A C3   1 
HETATM 1462 C  C9   . 2O7 B 2 .   ? 6.261   -11.552 -1.351  1.00 15.65 ? 1   2O7 A C9   1 
HETATM 1463 C  C12  . 2O7 B 2 .   ? 6.671   -8.433  -0.230  1.00 14.10 ? 1   2O7 A C12  1 
HETATM 1464 C  C13  . 2O7 B 2 .   ? 5.734   -8.871  0.850   1.00 15.30 ? 1   2O7 A C13  1 
HETATM 1465 C  C14  . 2O7 B 2 .   ? 5.763   -10.237 0.910   1.00 16.51 ? 1   2O7 A C14  1 
HETATM 1466 C  C15  . 2O7 B 2 .   ? 5.058   -11.149 1.809   1.00 19.28 ? 1   2O7 A C15  1 
HETATM 1467 C  C20  . 2O7 B 2 .   ? 2.949   -7.243  2.952   1.00 15.69 ? 1   2O7 A C20  1 
HETATM 1468 C  C21  . 2O7 B 2 .   ? 3.506   -6.005  3.265   1.00 14.98 ? 1   2O7 A C21  1 
HETATM 1469 C  C24  . 2O7 B 2 .   ? 5.497   -6.627  1.960   1.00 15.59 ? 1   2O7 A C24  1 
HETATM 1470 O  O28  . 2O7 B 2 .   ? 6.950   -7.297  -0.611  1.00 14.84 ? 1   2O7 A O28  1 
HETATM 1471 C  C32  . 2O7 B 2 .   ? 8.736   -10.758 1.592   1.00 16.90 ? 1   2O7 A C32  1 
HETATM 1472 C  C33  . 2O7 B 2 .   ? 8.475   -11.020 2.955   1.00 19.20 ? 1   2O7 A C33  1 
HETATM 1473 C  C35  . 2O7 B 2 .   ? 9.062   -10.237 3.960   1.00 18.99 ? 1   2O7 A C35  1 
HETATM 1474 N  N2   . 2O7 B 2 .   ? 7.179   -9.542  -0.772  1.00 15.19 ? 1   2O7 A N2   1 
HETATM 1475 C  C6   . 2O7 B 2 .   ? 7.123   -11.050 -2.542  1.00 17.88 ? 1   2O7 A C6   1 
HETATM 1476 N  N16  . 2O7 B 2 .   ? 4.472   -11.816 2.547   1.00 26.25 ? 1   2O7 A N16  1 
HETATM 1477 C  C17  . 2O7 B 2 .   ? 4.935   -7.882  1.661   1.00 14.09 ? 1   2O7 A C17  1 
HETATM 1478 C  C18  . 2O7 B 2 .   ? 3.631   -8.161  2.144   1.00 14.91 ? 1   2O7 A C18  1 
HETATM 1479 C  C23  . 2O7 B 2 .   ? 4.768   -5.723  2.738   1.00 13.91 ? 1   2O7 A C23  1 
HETATM 1480 CL CL26 . 2O7 B 2 .   ? 5.422   -4.180  3.065   1.00 15.80 ? 1   2O7 A CL26 1 
HETATM 1481 CL CL27 . 2O7 B 2 .   ? 1.432   -7.643  3.603   1.00 19.15 ? 1   2O7 A CL27 1 
HETATM 1482 C  C29  . 2O7 B 2 .   ? 7.998   -11.509 0.510   1.00 17.33 ? 1   2O7 A C29  1 
HETATM 1483 C  C37  . 2O7 B 2 .   ? 9.934   -9.205  3.602   1.00 20.83 ? 1   2O7 A C37  1 
HETATM 1484 C  C38  . 2O7 B 2 .   ? 10.257  -8.961  2.262   1.00 18.75 ? 1   2O7 A C38  1 
HETATM 1485 C  C40  . 2O7 B 2 .   ? 9.664   -9.753  1.269   1.00 18.11 ? 1   2O7 A C40  1 
HETATM 1486 C  C42  . 2O7 B 2 .   ? 10.531  -8.389  4.609   1.00 21.58 ? 1   2O7 A C42  1 
HETATM 1487 N  N43  . 2O7 B 2 .   ? 11.047  -7.753  5.429   1.00 25.16 ? 1   2O7 A N43  1 
HETATM 1488 O  O    . HOH C 3 .   ? -11.630 5.770   12.241  1.00 15.05 ? 308 HOH A O    1 
HETATM 1489 O  O    . HOH C 3 .   ? -8.635  12.689  -2.485  1.00 16.20 ? 309 HOH A O    1 
HETATM 1490 O  O    . HOH C 3 .   ? -8.456  -2.453  -14.888 1.00 27.56 ? 310 HOH A O    1 
HETATM 1491 O  O    . HOH C 3 .   ? -0.174  14.587  -0.173  1.00 21.59 ? 311 HOH A O    1 
HETATM 1492 O  O    . HOH C 3 .   ? 6.409   13.866  0.676   1.00 30.83 ? 312 HOH A O    1 
HETATM 1493 O  O    . HOH C 3 .   ? 2.825   -13.088 4.303   1.00 29.21 ? 313 HOH A O    1 
HETATM 1494 O  O    . HOH C 3 .   ? 14.940  -10.926 -7.203  1.00 51.21 ? 314 HOH A O    1 
HETATM 1495 O  O    . HOH C 3 .   ? 7.917   -2.692  -12.568 1.00 18.86 ? 315 HOH A O    1 
HETATM 1496 O  O    . HOH C 3 .   ? 1.551   0.929   14.609  1.00 19.15 ? 316 HOH A O    1 
HETATM 1497 O  O    . HOH C 3 .   ? -11.550 -0.016  10.435  1.00 18.35 ? 317 HOH A O    1 
HETATM 1498 O  O    . HOH C 3 .   ? -7.986  -12.796 -2.677  1.00 22.84 ? 318 HOH A O    1 
HETATM 1499 O  O    . HOH C 3 .   ? 4.571   13.944  -1.262  1.00 30.91 ? 319 HOH A O    1 
HETATM 1500 O  O    . HOH C 3 .   ? 6.601   1.124   -18.764 1.00 26.92 ? 320 HOH A O    1 
HETATM 1501 O  O    . HOH C 3 .   ? -2.668  14.956  -0.851  1.00 36.38 ? 321 HOH A O    1 
HETATM 1502 O  O    . HOH C 3 .   ? -11.358 4.310   4.325   1.00 20.62 ? 322 HOH A O    1 
HETATM 1503 O  O    . HOH C 3 .   ? -6.945  11.383  -9.058  1.00 24.75 ? 323 HOH A O    1 
HETATM 1504 O  O    . HOH C 3 .   ? -9.961  4.232   11.355  1.00 17.68 ? 324 HOH A O    1 
HETATM 1505 O  O    . HOH C 3 .   ? -14.150 -9.639  -2.137  1.00 19.61 ? 325 HOH A O    1 
HETATM 1506 O  O    . HOH C 3 .   ? -10.784 0.132   0.786   1.00 18.13 ? 326 HOH A O    1 
HETATM 1507 O  O    . HOH C 3 .   ? 2.080   8.432   -14.725 1.00 23.74 ? 327 HOH A O    1 
HETATM 1508 O  O    . HOH C 3 .   ? -5.118  -11.778 8.700   1.00 27.73 ? 328 HOH A O    1 
HETATM 1509 O  O    . HOH C 3 .   ? -11.749 -8.026  -8.410  1.00 39.15 ? 329 HOH A O    1 
HETATM 1510 O  O    . HOH C 3 .   ? -8.069  -18.239 0.938   1.00 27.16 ? 330 HOH A O    1 
HETATM 1511 O  O    . HOH C 3 .   ? 5.516   0.370   11.799  1.00 24.60 ? 331 HOH A O    1 
HETATM 1512 O  O    . HOH C 3 .   ? -17.376 -12.936 11.967  1.00 22.22 ? 332 HOH A O    1 
HETATM 1513 O  O    . HOH C 3 .   ? 13.094  -0.512  9.952   1.00 15.32 ? 333 HOH A O    1 
HETATM 1514 O  O    . HOH C 3 .   ? -15.376 13.206  -2.652  1.00 18.35 ? 334 HOH A O    1 
HETATM 1515 O  O    . HOH C 3 .   ? 12.977  13.552  -6.104  1.00 34.88 ? 335 HOH A O    1 
HETATM 1516 O  O    . HOH C 3 .   ? 6.555   -6.367  17.217  1.00 44.43 ? 336 HOH A O    1 
HETATM 1517 O  O    . HOH C 3 .   ? 2.944   8.154   -10.639 1.00 24.32 ? 337 HOH A O    1 
HETATM 1518 O  O    . HOH C 3 .   ? 3.282   1.950   12.458  1.00 13.36 ? 338 HOH A O    1 
HETATM 1519 O  O    . HOH C 3 .   ? 4.928   -8.938  -11.233 1.00 29.71 ? 339 HOH A O    1 
HETATM 1520 O  O    . HOH C 3 .   ? -16.268 -3.280  -9.062  1.00 31.49 ? 340 HOH A O    1 
HETATM 1521 O  O    . HOH C 3 .   ? -6.157  1.202   16.682  1.00 26.73 ? 341 HOH A O    1 
HETATM 1522 O  O    . HOH C 3 .   ? -1.853  16.221  6.609   1.00 25.80 ? 342 HOH A O    1 
HETATM 1523 O  O    . HOH C 3 .   ? 15.222  2.767   2.130   1.00 25.14 ? 343 HOH A O    1 
HETATM 1524 O  O    . HOH C 3 .   ? 8.305   11.921  6.894   1.00 38.55 ? 344 HOH A O    1 
HETATM 1525 O  O    . HOH C 3 .   ? -5.282  10.767  16.495  1.00 22.16 ? 345 HOH A O    1 
HETATM 1526 O  O    . HOH C 3 .   ? -10.577 0.629   14.797  1.00 25.80 ? 346 HOH A O    1 
HETATM 1527 O  O    . HOH C 3 .   ? 8.295   -5.048  -13.820 1.00 22.88 ? 347 HOH A O    1 
HETATM 1528 O  O    . HOH C 3 .   ? 12.761  -16.353 11.123  0.50 20.14 ? 348 HOH A O    1 
HETATM 1529 O  O    . HOH C 3 .   ? -1.625  12.724  10.761  1.00 20.18 ? 349 HOH A O    1 
HETATM 1530 O  O    . HOH C 3 .   ? 16.178  -0.328  -1.517  1.00 20.85 ? 350 HOH A O    1 
HETATM 1531 O  O    . HOH C 3 .   ? -10.109 -12.661 5.161   1.00 29.82 ? 351 HOH A O    1 
HETATM 1532 O  O    . HOH C 3 .   ? 13.515  2.042   -15.287 1.00 36.53 ? 352 HOH A O    1 
HETATM 1533 O  O    . HOH C 3 .   ? 0.252   12.414  -8.500  1.00 21.64 ? 353 HOH A O    1 
HETATM 1534 O  O    . HOH C 3 .   ? -3.990  13.662  9.680   1.00 18.73 ? 354 HOH A O    1 
HETATM 1535 O  O    . HOH C 3 .   ? -16.571 -0.504  6.597   1.00 46.82 ? 355 HOH A O    1 
HETATM 1536 O  O    . HOH C 3 .   ? 15.911  -0.640  9.719   1.00 28.95 ? 356 HOH A O    1 
HETATM 1537 O  O    . HOH C 3 .   ? -9.627  11.113  -9.890  1.00 29.03 ? 357 HOH A O    1 
HETATM 1538 O  O    . HOH C 3 .   ? -18.546 -10.089 1.985   1.00 32.90 ? 358 HOH A O    1 
HETATM 1539 O  O    . HOH C 3 .   ? 1.884   7.313   16.010  1.00 45.00 ? 359 HOH A O    1 
HETATM 1540 O  O    . HOH C 3 .   ? -19.106 -12.937 2.121   1.00 51.69 ? 360 HOH A O    1 
HETATM 1541 O  O    . HOH C 3 .   ? 10.125  5.221   10.943  1.00 44.28 ? 361 HOH A O    1 
HETATM 1542 O  O    . HOH C 3 .   ? -17.250 -10.188 -0.479  1.00 41.77 ? 362 HOH A O    1 
HETATM 1543 O  O    . HOH C 3 .   ? 12.272  8.690   -14.061 1.00 16.98 ? 363 HOH A O    1 
HETATM 1544 O  O    . HOH C 3 .   ? 18.856  -2.324  5.703   1.00 52.91 ? 364 HOH A O    1 
HETATM 1545 O  O    . HOH C 3 .   ? -10.837 5.290   14.700  1.00 30.85 ? 365 HOH A O    1 
HETATM 1546 O  O    . HOH C 3 .   ? -17.096 -5.645  10.482  1.00 25.32 ? 366 HOH A O    1 
HETATM 1547 O  O    . HOH C 3 .   ? -15.133 7.033   2.774   1.00 28.62 ? 367 HOH A O    1 
HETATM 1548 O  O    . HOH C 3 .   ? -0.141  -14.359 -7.298  1.00 43.67 ? 368 HOH A O    1 
HETATM 1549 O  O    . HOH C 3 .   ? -11.081 0.485   -11.416 1.00 30.35 ? 369 HOH A O    1 
HETATM 1550 O  O    . HOH C 3 .   ? -19.870 -12.142 9.040   1.00 31.65 ? 370 HOH A O    1 
HETATM 1551 O  O    . HOH C 3 .   ? -3.982  -14.325 -7.874  1.00 26.27 ? 371 HOH A O    1 
HETATM 1552 O  O    . HOH C 3 .   ? 14.751  -4.424  -15.685 1.00 29.72 ? 372 HOH A O    1 
HETATM 1553 O  O    . HOH C 3 .   ? -7.782  16.745  -0.112  1.00 24.17 ? 373 HOH A O    1 
HETATM 1554 O  O    . HOH C 3 .   ? -4.161  -0.735  20.578  1.00 41.72 ? 374 HOH A O    1 
HETATM 1555 O  O    . HOH C 3 .   ? -3.455  -3.190  19.785  1.00 38.06 ? 375 HOH A O    1 
HETATM 1556 O  O    . HOH C 3 .   ? -0.191  14.417  7.548   1.00 43.00 ? 376 HOH A O    1 
HETATM 1557 O  O    . HOH C 3 .   ? -6.454  17.794  2.967   1.00 37.17 ? 377 HOH A O    1 
HETATM 1558 O  O    . HOH C 3 .   ? 18.103  -7.883  -2.647  1.00 31.10 ? 378 HOH A O    1 
HETATM 1559 O  O    . HOH C 3 .   ? 7.012   2.804   14.035  1.00 21.80 ? 379 HOH A O    1 
HETATM 1560 O  O    . HOH C 3 .   ? -0.066  10.728  -12.119 1.00 43.15 ? 380 HOH A O    1 
HETATM 1561 O  O    . HOH C 3 .   ? 14.698  -10.170 7.699   1.00 27.61 ? 381 HOH A O    1 
HETATM 1562 O  O    . HOH C 3 .   ? -11.829 -6.558  -12.487 1.00 23.66 ? 382 HOH A O    1 
HETATM 1563 O  O    . HOH C 3 .   ? 4.343   3.555   14.357  1.00 17.91 ? 383 HOH A O    1 
HETATM 1564 O  O    . HOH C 3 .   ? -0.764  14.140  12.787  1.00 28.22 ? 384 HOH A O    1 
HETATM 1565 O  O    . HOH C 3 .   ? 10.442  14.251  -8.565  1.00 31.25 ? 385 HOH A O    1 
HETATM 1566 O  O    . HOH C 3 .   ? 10.111  -18.031 5.680   1.00 23.60 ? 386 HOH A O    1 
HETATM 1567 O  O    . HOH C 3 .   ? -15.171 -4.534  -2.178  1.00 40.31 ? 387 HOH A O    1 
HETATM 1568 O  O    . HOH C 3 .   ? 5.820   -14.707 0.841   1.00 21.76 ? 388 HOH A O    1 
HETATM 1569 O  O    . HOH C 3 .   ? -2.790  -13.655 5.515   1.00 30.03 ? 389 HOH A O    1 
HETATM 1570 O  O    . HOH C 3 .   ? -11.059 1.750   12.312  1.00 29.23 ? 390 HOH A O    1 
HETATM 1571 O  O    . HOH C 3 .   ? -8.212  5.165   -12.020 1.00 21.31 ? 391 HOH A O    1 
HETATM 1572 O  O    . HOH C 3 .   ? 6.636   -14.902 10.385  1.00 24.52 ? 392 HOH A O    1 
HETATM 1573 O  O    . HOH C 3 .   ? 14.855  8.276   6.253   1.00 32.86 ? 393 HOH A O    1 
HETATM 1574 O  O    . HOH C 3 .   ? 12.033  11.380  -9.939  1.00 31.75 ? 394 HOH A O    1 
HETATM 1575 O  O    . HOH C 3 .   ? -7.436  0.378   -17.380 1.00 31.87 ? 395 HOH A O    1 
HETATM 1576 O  O    . HOH C 3 .   ? 3.004   -14.347 0.650   1.00 35.52 ? 396 HOH A O    1 
HETATM 1577 O  O    . HOH C 3 .   ? -5.029  -8.365  14.557  1.00 28.13 ? 397 HOH A O    1 
HETATM 1578 O  O    . HOH C 3 .   ? -12.915 -9.601  14.856  1.00 28.92 ? 398 HOH A O    1 
HETATM 1579 O  O    . HOH C 3 .   ? -1.401  -11.686 -8.633  1.00 35.07 ? 399 HOH A O    1 
HETATM 1580 O  O    . HOH C 3 .   ? -11.743 10.685  -8.209  1.00 30.33 ? 400 HOH A O    1 
HETATM 1581 O  O    . HOH C 3 .   ? -16.260 9.984   -5.374  1.00 31.48 ? 401 HOH A O    1 
HETATM 1582 O  O    . HOH C 3 .   ? 17.984  2.790   6.397   1.00 38.03 ? 402 HOH A O    1 
HETATM 1583 O  O    . HOH C 3 .   ? -13.434 5.343   -8.947  1.00 31.68 ? 403 HOH A O    1 
HETATM 1584 O  O    . HOH C 3 .   ? 9.868   -18.106 8.462   1.00 40.88 ? 404 HOH A O    1 
HETATM 1585 O  O    . HOH C 3 .   ? -7.842  15.312  -2.591  1.00 30.56 ? 405 HOH A O    1 
HETATM 1586 O  O    . HOH C 3 .   ? -10.656 -8.524  13.144  1.00 39.54 ? 406 HOH A O    1 
HETATM 1587 O  O    . HOH C 3 .   ? 16.596  4.055   4.622   1.00 30.89 ? 407 HOH A O    1 
HETATM 1588 O  O    . HOH C 3 .   ? 18.428  0.332   6.604   1.00 28.80 ? 408 HOH A O    1 
HETATM 1589 O  O    . HOH C 3 .   ? -14.606 -2.845  -0.318  1.00 33.98 ? 409 HOH A O    1 
HETATM 1590 O  O    . HOH C 3 .   ? -10.757 -3.633  15.816  1.00 45.67 ? 410 HOH A O    1 
HETATM 1591 O  O    . HOH C 3 .   ? 15.344  9.144   -1.628  1.00 26.85 ? 411 HOH A O    1 
HETATM 1592 O  O    . HOH C 3 .   ? 14.929  5.980   11.901  1.00 35.84 ? 412 HOH A O    1 
HETATM 1593 O  O    . HOH C 3 .   ? -12.734 -13.615 10.797  1.00 36.63 ? 413 HOH A O    1 
HETATM 1594 O  O    . HOH C 3 .   ? -10.283 14.803  -4.550  1.00 33.38 ? 414 HOH A O    1 
HETATM 1595 O  O    . HOH C 3 .   ? -18.153 -1.494  -5.263  1.00 33.51 ? 415 HOH A O    1 
HETATM 1596 O  O    . HOH C 3 .   ? 19.788  4.497   -4.926  1.00 24.88 ? 416 HOH A O    1 
HETATM 1597 O  O    . HOH C 3 .   ? 6.442   -1.782  -14.423 1.00 35.23 ? 417 HOH A O    1 
HETATM 1598 O  O    . HOH C 3 .   ? 5.683   -14.533 12.835  1.00 43.69 ? 418 HOH A O    1 
HETATM 1599 O  O    . HOH C 3 .   ? -13.955 -5.160  -9.939  1.00 32.32 ? 419 HOH A O    1 
HETATM 1600 O  O    . HOH C 3 .   ? 7.393   -1.009  13.100  1.00 37.23 ? 420 HOH A O    1 
HETATM 1601 O  O    . HOH C 3 .   ? 6.048   -12.545 14.772  1.00 29.52 ? 421 HOH A O    1 
HETATM 1602 O  O    . HOH C 3 .   ? -20.665 -8.117  8.904   1.00 43.63 ? 422 HOH A O    1 
HETATM 1603 O  O    . HOH C 3 .   ? 15.868  12.570  6.578   1.00 37.34 ? 423 HOH A O    1 
HETATM 1604 O  O    . HOH C 3 .   ? -13.767 4.169   5.987   1.00 42.05 ? 424 HOH A O    1 
HETATM 1605 O  O    . HOH C 3 .   ? 4.302   10.884  -11.068 1.00 36.45 ? 425 HOH A O    1 
HETATM 1606 O  O    . HOH C 3 .   ? -14.765 3.484   3.650   1.00 38.46 ? 426 HOH A O    1 
HETATM 1607 O  O    . HOH C 3 .   ? -8.999  -17.042 -2.079  1.00 37.71 ? 427 HOH A O    1 
HETATM 1608 O  O    . HOH C 3 .   ? 14.517  12.060  -0.854  1.00 45.39 ? 428 HOH A O    1 
HETATM 1609 O  O    . HOH C 3 .   ? 17.283  13.536  1.870   1.00 43.89 ? 429 HOH A O    1 
# 
loop_
_pdbx_poly_seq_scheme.asym_id 
_pdbx_poly_seq_scheme.entity_id 
_pdbx_poly_seq_scheme.seq_id 
_pdbx_poly_seq_scheme.mon_id 
_pdbx_poly_seq_scheme.ndb_seq_num 
_pdbx_poly_seq_scheme.pdb_seq_num 
_pdbx_poly_seq_scheme.auth_seq_num 
_pdbx_poly_seq_scheme.pdb_mon_id 
_pdbx_poly_seq_scheme.auth_mon_id 
_pdbx_poly_seq_scheme.pdb_strand_id 
_pdbx_poly_seq_scheme.pdb_ins_code 
_pdbx_poly_seq_scheme.hetero 
A 1 1   GLY 1   125 ?   ?   ?   A . n 
A 1 2   SER 2   126 ?   ?   ?   A . n 
A 1 3   HIS 3   127 ?   ?   ?   A . n 
A 1 4   MET 4   128 128 MET MET A . n 
A 1 5   ASN 5   129 129 ASN ASN A . n 
A 1 6   VAL 6   130 130 VAL VAL A . n 
A 1 7   ASP 7   131 131 ASP ASP A . n 
A 1 8   LEU 8   132 132 LEU LEU A . n 
A 1 9   VAL 9   133 133 VAL VAL A . n 
A 1 10  PHE 10  134 134 PHE PHE A . n 
A 1 11  LEU 11  135 135 LEU LEU A . n 
A 1 12  PHE 12  136 136 PHE PHE A . n 
A 1 13  ASP 13  137 137 ASP ASP A . n 
A 1 14  GLY 14  138 138 GLY GLY A . n 
A 1 15  SER 15  139 139 SER SER A . n 
A 1 16  MET 16  140 140 MET MET A . n 
A 1 17  SER 17  141 141 SER SER A . n 
A 1 18  LEU 18  142 142 LEU LEU A . n 
A 1 19  GLN 19  143 143 GLN GLN A . n 
A 1 20  PRO 20  144 144 PRO PRO A . n 
A 1 21  ASP 21  145 145 ASP ASP A . n 
A 1 22  GLU 22  146 146 GLU GLU A . n 
A 1 23  PHE 23  147 147 PHE PHE A . n 
A 1 24  GLN 24  148 148 GLN GLN A . n 
A 1 25  LYS 25  149 149 LYS LYS A . n 
A 1 26  ILE 26  150 150 ILE ILE A . n 
A 1 27  LEU 27  151 151 LEU LEU A . n 
A 1 28  ASP 28  152 152 ASP ASP A . n 
A 1 29  PHE 29  153 153 PHE PHE A . n 
A 1 30  MET 30  154 154 MET MET A . n 
A 1 31  LYS 31  155 155 LYS LYS A . n 
A 1 32  ASP 32  156 156 ASP ASP A . n 
A 1 33  VAL 33  157 157 VAL VAL A . n 
A 1 34  MET 34  158 158 MET MET A . n 
A 1 35  LYS 35  159 159 LYS LYS A . n 
A 1 36  LYS 36  160 160 LYS LYS A . n 
A 1 37  LEU 37  161 161 LEU LEU A . n 
A 1 38  SER 38  162 162 SER SER A . n 
A 1 39  ASN 39  163 163 ASN ASN A . n 
A 1 40  THR 40  164 164 THR THR A . n 
A 1 41  SER 41  165 165 SER SER A . n 
A 1 42  TYR 42  166 166 TYR TYR A . n 
A 1 43  GLN 43  167 167 GLN GLN A . n 
A 1 44  PHE 44  168 168 PHE PHE A . n 
A 1 45  ALA 45  169 169 ALA ALA A . n 
A 1 46  ALA 46  170 170 ALA ALA A . n 
A 1 47  VAL 47  171 171 VAL VAL A . n 
A 1 48  GLN 48  172 172 GLN GLN A . n 
A 1 49  PHE 49  173 173 PHE PHE A . n 
A 1 50  SER 50  174 174 SER SER A . n 
A 1 51  THR 51  175 175 THR THR A . n 
A 1 52  SER 52  176 176 SER SER A . n 
A 1 53  TYR 53  177 177 TYR TYR A . n 
A 1 54  LYS 54  178 178 LYS LYS A . n 
A 1 55  THR 55  179 179 THR THR A . n 
A 1 56  GLU 56  180 180 GLU GLU A . n 
A 1 57  PHE 57  181 181 PHE PHE A . n 
A 1 58  ASP 58  182 182 ASP ASP A . n 
A 1 59  PHE 59  183 183 PHE PHE A . n 
A 1 60  SER 60  184 184 SER SER A . n 
A 1 61  ASP 61  185 185 ASP ASP A . n 
A 1 62  TYR 62  186 186 TYR TYR A . n 
A 1 63  VAL 63  187 187 VAL VAL A . n 
A 1 64  LYS 64  188 188 LYS LYS A . n 
A 1 65  ARG 65  189 189 ARG ARG A . n 
A 1 66  LYS 66  190 190 LYS LYS A . n 
A 1 67  ASP 67  191 191 ASP ASP A . n 
A 1 68  PRO 68  192 192 PRO PRO A . n 
A 1 69  ASP 69  193 193 ASP ASP A . n 
A 1 70  ALA 70  194 194 ALA ALA A . n 
A 1 71  LEU 71  195 195 LEU LEU A . n 
A 1 72  LEU 72  196 196 LEU LEU A . n 
A 1 73  LYS 73  197 197 LYS LYS A . n 
A 1 74  HIS 74  198 198 HIS HIS A . n 
A 1 75  VAL 75  199 199 VAL VAL A . n 
A 1 76  LYS 76  200 200 LYS LYS A . n 
A 1 77  HIS 77  201 201 HIS HIS A . n 
A 1 78  MET 78  202 202 MET MET A . n 
A 1 79  LEU 79  203 203 LEU LEU A . n 
A 1 80  LEU 80  204 204 LEU LEU A . n 
A 1 81  LEU 81  205 205 LEU LEU A . n 
A 1 82  THR 82  206 206 THR THR A . n 
A 1 83  ASN 83  207 207 ASN ASN A . n 
A 1 84  THR 84  208 208 THR THR A . n 
A 1 85  PHE 85  209 209 PHE PHE A . n 
A 1 86  GLY 86  210 210 GLY GLY A . n 
A 1 87  ALA 87  211 211 ALA ALA A . n 
A 1 88  ILE 88  212 212 ILE ILE A . n 
A 1 89  ASN 89  213 213 ASN ASN A . n 
A 1 90  TYR 90  214 214 TYR TYR A . n 
A 1 91  VAL 91  215 215 VAL VAL A . n 
A 1 92  ALA 92  216 216 ALA ALA A . n 
A 1 93  THR 93  217 217 THR THR A . n 
A 1 94  GLU 94  218 218 GLU GLU A . n 
A 1 95  VAL 95  219 219 VAL VAL A . n 
A 1 96  PHE 96  220 220 PHE PHE A . n 
A 1 97  ARG 97  221 221 ARG ARG A . n 
A 1 98  GLU 98  222 222 GLU GLU A . n 
A 1 99  GLU 99  223 223 GLU GLU A . n 
A 1 100 LEU 100 224 224 LEU LEU A . n 
A 1 101 GLY 101 225 225 GLY GLY A . n 
A 1 102 ALA 102 226 226 ALA ALA A . n 
A 1 103 ARG 103 227 227 ARG ARG A . n 
A 1 104 PRO 104 228 228 PRO PRO A . n 
A 1 105 ASP 105 229 229 ASP ASP A . n 
A 1 106 ALA 106 230 230 ALA ALA A . n 
A 1 107 THR 107 231 231 THR THR A . n 
A 1 108 LYS 108 232 232 LYS LYS A . n 
A 1 109 VAL 109 233 233 VAL VAL A . n 
A 1 110 LEU 110 234 234 LEU LEU A . n 
A 1 111 ILE 111 235 235 ILE ILE A . n 
A 1 112 ILE 112 236 236 ILE ILE A . n 
A 1 113 ILE 113 237 237 ILE ILE A . n 
A 1 114 THR 114 238 238 THR THR A . n 
A 1 115 ASP 115 239 239 ASP ASP A . n 
A 1 116 GLY 116 240 240 GLY GLY A . n 
A 1 117 GLU 117 241 241 GLU GLU A . n 
A 1 118 ALA 118 242 242 ALA ALA A . n 
A 1 119 THR 119 243 243 THR THR A . n 
A 1 120 ASP 120 244 244 ASP ASP A . n 
A 1 121 SER 121 245 245 SER SER A . n 
A 1 122 GLY 122 246 246 GLY GLY A . n 
A 1 123 ASN 123 247 247 ASN ASN A . n 
A 1 124 ILE 124 248 248 ILE ILE A . n 
A 1 125 ASP 125 249 249 ASP ASP A . n 
A 1 126 ALA 126 250 250 ALA ALA A . n 
A 1 127 ALA 127 251 251 ALA ALA A . n 
A 1 128 LYS 128 252 252 LYS LYS A . n 
A 1 129 ASP 129 253 253 ASP ASP A . n 
A 1 130 ILE 130 254 254 ILE ILE A . n 
A 1 131 ILE 131 255 255 ILE ILE A . n 
A 1 132 ARG 132 256 256 ARG ARG A . n 
A 1 133 TYR 133 257 257 TYR TYR A . n 
A 1 134 ILE 134 258 258 ILE ILE A . n 
A 1 135 ILE 135 259 259 ILE ILE A . n 
A 1 136 GLY 136 260 260 GLY GLY A . n 
A 1 137 ILE 137 261 261 ILE ILE A . n 
A 1 138 GLY 138 262 262 GLY GLY A . n 
A 1 139 LYS 139 263 263 LYS LYS A . n 
A 1 140 HIS 140 264 264 HIS HIS A . n 
A 1 141 PHE 141 265 265 PHE PHE A . n 
A 1 142 GLN 142 266 266 GLN GLN A . n 
A 1 143 THR 143 267 267 THR THR A . n 
A 1 144 LYS 144 268 268 LYS LYS A . n 
A 1 145 GLU 145 269 269 GLU GLU A . n 
A 1 146 SER 146 270 270 SER SER A . n 
A 1 147 GLN 147 271 271 GLN GLN A . n 
A 1 148 GLU 148 272 272 GLU GLU A . n 
A 1 149 THR 149 273 273 THR THR A . n 
A 1 150 LEU 150 274 274 LEU LEU A . n 
A 1 151 HIS 151 275 275 HIS HIS A . n 
A 1 152 LYS 152 276 276 LYS LYS A . n 
A 1 153 PHE 153 277 277 PHE PHE A . n 
A 1 154 ALA 154 278 278 ALA ALA A . n 
A 1 155 SER 155 279 279 SER SER A . n 
A 1 156 LYS 156 280 280 LYS LYS A . n 
A 1 157 PRO 157 281 281 PRO PRO A . n 
A 1 158 ALA 158 282 282 ALA ALA A . n 
A 1 159 SER 159 283 283 SER SER A . n 
A 1 160 GLU 160 284 284 GLU GLU A . n 
A 1 161 PHE 161 285 285 PHE PHE A . n 
A 1 162 VAL 162 286 286 VAL VAL A . n 
A 1 163 LYS 163 287 287 LYS LYS A . n 
A 1 164 ILE 164 288 288 ILE ILE A . n 
A 1 165 LEU 165 289 289 LEU LEU A . n 
A 1 166 ASP 166 290 290 ASP ASP A . n 
A 1 167 THR 167 291 291 THR THR A . n 
A 1 168 PHE 168 292 292 PHE PHE A . n 
A 1 169 GLU 169 293 293 GLU GLU A . n 
A 1 170 LYS 170 294 294 LYS LYS A . n 
A 1 171 LEU 171 295 295 LEU LEU A . n 
A 1 172 LYS 172 296 296 LYS LYS A . n 
A 1 173 ASP 173 297 297 ASP ASP A . n 
A 1 174 LEU 174 298 298 LEU LEU A . n 
A 1 175 PHE 175 299 299 PHE PHE A . n 
A 1 176 THR 176 300 300 THR THR A . n 
A 1 177 GLU 177 301 301 GLU GLU A . n 
A 1 178 LEU 178 302 302 LEU LEU A . n 
A 1 179 GLN 179 303 303 GLN GLN A . n 
A 1 180 LYS 180 304 304 LYS LYS A . n 
A 1 181 LYS 181 305 305 LYS LYS A . n 
A 1 182 ILE 182 306 306 ILE ILE A . n 
A 1 183 TYR 183 307 307 TYR TYR A . n 
# 
loop_
_pdbx_nonpoly_scheme.asym_id 
_pdbx_nonpoly_scheme.entity_id 
_pdbx_nonpoly_scheme.mon_id 
_pdbx_nonpoly_scheme.ndb_seq_num 
_pdbx_nonpoly_scheme.pdb_seq_num 
_pdbx_nonpoly_scheme.auth_seq_num 
_pdbx_nonpoly_scheme.pdb_mon_id 
_pdbx_nonpoly_scheme.auth_mon_id 
_pdbx_nonpoly_scheme.pdb_strand_id 
_pdbx_nonpoly_scheme.pdb_ins_code 
B 2 2O7 1   1   1   2O7 2O7 A . 
C 3 HOH 1   308 1   HOH HOH A . 
C 3 HOH 2   309 2   HOH HOH A . 
C 3 HOH 3   310 3   HOH HOH A . 
C 3 HOH 4   311 4   HOH HOH A . 
C 3 HOH 5   312 5   HOH HOH A . 
C 3 HOH 6   313 6   HOH HOH A . 
C 3 HOH 7   314 7   HOH HOH A . 
C 3 HOH 8   315 8   HOH HOH A . 
C 3 HOH 9   316 9   HOH HOH A . 
C 3 HOH 10  317 10  HOH HOH A . 
C 3 HOH 11  318 11  HOH HOH A . 
C 3 HOH 12  319 12  HOH HOH A . 
C 3 HOH 13  320 13  HOH HOH A . 
C 3 HOH 14  321 14  HOH HOH A . 
C 3 HOH 15  322 15  HOH HOH A . 
C 3 HOH 16  323 16  HOH HOH A . 
C 3 HOH 17  324 17  HOH HOH A . 
C 3 HOH 18  325 18  HOH HOH A . 
C 3 HOH 19  326 19  HOH HOH A . 
C 3 HOH 20  327 20  HOH HOH A . 
C 3 HOH 21  328 21  HOH HOH A . 
C 3 HOH 22  329 22  HOH HOH A . 
C 3 HOH 23  330 23  HOH HOH A . 
C 3 HOH 24  331 24  HOH HOH A . 
C 3 HOH 25  332 25  HOH HOH A . 
C 3 HOH 26  333 26  HOH HOH A . 
C 3 HOH 27  334 27  HOH HOH A . 
C 3 HOH 28  335 28  HOH HOH A . 
C 3 HOH 29  336 29  HOH HOH A . 
C 3 HOH 30  337 30  HOH HOH A . 
C 3 HOH 31  338 31  HOH HOH A . 
C 3 HOH 32  339 32  HOH HOH A . 
C 3 HOH 33  340 33  HOH HOH A . 
C 3 HOH 34  341 34  HOH HOH A . 
C 3 HOH 35  342 35  HOH HOH A . 
C 3 HOH 36  343 36  HOH HOH A . 
C 3 HOH 37  344 37  HOH HOH A . 
C 3 HOH 38  345 38  HOH HOH A . 
C 3 HOH 39  346 39  HOH HOH A . 
C 3 HOH 40  347 40  HOH HOH A . 
C 3 HOH 41  348 41  HOH HOH A . 
C 3 HOH 42  349 42  HOH HOH A . 
C 3 HOH 43  350 43  HOH HOH A . 
C 3 HOH 44  351 44  HOH HOH A . 
C 3 HOH 45  352 45  HOH HOH A . 
C 3 HOH 46  353 46  HOH HOH A . 
C 3 HOH 47  354 47  HOH HOH A . 
C 3 HOH 48  355 48  HOH HOH A . 
C 3 HOH 49  356 49  HOH HOH A . 
C 3 HOH 50  357 50  HOH HOH A . 
C 3 HOH 51  358 51  HOH HOH A . 
C 3 HOH 52  359 52  HOH HOH A . 
C 3 HOH 53  360 53  HOH HOH A . 
C 3 HOH 54  361 54  HOH HOH A . 
C 3 HOH 55  362 55  HOH HOH A . 
C 3 HOH 56  363 56  HOH HOH A . 
C 3 HOH 57  364 57  HOH HOH A . 
C 3 HOH 58  365 58  HOH HOH A . 
C 3 HOH 59  366 59  HOH HOH A . 
C 3 HOH 60  367 60  HOH HOH A . 
C 3 HOH 61  368 61  HOH HOH A . 
C 3 HOH 62  369 62  HOH HOH A . 
C 3 HOH 63  370 63  HOH HOH A . 
C 3 HOH 64  371 64  HOH HOH A . 
C 3 HOH 65  372 65  HOH HOH A . 
C 3 HOH 66  373 66  HOH HOH A . 
C 3 HOH 67  374 67  HOH HOH A . 
C 3 HOH 68  375 68  HOH HOH A . 
C 3 HOH 69  376 69  HOH HOH A . 
C 3 HOH 70  377 70  HOH HOH A . 
C 3 HOH 71  378 71  HOH HOH A . 
C 3 HOH 72  379 72  HOH HOH A . 
C 3 HOH 73  380 73  HOH HOH A . 
C 3 HOH 74  381 74  HOH HOH A . 
C 3 HOH 75  382 75  HOH HOH A . 
C 3 HOH 76  383 76  HOH HOH A . 
C 3 HOH 77  384 77  HOH HOH A . 
C 3 HOH 78  385 78  HOH HOH A . 
C 3 HOH 79  386 79  HOH HOH A . 
C 3 HOH 80  387 80  HOH HOH A . 
C 3 HOH 81  388 81  HOH HOH A . 
C 3 HOH 82  389 82  HOH HOH A . 
C 3 HOH 83  390 83  HOH HOH A . 
C 3 HOH 84  391 84  HOH HOH A . 
C 3 HOH 85  392 85  HOH HOH A . 
C 3 HOH 86  393 86  HOH HOH A . 
C 3 HOH 87  394 87  HOH HOH A . 
C 3 HOH 88  395 88  HOH HOH A . 
C 3 HOH 89  396 89  HOH HOH A . 
C 3 HOH 90  397 90  HOH HOH A . 
C 3 HOH 91  398 91  HOH HOH A . 
C 3 HOH 92  399 92  HOH HOH A . 
C 3 HOH 93  400 93  HOH HOH A . 
C 3 HOH 94  401 94  HOH HOH A . 
C 3 HOH 95  402 95  HOH HOH A . 
C 3 HOH 96  403 96  HOH HOH A . 
C 3 HOH 97  404 97  HOH HOH A . 
C 3 HOH 98  405 98  HOH HOH A . 
C 3 HOH 99  406 99  HOH HOH A . 
C 3 HOH 100 407 100 HOH HOH A . 
C 3 HOH 101 408 101 HOH HOH A . 
C 3 HOH 102 409 102 HOH HOH A . 
C 3 HOH 103 410 103 HOH HOH A . 
C 3 HOH 104 411 104 HOH HOH A . 
C 3 HOH 105 412 105 HOH HOH A . 
C 3 HOH 106 413 106 HOH HOH A . 
C 3 HOH 107 414 107 HOH HOH A . 
C 3 HOH 108 415 108 HOH HOH A . 
C 3 HOH 109 416 109 HOH HOH A . 
C 3 HOH 110 417 110 HOH HOH A . 
C 3 HOH 111 418 111 HOH HOH A . 
C 3 HOH 112 419 112 HOH HOH A . 
C 3 HOH 113 420 113 HOH HOH A . 
C 3 HOH 114 421 114 HOH HOH A . 
C 3 HOH 115 422 115 HOH HOH A . 
C 3 HOH 116 423 116 HOH HOH A . 
C 3 HOH 117 424 117 HOH HOH A . 
C 3 HOH 118 425 118 HOH HOH A . 
C 3 HOH 119 426 119 HOH HOH A . 
C 3 HOH 120 427 120 HOH HOH A . 
C 3 HOH 121 428 121 HOH HOH A . 
C 3 HOH 122 429 122 HOH HOH A . 
# 
_pdbx_struct_assembly.id                   1 
_pdbx_struct_assembly.details              author_defined_assembly 
_pdbx_struct_assembly.method_details       ? 
_pdbx_struct_assembly.oligomeric_details   monomeric 
_pdbx_struct_assembly.oligomeric_count     1 
# 
_pdbx_struct_assembly_gen.assembly_id       1 
_pdbx_struct_assembly_gen.oper_expression   1 
_pdbx_struct_assembly_gen.asym_id_list      A,B,C 
# 
_pdbx_struct_oper_list.id                   1 
_pdbx_struct_oper_list.type                 'identity operation' 
_pdbx_struct_oper_list.name                 1_555 
_pdbx_struct_oper_list.symmetry_operation   x,y,z 
_pdbx_struct_oper_list.matrix[1][1]         1.0000000000 
_pdbx_struct_oper_list.matrix[1][2]         0.0000000000 
_pdbx_struct_oper_list.matrix[1][3]         0.0000000000 
_pdbx_struct_oper_list.vector[1]            0.0000000000 
_pdbx_struct_oper_list.matrix[2][1]         0.0000000000 
_pdbx_struct_oper_list.matrix[2][2]         1.0000000000 
_pdbx_struct_oper_list.matrix[2][3]         0.0000000000 
_pdbx_struct_oper_list.vector[2]            0.0000000000 
_pdbx_struct_oper_list.matrix[3][1]         0.0000000000 
_pdbx_struct_oper_list.matrix[3][2]         0.0000000000 
_pdbx_struct_oper_list.matrix[3][3]         1.0000000000 
_pdbx_struct_oper_list.vector[3]            0.0000000000 
# 
_pdbx_struct_special_symmetry.id              1 
_pdbx_struct_special_symmetry.PDB_model_num   1 
_pdbx_struct_special_symmetry.auth_asym_id    A 
_pdbx_struct_special_symmetry.auth_comp_id    HOH 
_pdbx_struct_special_symmetry.auth_seq_id     348 
_pdbx_struct_special_symmetry.PDB_ins_code    ? 
_pdbx_struct_special_symmetry.label_asym_id   C 
_pdbx_struct_special_symmetry.label_comp_id   HOH 
_pdbx_struct_special_symmetry.label_seq_id    . 
# 
loop_
_pdbx_audit_revision_history.ordinal 
_pdbx_audit_revision_history.data_content_type 
_pdbx_audit_revision_history.major_revision 
_pdbx_audit_revision_history.minor_revision 
_pdbx_audit_revision_history.revision_date 
1 'Structure model' 1 0 2007-03-20 
2 'Structure model' 1 1 2008-05-01 
3 'Structure model' 1 2 2011-07-13 
4 'Structure model' 1 3 2017-10-18 
5 'Structure model' 1 4 2023-08-30 
# 
_pdbx_audit_revision_details.ordinal             1 
_pdbx_audit_revision_details.revision_ordinal    1 
_pdbx_audit_revision_details.data_content_type   'Structure model' 
_pdbx_audit_revision_details.provider            repository 
_pdbx_audit_revision_details.type                'Initial release' 
_pdbx_audit_revision_details.description         ? 
_pdbx_audit_revision_details.details             ? 
# 
loop_
_pdbx_audit_revision_group.ordinal 
_pdbx_audit_revision_group.revision_ordinal 
_pdbx_audit_revision_group.data_content_type 
_pdbx_audit_revision_group.group 
1 2 'Structure model' 'Version format compliance' 
2 3 'Structure model' 'Version format compliance' 
3 4 'Structure model' Advisory                    
4 4 'Structure model' 'Refinement description'    
5 5 'Structure model' Advisory                    
6 5 'Structure model' 'Data collection'           
7 5 'Structure model' 'Database references'       
8 5 'Structure model' 'Derived calculations'      
9 5 'Structure model' 'Refinement description'    
# 
loop_
_pdbx_audit_revision_category.ordinal 
_pdbx_audit_revision_category.revision_ordinal 
_pdbx_audit_revision_category.data_content_type 
_pdbx_audit_revision_category.category 
1 4 'Structure model' pdbx_unobs_or_zero_occ_atoms  
2 4 'Structure model' software                      
3 5 'Structure model' chem_comp_atom                
4 5 'Structure model' chem_comp_bond                
5 5 'Structure model' database_2                    
6 5 'Structure model' pdbx_initial_refinement_model 
7 5 'Structure model' pdbx_unobs_or_zero_occ_atoms  
8 5 'Structure model' struct_ref_seq_dif            
9 5 'Structure model' struct_site                   
# 
loop_
_pdbx_audit_revision_item.ordinal 
_pdbx_audit_revision_item.revision_ordinal 
_pdbx_audit_revision_item.data_content_type 
_pdbx_audit_revision_item.item 
1 5 'Structure model' '_database_2.pdbx_DOI'                
2 5 'Structure model' '_database_2.pdbx_database_accession' 
3 5 'Structure model' '_struct_ref_seq_dif.details'         
4 5 'Structure model' '_struct_site.pdbx_auth_asym_id'      
5 5 'Structure model' '_struct_site.pdbx_auth_comp_id'      
6 5 'Structure model' '_struct_site.pdbx_auth_seq_id'       
# 
loop_
_software.name 
_software.version 
_software.date 
_software.type 
_software.contact_author 
_software.contact_author_email 
_software.classification 
_software.location 
_software.language 
_software.citation_id 
_software.pdbx_ordinal 
DENZO       .      ?                package 'Zbyszek Otwinowski' zbyszek@mix.swmed.edu    'data reduction'  
http://www.lnls.br/infra/linhasluz/denzo-hkl.htm ?          ? 1 
SCALEPACK   .      ?                package 'Zbyszek Otwinowski' zbyszek@mix.swmed.edu    'data scaling'    
http://www.lnls.br/infra/linhasluz/denzo-hkl.htm ?          ? 2 
CNS         .      ?                package 'Axel T. Brunger'    axel.brunger@yale.edu    refinement        
http://cns.csb.yale.edu/v1.1/                    Fortran_77 ? 3 
PDB_EXTRACT 2.000  'April. 3, 2006' package PDB                  sw-help@rcsb.rutgers.edu 'data extraction' 
http://pdb.rutgers.edu/software/                 C++        ? 4 
AMoRE       .      ?                ?       ?                    ?                        phasing           ? ?          ? 5 
CNX         2000.1 ?                ?       ?                    ?                        refinement        ? ?          ? 6 
# 
loop_
_pdbx_validate_torsion.id 
_pdbx_validate_torsion.PDB_model_num 
_pdbx_validate_torsion.auth_comp_id 
_pdbx_validate_torsion.auth_asym_id 
_pdbx_validate_torsion.auth_seq_id 
_pdbx_validate_torsion.PDB_ins_code 
_pdbx_validate_torsion.label_alt_id 
_pdbx_validate_torsion.phi 
_pdbx_validate_torsion.psi 
1 1 ASN A 163 ? ? -93.25  40.26   
2 1 SER A 174 ? ? -149.83 -109.19 
3 1 ARG A 189 ? ? -142.36 -0.65   
4 1 LEU A 204 ? ? -122.37 -132.42 
# 
loop_
_pdbx_unobs_or_zero_occ_atoms.id 
_pdbx_unobs_or_zero_occ_atoms.PDB_model_num 
_pdbx_unobs_or_zero_occ_atoms.polymer_flag 
_pdbx_unobs_or_zero_occ_atoms.occupancy_flag 
_pdbx_unobs_or_zero_occ_atoms.auth_asym_id 
_pdbx_unobs_or_zero_occ_atoms.auth_comp_id 
_pdbx_unobs_or_zero_occ_atoms.auth_seq_id 
_pdbx_unobs_or_zero_occ_atoms.PDB_ins_code 
_pdbx_unobs_or_zero_occ_atoms.auth_atom_id 
_pdbx_unobs_or_zero_occ_atoms.label_alt_id 
_pdbx_unobs_or_zero_occ_atoms.label_asym_id 
_pdbx_unobs_or_zero_occ_atoms.label_comp_id 
_pdbx_unobs_or_zero_occ_atoms.label_seq_id 
_pdbx_unobs_or_zero_occ_atoms.label_atom_id 
1  1 Y 0 A ASP 145 ? CG  ? A ASP 21  CG  
2  1 Y 0 A ASP 145 ? OD1 ? A ASP 21  OD1 
3  1 Y 0 A ASP 145 ? OD2 ? A ASP 21  OD2 
4  1 Y 0 A ASN 163 ? CG  ? A ASN 39  CG  
5  1 Y 0 A ASN 163 ? OD1 ? A ASN 39  OD1 
6  1 Y 0 A ASN 163 ? ND2 ? A ASN 39  ND2 
7  1 Y 0 A ARG 189 ? CG  ? A ARG 65  CG  
8  1 Y 0 A ARG 189 ? CD  ? A ARG 65  CD  
9  1 Y 0 A ARG 189 ? NE  ? A ARG 65  NE  
10 1 Y 0 A ARG 189 ? CZ  ? A ARG 65  CZ  
11 1 Y 0 A ARG 189 ? NH1 ? A ARG 65  NH1 
12 1 Y 0 A ARG 189 ? NH2 ? A ARG 65  NH2 
13 1 Y 0 A LYS 190 ? CE  ? A LYS 66  CE  
14 1 Y 0 A LYS 190 ? NZ  ? A LYS 66  NZ  
15 1 Y 0 A LYS 197 ? CE  ? A LYS 73  CE  
16 1 Y 0 A LYS 197 ? NZ  ? A LYS 73  NZ  
17 1 Y 0 A LYS 200 ? NZ  ? A LYS 76  NZ  
18 1 Y 0 A ARG 221 ? CZ  ? A ARG 97  CZ  
19 1 Y 0 A ARG 221 ? NH1 ? A ARG 97  NH1 
20 1 Y 0 A ARG 221 ? NH2 ? A ARG 97  NH2 
21 1 Y 0 A GLU 241 ? CG  ? A GLU 117 CG  
22 1 Y 0 A GLU 241 ? CD  ? A GLU 117 CD  
23 1 Y 0 A GLU 241 ? OE1 ? A GLU 117 OE1 
24 1 Y 0 A GLU 241 ? OE2 ? A GLU 117 OE2 
25 1 Y 0 A LYS 263 ? CG  ? A LYS 139 CG  
26 1 Y 0 A LYS 263 ? CD  ? A LYS 139 CD  
27 1 Y 0 A LYS 263 ? CE  ? A LYS 139 CE  
28 1 Y 0 A LYS 263 ? NZ  ? A LYS 139 NZ  
29 1 Y 0 A HIS 264 ? CG  ? A HIS 140 CG  
30 1 Y 0 A HIS 264 ? ND1 ? A HIS 140 ND1 
31 1 Y 0 A HIS 264 ? CD2 ? A HIS 140 CD2 
32 1 Y 0 A HIS 264 ? CE1 ? A HIS 140 CE1 
33 1 Y 0 A HIS 264 ? NE2 ? A HIS 140 NE2 
34 1 Y 0 A LYS 268 ? CD  ? A LYS 144 CD  
35 1 Y 0 A LYS 268 ? CE  ? A LYS 144 CE  
36 1 Y 0 A LYS 268 ? NZ  ? A LYS 144 NZ  
37 1 Y 0 A GLU 269 ? CD  ? A GLU 145 CD  
38 1 Y 0 A GLU 269 ? OE1 ? A GLU 145 OE1 
39 1 Y 0 A GLU 269 ? OE2 ? A GLU 145 OE2 
40 1 Y 0 A LYS 296 ? CG  ? A LYS 172 CG  
41 1 Y 0 A LYS 296 ? CD  ? A LYS 172 CD  
42 1 Y 0 A LYS 296 ? CE  ? A LYS 172 CE  
43 1 Y 0 A LYS 296 ? NZ  ? A LYS 172 NZ  
# 
loop_
_pdbx_unobs_or_zero_occ_residues.id 
_pdbx_unobs_or_zero_occ_residues.PDB_model_num 
_pdbx_unobs_or_zero_occ_residues.polymer_flag 
_pdbx_unobs_or_zero_occ_residues.occupancy_flag 
_pdbx_unobs_or_zero_occ_residues.auth_asym_id 
_pdbx_unobs_or_zero_occ_residues.auth_comp_id 
_pdbx_unobs_or_zero_occ_residues.auth_seq_id 
_pdbx_unobs_or_zero_occ_residues.PDB_ins_code 
_pdbx_unobs_or_zero_occ_residues.label_asym_id 
_pdbx_unobs_or_zero_occ_residues.label_comp_id 
_pdbx_unobs_or_zero_occ_residues.label_seq_id 
1 1 Y 1 A GLY 125 ? A GLY 1 
2 1 Y 1 A SER 126 ? A SER 2 
3 1 Y 1 A HIS 127 ? A HIS 3 
# 
loop_
_chem_comp_atom.comp_id 
_chem_comp_atom.atom_id 
_chem_comp_atom.type_symbol 
_chem_comp_atom.pdbx_aromatic_flag 
_chem_comp_atom.pdbx_stereo_config 
_chem_comp_atom.pdbx_ordinal 
2O7 C1   C  N S 1   
2O7 C3   C  N N 2   
2O7 C9   C  N N 3   
2O7 C12  C  N N 4   
2O7 C13  C  N N 5   
2O7 C14  C  N N 6   
2O7 C15  C  N N 7   
2O7 C20  C  Y N 8   
2O7 C21  C  Y N 9   
2O7 C24  C  Y N 10  
2O7 O28  O  N N 11  
2O7 C32  C  Y N 12  
2O7 C33  C  Y N 13  
2O7 C35  C  Y N 14  
2O7 N2   N  N N 15  
2O7 C6   C  N N 16  
2O7 N16  N  N N 17  
2O7 C17  C  Y N 18  
2O7 C18  C  Y N 19  
2O7 C23  C  Y N 20  
2O7 CL26 CL N N 21  
2O7 CL27 CL N N 22  
2O7 C29  C  N N 23  
2O7 C37  C  Y N 24  
2O7 C38  C  Y N 25  
2O7 C40  C  Y N 26  
2O7 C42  C  N N 27  
2O7 N43  N  N N 28  
2O7 H31  H  N N 29  
2O7 H32  H  N N 30  
2O7 H91  H  N N 31  
2O7 H92  H  N N 32  
2O7 H21  H  N N 33  
2O7 H24  H  N N 34  
2O7 H33  H  N N 35  
2O7 H35  H  N N 36  
2O7 H61  H  N N 37  
2O7 H62  H  N N 38  
2O7 H18  H  N N 39  
2O7 H291 H  N N 40  
2O7 H292 H  N N 41  
2O7 H38  H  N N 42  
2O7 H40  H  N N 43  
ALA N    N  N N 44  
ALA CA   C  N S 45  
ALA C    C  N N 46  
ALA O    O  N N 47  
ALA CB   C  N N 48  
ALA OXT  O  N N 49  
ALA H    H  N N 50  
ALA H2   H  N N 51  
ALA HA   H  N N 52  
ALA HB1  H  N N 53  
ALA HB2  H  N N 54  
ALA HB3  H  N N 55  
ALA HXT  H  N N 56  
ARG N    N  N N 57  
ARG CA   C  N S 58  
ARG C    C  N N 59  
ARG O    O  N N 60  
ARG CB   C  N N 61  
ARG CG   C  N N 62  
ARG CD   C  N N 63  
ARG NE   N  N N 64  
ARG CZ   C  N N 65  
ARG NH1  N  N N 66  
ARG NH2  N  N N 67  
ARG OXT  O  N N 68  
ARG H    H  N N 69  
ARG H2   H  N N 70  
ARG HA   H  N N 71  
ARG HB2  H  N N 72  
ARG HB3  H  N N 73  
ARG HG2  H  N N 74  
ARG HG3  H  N N 75  
ARG HD2  H  N N 76  
ARG HD3  H  N N 77  
ARG HE   H  N N 78  
ARG HH11 H  N N 79  
ARG HH12 H  N N 80  
ARG HH21 H  N N 81  
ARG HH22 H  N N 82  
ARG HXT  H  N N 83  
ASN N    N  N N 84  
ASN CA   C  N S 85  
ASN C    C  N N 86  
ASN O    O  N N 87  
ASN CB   C  N N 88  
ASN CG   C  N N 89  
ASN OD1  O  N N 90  
ASN ND2  N  N N 91  
ASN OXT  O  N N 92  
ASN H    H  N N 93  
ASN H2   H  N N 94  
ASN HA   H  N N 95  
ASN HB2  H  N N 96  
ASN HB3  H  N N 97  
ASN HD21 H  N N 98  
ASN HD22 H  N N 99  
ASN HXT  H  N N 100 
ASP N    N  N N 101 
ASP CA   C  N S 102 
ASP C    C  N N 103 
ASP O    O  N N 104 
ASP CB   C  N N 105 
ASP CG   C  N N 106 
ASP OD1  O  N N 107 
ASP OD2  O  N N 108 
ASP OXT  O  N N 109 
ASP H    H  N N 110 
ASP H2   H  N N 111 
ASP HA   H  N N 112 
ASP HB2  H  N N 113 
ASP HB3  H  N N 114 
ASP HD2  H  N N 115 
ASP HXT  H  N N 116 
GLN N    N  N N 117 
GLN CA   C  N S 118 
GLN C    C  N N 119 
GLN O    O  N N 120 
GLN CB   C  N N 121 
GLN CG   C  N N 122 
GLN CD   C  N N 123 
GLN OE1  O  N N 124 
GLN NE2  N  N N 125 
GLN OXT  O  N N 126 
GLN H    H  N N 127 
GLN H2   H  N N 128 
GLN HA   H  N N 129 
GLN HB2  H  N N 130 
GLN HB3  H  N N 131 
GLN HG2  H  N N 132 
GLN HG3  H  N N 133 
GLN HE21 H  N N 134 
GLN HE22 H  N N 135 
GLN HXT  H  N N 136 
GLU N    N  N N 137 
GLU CA   C  N S 138 
GLU C    C  N N 139 
GLU O    O  N N 140 
GLU CB   C  N N 141 
GLU CG   C  N N 142 
GLU CD   C  N N 143 
GLU OE1  O  N N 144 
GLU OE2  O  N N 145 
GLU OXT  O  N N 146 
GLU H    H  N N 147 
GLU H2   H  N N 148 
GLU HA   H  N N 149 
GLU HB2  H  N N 150 
GLU HB3  H  N N 151 
GLU HG2  H  N N 152 
GLU HG3  H  N N 153 
GLU HE2  H  N N 154 
GLU HXT  H  N N 155 
GLY N    N  N N 156 
GLY CA   C  N N 157 
GLY C    C  N N 158 
GLY O    O  N N 159 
GLY OXT  O  N N 160 
GLY H    H  N N 161 
GLY H2   H  N N 162 
GLY HA2  H  N N 163 
GLY HA3  H  N N 164 
GLY HXT  H  N N 165 
HIS N    N  N N 166 
HIS CA   C  N S 167 
HIS C    C  N N 168 
HIS O    O  N N 169 
HIS CB   C  N N 170 
HIS CG   C  Y N 171 
HIS ND1  N  Y N 172 
HIS CD2  C  Y N 173 
HIS CE1  C  Y N 174 
HIS NE2  N  Y N 175 
HIS OXT  O  N N 176 
HIS H    H  N N 177 
HIS H2   H  N N 178 
HIS HA   H  N N 179 
HIS HB2  H  N N 180 
HIS HB3  H  N N 181 
HIS HD1  H  N N 182 
HIS HD2  H  N N 183 
HIS HE1  H  N N 184 
HIS HE2  H  N N 185 
HIS HXT  H  N N 186 
HOH O    O  N N 187 
HOH H1   H  N N 188 
HOH H2   H  N N 189 
ILE N    N  N N 190 
ILE CA   C  N S 191 
ILE C    C  N N 192 
ILE O    O  N N 193 
ILE CB   C  N S 194 
ILE CG1  C  N N 195 
ILE CG2  C  N N 196 
ILE CD1  C  N N 197 
ILE OXT  O  N N 198 
ILE H    H  N N 199 
ILE H2   H  N N 200 
ILE HA   H  N N 201 
ILE HB   H  N N 202 
ILE HG12 H  N N 203 
ILE HG13 H  N N 204 
ILE HG21 H  N N 205 
ILE HG22 H  N N 206 
ILE HG23 H  N N 207 
ILE HD11 H  N N 208 
ILE HD12 H  N N 209 
ILE HD13 H  N N 210 
ILE HXT  H  N N 211 
LEU N    N  N N 212 
LEU CA   C  N S 213 
LEU C    C  N N 214 
LEU O    O  N N 215 
LEU CB   C  N N 216 
LEU CG   C  N N 217 
LEU CD1  C  N N 218 
LEU CD2  C  N N 219 
LEU OXT  O  N N 220 
LEU H    H  N N 221 
LEU H2   H  N N 222 
LEU HA   H  N N 223 
LEU HB2  H  N N 224 
LEU HB3  H  N N 225 
LEU HG   H  N N 226 
LEU HD11 H  N N 227 
LEU HD12 H  N N 228 
LEU HD13 H  N N 229 
LEU HD21 H  N N 230 
LEU HD22 H  N N 231 
LEU HD23 H  N N 232 
LEU HXT  H  N N 233 
LYS N    N  N N 234 
LYS CA   C  N S 235 
LYS C    C  N N 236 
LYS O    O  N N 237 
LYS CB   C  N N 238 
LYS CG   C  N N 239 
LYS CD   C  N N 240 
LYS CE   C  N N 241 
LYS NZ   N  N N 242 
LYS OXT  O  N N 243 
LYS H    H  N N 244 
LYS H2   H  N N 245 
LYS HA   H  N N 246 
LYS HB2  H  N N 247 
LYS HB3  H  N N 248 
LYS HG2  H  N N 249 
LYS HG3  H  N N 250 
LYS HD2  H  N N 251 
LYS HD3  H  N N 252 
LYS HE2  H  N N 253 
LYS HE3  H  N N 254 
LYS HZ1  H  N N 255 
LYS HZ2  H  N N 256 
LYS HZ3  H  N N 257 
LYS HXT  H  N N 258 
MET N    N  N N 259 
MET CA   C  N S 260 
MET C    C  N N 261 
MET O    O  N N 262 
MET CB   C  N N 263 
MET CG   C  N N 264 
MET SD   S  N N 265 
MET CE   C  N N 266 
MET OXT  O  N N 267 
MET H    H  N N 268 
MET H2   H  N N 269 
MET HA   H  N N 270 
MET HB2  H  N N 271 
MET HB3  H  N N 272 
MET HG2  H  N N 273 
MET HG3  H  N N 274 
MET HE1  H  N N 275 
MET HE2  H  N N 276 
MET HE3  H  N N 277 
MET HXT  H  N N 278 
PHE N    N  N N 279 
PHE CA   C  N S 280 
PHE C    C  N N 281 
PHE O    O  N N 282 
PHE CB   C  N N 283 
PHE CG   C  Y N 284 
PHE CD1  C  Y N 285 
PHE CD2  C  Y N 286 
PHE CE1  C  Y N 287 
PHE CE2  C  Y N 288 
PHE CZ   C  Y N 289 
PHE OXT  O  N N 290 
PHE H    H  N N 291 
PHE H2   H  N N 292 
PHE HA   H  N N 293 
PHE HB2  H  N N 294 
PHE HB3  H  N N 295 
PHE HD1  H  N N 296 
PHE HD2  H  N N 297 
PHE HE1  H  N N 298 
PHE HE2  H  N N 299 
PHE HZ   H  N N 300 
PHE HXT  H  N N 301 
PRO N    N  N N 302 
PRO CA   C  N S 303 
PRO C    C  N N 304 
PRO O    O  N N 305 
PRO CB   C  N N 306 
PRO CG   C  N N 307 
PRO CD   C  N N 308 
PRO OXT  O  N N 309 
PRO H    H  N N 310 
PRO HA   H  N N 311 
PRO HB2  H  N N 312 
PRO HB3  H  N N 313 
PRO HG2  H  N N 314 
PRO HG3  H  N N 315 
PRO HD2  H  N N 316 
PRO HD3  H  N N 317 
PRO HXT  H  N N 318 
SER N    N  N N 319 
SER CA   C  N S 320 
SER C    C  N N 321 
SER O    O  N N 322 
SER CB   C  N N 323 
SER OG   O  N N 324 
SER OXT  O  N N 325 
SER H    H  N N 326 
SER H2   H  N N 327 
SER HA   H  N N 328 
SER HB2  H  N N 329 
SER HB3  H  N N 330 
SER HG   H  N N 331 
SER HXT  H  N N 332 
THR N    N  N N 333 
THR CA   C  N S 334 
THR C    C  N N 335 
THR O    O  N N 336 
THR CB   C  N R 337 
THR OG1  O  N N 338 
THR CG2  C  N N 339 
THR OXT  O  N N 340 
THR H    H  N N 341 
THR H2   H  N N 342 
THR HA   H  N N 343 
THR HB   H  N N 344 
THR HG1  H  N N 345 
THR HG21 H  N N 346 
THR HG22 H  N N 347 
THR HG23 H  N N 348 
THR HXT  H  N N 349 
TYR N    N  N N 350 
TYR CA   C  N S 351 
TYR C    C  N N 352 
TYR O    O  N N 353 
TYR CB   C  N N 354 
TYR CG   C  Y N 355 
TYR CD1  C  Y N 356 
TYR CD2  C  Y N 357 
TYR CE1  C  Y N 358 
TYR CE2  C  Y N 359 
TYR CZ   C  Y N 360 
TYR OH   O  N N 361 
TYR OXT  O  N N 362 
TYR H    H  N N 363 
TYR H2   H  N N 364 
TYR HA   H  N N 365 
TYR HB2  H  N N 366 
TYR HB3  H  N N 367 
TYR HD1  H  N N 368 
TYR HD2  H  N N 369 
TYR HE1  H  N N 370 
TYR HE2  H  N N 371 
TYR HH   H  N N 372 
TYR HXT  H  N N 373 
VAL N    N  N N 374 
VAL CA   C  N S 375 
VAL C    C  N N 376 
VAL O    O  N N 377 
VAL CB   C  N N 378 
VAL CG1  C  N N 379 
VAL CG2  C  N N 380 
VAL OXT  O  N N 381 
VAL H    H  N N 382 
VAL H2   H  N N 383 
VAL HA   H  N N 384 
VAL HB   H  N N 385 
VAL HG11 H  N N 386 
VAL HG12 H  N N 387 
VAL HG13 H  N N 388 
VAL HG21 H  N N 389 
VAL HG22 H  N N 390 
VAL HG23 H  N N 391 
VAL HXT  H  N N 392 
# 
loop_
_chem_comp_bond.comp_id 
_chem_comp_bond.atom_id_1 
_chem_comp_bond.atom_id_2 
_chem_comp_bond.value_order 
_chem_comp_bond.pdbx_aromatic_flag 
_chem_comp_bond.pdbx_stereo_config 
_chem_comp_bond.pdbx_ordinal 
2O7 N43  C42  trip N N 1   
2O7 C42  C37  sing N N 2   
2O7 C37  C35  doub Y N 3   
2O7 C37  C38  sing Y N 4   
2O7 C35  C33  sing Y N 5   
2O7 C38  C40  doub Y N 6   
2O7 C33  C32  doub Y N 7   
2O7 C40  C32  sing Y N 8   
2O7 C32  C29  sing N N 9   
2O7 C29  C1   sing N N 10  
2O7 CL26 C23  sing N N 11  
2O7 C23  C24  doub Y N 12  
2O7 C23  C21  sing Y N 13  
2O7 N16  C15  trip N N 14  
2O7 C24  C17  sing Y N 15  
2O7 C15  C14  sing N N 16  
2O7 C21  C20  doub Y N 17  
2O7 C14  C1   sing N N 18  
2O7 C14  C13  doub N N 19  
2O7 C17  C13  sing N N 20  
2O7 C17  C18  doub Y N 21  
2O7 C1   N2   sing N N 22  
2O7 C1   C9   sing N N 23  
2O7 C13  C12  sing N N 24  
2O7 C12  N2   sing N N 25  
2O7 C12  O28  doub N N 26  
2O7 N2   C3   sing N N 27  
2O7 C20  C18  sing Y N 28  
2O7 C20  CL27 sing N N 29  
2O7 C3   C6   sing N N 30  
2O7 C9   C6   sing N N 31  
2O7 C3   H31  sing N N 32  
2O7 C3   H32  sing N N 33  
2O7 C9   H91  sing N N 34  
2O7 C9   H92  sing N N 35  
2O7 C21  H21  sing N N 36  
2O7 C24  H24  sing N N 37  
2O7 C33  H33  sing N N 38  
2O7 C35  H35  sing N N 39  
2O7 C6   H61  sing N N 40  
2O7 C6   H62  sing N N 41  
2O7 C18  H18  sing N N 42  
2O7 C29  H291 sing N N 43  
2O7 C29  H292 sing N N 44  
2O7 C38  H38  sing N N 45  
2O7 C40  H40  sing N N 46  
ALA N    CA   sing N N 47  
ALA N    H    sing N N 48  
ALA N    H2   sing N N 49  
ALA CA   C    sing N N 50  
ALA CA   CB   sing N N 51  
ALA CA   HA   sing N N 52  
ALA C    O    doub N N 53  
ALA C    OXT  sing N N 54  
ALA CB   HB1  sing N N 55  
ALA CB   HB2  sing N N 56  
ALA CB   HB3  sing N N 57  
ALA OXT  HXT  sing N N 58  
ARG N    CA   sing N N 59  
ARG N    H    sing N N 60  
ARG N    H2   sing N N 61  
ARG CA   C    sing N N 62  
ARG CA   CB   sing N N 63  
ARG CA   HA   sing N N 64  
ARG C    O    doub N N 65  
ARG C    OXT  sing N N 66  
ARG CB   CG   sing N N 67  
ARG CB   HB2  sing N N 68  
ARG CB   HB3  sing N N 69  
ARG CG   CD   sing N N 70  
ARG CG   HG2  sing N N 71  
ARG CG   HG3  sing N N 72  
ARG CD   NE   sing N N 73  
ARG CD   HD2  sing N N 74  
ARG CD   HD3  sing N N 75  
ARG NE   CZ   sing N N 76  
ARG NE   HE   sing N N 77  
ARG CZ   NH1  sing N N 78  
ARG CZ   NH2  doub N N 79  
ARG NH1  HH11 sing N N 80  
ARG NH1  HH12 sing N N 81  
ARG NH2  HH21 sing N N 82  
ARG NH2  HH22 sing N N 83  
ARG OXT  HXT  sing N N 84  
ASN N    CA   sing N N 85  
ASN N    H    sing N N 86  
ASN N    H2   sing N N 87  
ASN CA   C    sing N N 88  
ASN CA   CB   sing N N 89  
ASN CA   HA   sing N N 90  
ASN C    O    doub N N 91  
ASN C    OXT  sing N N 92  
ASN CB   CG   sing N N 93  
ASN CB   HB2  sing N N 94  
ASN CB   HB3  sing N N 95  
ASN CG   OD1  doub N N 96  
ASN CG   ND2  sing N N 97  
ASN ND2  HD21 sing N N 98  
ASN ND2  HD22 sing N N 99  
ASN OXT  HXT  sing N N 100 
ASP N    CA   sing N N 101 
ASP N    H    sing N N 102 
ASP N    H2   sing N N 103 
ASP CA   C    sing N N 104 
ASP CA   CB   sing N N 105 
ASP CA   HA   sing N N 106 
ASP C    O    doub N N 107 
ASP C    OXT  sing N N 108 
ASP CB   CG   sing N N 109 
ASP CB   HB2  sing N N 110 
ASP CB   HB3  sing N N 111 
ASP CG   OD1  doub N N 112 
ASP CG   OD2  sing N N 113 
ASP OD2  HD2  sing N N 114 
ASP OXT  HXT  sing N N 115 
GLN N    CA   sing N N 116 
GLN N    H    sing N N 117 
GLN N    H2   sing N N 118 
GLN CA   C    sing N N 119 
GLN CA   CB   sing N N 120 
GLN CA   HA   sing N N 121 
GLN C    O    doub N N 122 
GLN C    OXT  sing N N 123 
GLN CB   CG   sing N N 124 
GLN CB   HB2  sing N N 125 
GLN CB   HB3  sing N N 126 
GLN CG   CD   sing N N 127 
GLN CG   HG2  sing N N 128 
GLN CG   HG3  sing N N 129 
GLN CD   OE1  doub N N 130 
GLN CD   NE2  sing N N 131 
GLN NE2  HE21 sing N N 132 
GLN NE2  HE22 sing N N 133 
GLN OXT  HXT  sing N N 134 
GLU N    CA   sing N N 135 
GLU N    H    sing N N 136 
GLU N    H2   sing N N 137 
GLU CA   C    sing N N 138 
GLU CA   CB   sing N N 139 
GLU CA   HA   sing N N 140 
GLU C    O    doub N N 141 
GLU C    OXT  sing N N 142 
GLU CB   CG   sing N N 143 
GLU CB   HB2  sing N N 144 
GLU CB   HB3  sing N N 145 
GLU CG   CD   sing N N 146 
GLU CG   HG2  sing N N 147 
GLU CG   HG3  sing N N 148 
GLU CD   OE1  doub N N 149 
GLU CD   OE2  sing N N 150 
GLU OE2  HE2  sing N N 151 
GLU OXT  HXT  sing N N 152 
GLY N    CA   sing N N 153 
GLY N    H    sing N N 154 
GLY N    H2   sing N N 155 
GLY CA   C    sing N N 156 
GLY CA   HA2  sing N N 157 
GLY CA   HA3  sing N N 158 
GLY C    O    doub N N 159 
GLY C    OXT  sing N N 160 
GLY OXT  HXT  sing N N 161 
HIS N    CA   sing N N 162 
HIS N    H    sing N N 163 
HIS N    H2   sing N N 164 
HIS CA   C    sing N N 165 
HIS CA   CB   sing N N 166 
HIS CA   HA   sing N N 167 
HIS C    O    doub N N 168 
HIS C    OXT  sing N N 169 
HIS CB   CG   sing N N 170 
HIS CB   HB2  sing N N 171 
HIS CB   HB3  sing N N 172 
HIS CG   ND1  sing Y N 173 
HIS CG   CD2  doub Y N 174 
HIS ND1  CE1  doub Y N 175 
HIS ND1  HD1  sing N N 176 
HIS CD2  NE2  sing Y N 177 
HIS CD2  HD2  sing N N 178 
HIS CE1  NE2  sing Y N 179 
HIS CE1  HE1  sing N N 180 
HIS NE2  HE2  sing N N 181 
HIS OXT  HXT  sing N N 182 
HOH O    H1   sing N N 183 
HOH O    H2   sing N N 184 
ILE N    CA   sing N N 185 
ILE N    H    sing N N 186 
ILE N    H2   sing N N 187 
ILE CA   C    sing N N 188 
ILE CA   CB   sing N N 189 
ILE CA   HA   sing N N 190 
ILE C    O    doub N N 191 
ILE C    OXT  sing N N 192 
ILE CB   CG1  sing N N 193 
ILE CB   CG2  sing N N 194 
ILE CB   HB   sing N N 195 
ILE CG1  CD1  sing N N 196 
ILE CG1  HG12 sing N N 197 
ILE CG1  HG13 sing N N 198 
ILE CG2  HG21 sing N N 199 
ILE CG2  HG22 sing N N 200 
ILE CG2  HG23 sing N N 201 
ILE CD1  HD11 sing N N 202 
ILE CD1  HD12 sing N N 203 
ILE CD1  HD13 sing N N 204 
ILE OXT  HXT  sing N N 205 
LEU N    CA   sing N N 206 
LEU N    H    sing N N 207 
LEU N    H2   sing N N 208 
LEU CA   C    sing N N 209 
LEU CA   CB   sing N N 210 
LEU CA   HA   sing N N 211 
LEU C    O    doub N N 212 
LEU C    OXT  sing N N 213 
LEU CB   CG   sing N N 214 
LEU CB   HB2  sing N N 215 
LEU CB   HB3  sing N N 216 
LEU CG   CD1  sing N N 217 
LEU CG   CD2  sing N N 218 
LEU CG   HG   sing N N 219 
LEU CD1  HD11 sing N N 220 
LEU CD1  HD12 sing N N 221 
LEU CD1  HD13 sing N N 222 
LEU CD2  HD21 sing N N 223 
LEU CD2  HD22 sing N N 224 
LEU CD2  HD23 sing N N 225 
LEU OXT  HXT  sing N N 226 
LYS N    CA   sing N N 227 
LYS N    H    sing N N 228 
LYS N    H2   sing N N 229 
LYS CA   C    sing N N 230 
LYS CA   CB   sing N N 231 
LYS CA   HA   sing N N 232 
LYS C    O    doub N N 233 
LYS C    OXT  sing N N 234 
LYS CB   CG   sing N N 235 
LYS CB   HB2  sing N N 236 
LYS CB   HB3  sing N N 237 
LYS CG   CD   sing N N 238 
LYS CG   HG2  sing N N 239 
LYS CG   HG3  sing N N 240 
LYS CD   CE   sing N N 241 
LYS CD   HD2  sing N N 242 
LYS CD   HD3  sing N N 243 
LYS CE   NZ   sing N N 244 
LYS CE   HE2  sing N N 245 
LYS CE   HE3  sing N N 246 
LYS NZ   HZ1  sing N N 247 
LYS NZ   HZ2  sing N N 248 
LYS NZ   HZ3  sing N N 249 
LYS OXT  HXT  sing N N 250 
MET N    CA   sing N N 251 
MET N    H    sing N N 252 
MET N    H2   sing N N 253 
MET CA   C    sing N N 254 
MET CA   CB   sing N N 255 
MET CA   HA   sing N N 256 
MET C    O    doub N N 257 
MET C    OXT  sing N N 258 
MET CB   CG   sing N N 259 
MET CB   HB2  sing N N 260 
MET CB   HB3  sing N N 261 
MET CG   SD   sing N N 262 
MET CG   HG2  sing N N 263 
MET CG   HG3  sing N N 264 
MET SD   CE   sing N N 265 
MET CE   HE1  sing N N 266 
MET CE   HE2  sing N N 267 
MET CE   HE3  sing N N 268 
MET OXT  HXT  sing N N 269 
PHE N    CA   sing N N 270 
PHE N    H    sing N N 271 
PHE N    H2   sing N N 272 
PHE CA   C    sing N N 273 
PHE CA   CB   sing N N 274 
PHE CA   HA   sing N N 275 
PHE C    O    doub N N 276 
PHE C    OXT  sing N N 277 
PHE CB   CG   sing N N 278 
PHE CB   HB2  sing N N 279 
PHE CB   HB3  sing N N 280 
PHE CG   CD1  doub Y N 281 
PHE CG   CD2  sing Y N 282 
PHE CD1  CE1  sing Y N 283 
PHE CD1  HD1  sing N N 284 
PHE CD2  CE2  doub Y N 285 
PHE CD2  HD2  sing N N 286 
PHE CE1  CZ   doub Y N 287 
PHE CE1  HE1  sing N N 288 
PHE CE2  CZ   sing Y N 289 
PHE CE2  HE2  sing N N 290 
PHE CZ   HZ   sing N N 291 
PHE OXT  HXT  sing N N 292 
PRO N    CA   sing N N 293 
PRO N    CD   sing N N 294 
PRO N    H    sing N N 295 
PRO CA   C    sing N N 296 
PRO CA   CB   sing N N 297 
PRO CA   HA   sing N N 298 
PRO C    O    doub N N 299 
PRO C    OXT  sing N N 300 
PRO CB   CG   sing N N 301 
PRO CB   HB2  sing N N 302 
PRO CB   HB3  sing N N 303 
PRO CG   CD   sing N N 304 
PRO CG   HG2  sing N N 305 
PRO CG   HG3  sing N N 306 
PRO CD   HD2  sing N N 307 
PRO CD   HD3  sing N N 308 
PRO OXT  HXT  sing N N 309 
SER N    CA   sing N N 310 
SER N    H    sing N N 311 
SER N    H2   sing N N 312 
SER CA   C    sing N N 313 
SER CA   CB   sing N N 314 
SER CA   HA   sing N N 315 
SER C    O    doub N N 316 
SER C    OXT  sing N N 317 
SER CB   OG   sing N N 318 
SER CB   HB2  sing N N 319 
SER CB   HB3  sing N N 320 
SER OG   HG   sing N N 321 
SER OXT  HXT  sing N N 322 
THR N    CA   sing N N 323 
THR N    H    sing N N 324 
THR N    H2   sing N N 325 
THR CA   C    sing N N 326 
THR CA   CB   sing N N 327 
THR CA   HA   sing N N 328 
THR C    O    doub N N 329 
THR C    OXT  sing N N 330 
THR CB   OG1  sing N N 331 
THR CB   CG2  sing N N 332 
THR CB   HB   sing N N 333 
THR OG1  HG1  sing N N 334 
THR CG2  HG21 sing N N 335 
THR CG2  HG22 sing N N 336 
THR CG2  HG23 sing N N 337 
THR OXT  HXT  sing N N 338 
TYR N    CA   sing N N 339 
TYR N    H    sing N N 340 
TYR N    H2   sing N N 341 
TYR CA   C    sing N N 342 
TYR CA   CB   sing N N 343 
TYR CA   HA   sing N N 344 
TYR C    O    doub N N 345 
TYR C    OXT  sing N N 346 
TYR CB   CG   sing N N 347 
TYR CB   HB2  sing N N 348 
TYR CB   HB3  sing N N 349 
TYR CG   CD1  doub Y N 350 
TYR CG   CD2  sing Y N 351 
TYR CD1  CE1  sing Y N 352 
TYR CD1  HD1  sing N N 353 
TYR CD2  CE2  doub Y N 354 
TYR CD2  HD2  sing N N 355 
TYR CE1  CZ   doub Y N 356 
TYR CE1  HE1  sing N N 357 
TYR CE2  CZ   sing Y N 358 
TYR CE2  HE2  sing N N 359 
TYR CZ   OH   sing N N 360 
TYR OH   HH   sing N N 361 
TYR OXT  HXT  sing N N 362 
VAL N    CA   sing N N 363 
VAL N    H    sing N N 364 
VAL N    H2   sing N N 365 
VAL CA   C    sing N N 366 
VAL CA   CB   sing N N 367 
VAL CA   HA   sing N N 368 
VAL C    O    doub N N 369 
VAL C    OXT  sing N N 370 
VAL CB   CG1  sing N N 371 
VAL CB   CG2  sing N N 372 
VAL CB   HB   sing N N 373 
VAL CG1  HG11 sing N N 374 
VAL CG1  HG12 sing N N 375 
VAL CG1  HG13 sing N N 376 
VAL CG2  HG21 sing N N 377 
VAL CG2  HG22 sing N N 378 
VAL CG2  HG23 sing N N 379 
VAL OXT  HXT  sing N N 380 
# 
loop_
_pdbx_entity_nonpoly.entity_id 
_pdbx_entity_nonpoly.name 
_pdbx_entity_nonpoly.comp_id 
2 '7A-[(4-cyanophenyl)methyl]-6-(3,5-dichlorophenyl)-5-oxo-2,3,5,7A-tetrahydro-1H-pyrrolo[1,2-A]pyrrole-7-carbonitrile' 2O7 
3 water                                                                                                                 HOH 
# 
_pdbx_initial_refinement_model.id               1 
_pdbx_initial_refinement_model.entity_id_list   ? 
_pdbx_initial_refinement_model.type             'experimental model' 
_pdbx_initial_refinement_model.source_name      PDB 
_pdbx_initial_refinement_model.accession_code   1LFA 
_pdbx_initial_refinement_model.details          'PDB ENTRY 1LFA' 
# 
